data_1WJV
#
_entry.id   1WJV
#
loop_
_entity.id
_entity.type
_entity.pdbx_description
1 polymer 'Cell growth regulating nucleolar protein LYAR'
2 non-polymer 'ZINC ION'
#
_entity_poly.entity_id   1
_entity_poly.type   'polypeptide(L)'
_entity_poly.pdbx_seq_one_letter_code
;GSSGSSGMVFFTCNACGESVKKIQVEKHVSNCRNCECLSCIDCGKDFWGDDYKSHVKCISEGQKYGGKGYEAKSGPSSG
;
_entity_poly.pdbx_strand_id   A
#
loop_
_chem_comp.id
_chem_comp.type
_chem_comp.name
_chem_comp.formula
ZN non-polymer 'ZINC ION' 'Zn 2'
#
# COMPACT_ATOMS: atom_id res chain seq x y z
N GLY A 1 13.96 -7.02 8.82
CA GLY A 1 13.05 -7.13 9.94
C GLY A 1 13.37 -8.30 10.84
N SER A 2 13.50 -8.04 12.14
CA SER A 2 13.81 -9.08 13.11
C SER A 2 12.65 -10.07 13.24
N SER A 3 12.59 -11.02 12.31
CA SER A 3 11.54 -12.01 12.32
C SER A 3 12.05 -13.36 11.82
N GLY A 4 11.40 -14.44 12.24
CA GLY A 4 11.82 -15.77 11.83
C GLY A 4 12.27 -15.82 10.38
N SER A 5 11.38 -15.45 9.47
CA SER A 5 11.69 -15.46 8.06
C SER A 5 11.04 -14.28 7.35
N SER A 6 11.57 -13.93 6.18
CA SER A 6 11.05 -12.80 5.40
C SER A 6 9.89 -13.26 4.52
N GLY A 7 9.01 -12.33 4.19
CA GLY A 7 7.86 -12.64 3.36
C GLY A 7 6.57 -12.08 3.91
N MET A 8 6.44 -10.76 3.87
CA MET A 8 5.24 -10.10 4.38
C MET A 8 4.93 -8.86 3.55
N VAL A 9 3.69 -8.37 3.67
CA VAL A 9 3.26 -7.18 2.93
C VAL A 9 3.67 -5.91 3.67
N PHE A 10 4.47 -5.08 3.01
CA PHE A 10 4.94 -3.83 3.59
C PHE A 10 4.15 -2.65 3.04
N PHE A 11 4.17 -1.54 3.77
CA PHE A 11 3.46 -0.34 3.35
C PHE A 11 4.31 0.91 3.60
N THR A 12 3.93 2.02 2.97
CA THR A 12 4.65 3.27 3.11
C THR A 12 3.74 4.37 3.66
N CYS A 13 4.01 4.78 4.90
CA CYS A 13 3.21 5.82 5.54
C CYS A 13 3.35 7.14 4.79
N ASN A 14 2.24 7.59 4.21
CA ASN A 14 2.24 8.85 3.46
C ASN A 14 2.06 10.04 4.39
N ALA A 15 2.20 9.79 5.69
CA ALA A 15 2.05 10.85 6.69
C ALA A 15 3.40 11.46 7.04
N CYS A 16 4.38 10.61 7.30
CA CYS A 16 5.72 11.07 7.65
C CYS A 16 6.76 10.54 6.67
N GLY A 17 6.67 9.25 6.37
CA GLY A 17 7.61 8.64 5.44
C GLY A 17 8.43 7.53 6.09
N GLU A 18 7.75 6.47 6.51
CA GLU A 18 8.43 5.35 7.16
C GLU A 18 7.89 4.02 6.63
N SER A 19 8.74 3.00 6.64
CA SER A 19 8.36 1.68 6.16
C SER A 19 7.54 0.93 7.22
N VAL A 20 6.22 1.01 7.09
CA VAL A 20 5.33 0.34 8.03
C VAL A 20 4.75 -0.94 7.42
N LYS A 21 4.88 -2.04 8.14
CA LYS A 21 4.37 -3.33 7.68
C LYS A 21 2.85 -3.41 7.87
N LYS A 22 2.26 -4.49 7.37
CA LYS A 22 0.82 -4.68 7.49
C LYS A 22 0.39 -4.69 8.95
N ILE A 23 0.94 -5.63 9.72
CA ILE A 23 0.61 -5.74 11.14
C ILE A 23 1.16 -4.55 11.92
N GLN A 24 2.24 -3.96 11.42
CA GLN A 24 2.86 -2.82 12.06
C GLN A 24 1.93 -1.61 12.06
N VAL A 25 1.14 -1.48 10.99
CA VAL A 25 0.20 -0.37 10.86
C VAL A 25 -0.44 -0.04 12.21
N GLU A 26 -1.06 -1.04 12.83
CA GLU A 26 -1.71 -0.84 14.12
C GLU A 26 -0.80 -0.08 15.08
N LYS A 27 0.43 -0.56 15.22
CA LYS A 27 1.40 0.08 16.11
C LYS A 27 1.74 1.48 15.62
N HIS A 28 2.20 1.58 14.39
CA HIS A 28 2.56 2.87 13.81
C HIS A 28 1.48 3.92 14.10
N VAL A 29 0.28 3.67 13.60
CA VAL A 29 -0.83 4.59 13.80
C VAL A 29 -0.82 5.18 15.22
N SER A 30 -0.57 4.32 16.20
CA SER A 30 -0.52 4.75 17.60
C SER A 30 0.29 6.03 17.74
N ASN A 31 1.49 6.03 17.19
CA ASN A 31 2.37 7.19 17.26
C ASN A 31 2.02 8.20 16.18
N CYS A 32 1.89 7.71 14.94
CA CYS A 32 1.56 8.58 13.82
C CYS A 32 0.04 8.73 13.68
N ARG A 33 -0.49 9.83 14.22
CA ARG A 33 -1.91 10.10 14.15
C ARG A 33 -2.26 10.93 12.93
N ASN A 34 -1.47 10.78 11.88
CA ASN A 34 -1.68 11.53 10.65
C ASN A 34 -1.72 10.59 9.44
N CYS A 35 -1.87 9.30 9.71
CA CYS A 35 -1.91 8.30 8.65
C CYS A 35 -3.30 8.23 8.03
N GLU A 36 -3.44 8.80 6.84
CA GLU A 36 -4.72 8.80 6.14
C GLU A 36 -4.74 7.76 5.03
N CYS A 37 -3.69 7.75 4.22
CA CYS A 37 -3.58 6.80 3.12
C CYS A 37 -2.28 6.01 3.20
N LEU A 38 -2.29 4.81 2.64
CA LEU A 38 -1.11 3.95 2.65
C LEU A 38 -0.87 3.33 1.28
N SER A 39 0.38 2.97 1.01
CA SER A 39 0.74 2.36 -0.27
C SER A 39 1.56 1.10 -0.05
N CYS A 40 1.30 0.09 -0.89
CA CYS A 40 2.02 -1.18 -0.79
C CYS A 40 3.17 -1.23 -1.79
N ILE A 41 4.40 -1.28 -1.27
CA ILE A 41 5.58 -1.33 -2.11
C ILE A 41 5.74 -2.71 -2.74
N ASP A 42 5.28 -3.74 -2.04
CA ASP A 42 5.37 -5.11 -2.54
C ASP A 42 4.91 -5.19 -3.99
N CYS A 43 3.75 -4.60 -4.28
CA CYS A 43 3.20 -4.61 -5.62
C CYS A 43 3.07 -3.19 -6.17
N GLY A 44 2.56 -2.29 -5.34
CA GLY A 44 2.40 -0.91 -5.76
C GLY A 44 0.94 -0.52 -5.97
N LYS A 45 0.23 -0.32 -4.87
CA LYS A 45 -1.18 0.05 -4.93
C LYS A 45 -1.53 1.05 -3.82
N ASP A 46 -2.47 1.93 -4.11
CA ASP A 46 -2.90 2.94 -3.14
C ASP A 46 -4.09 2.43 -2.32
N PHE A 47 -4.02 2.63 -1.01
CA PHE A 47 -5.10 2.19 -0.12
C PHE A 47 -5.52 3.32 0.82
N TRP A 48 -6.53 4.08 0.39
CA TRP A 48 -7.03 5.19 1.19
C TRP A 48 -7.90 4.69 2.34
N GLY A 49 -7.99 5.49 3.40
CA GLY A 49 -8.79 5.11 4.55
C GLY A 49 -8.46 3.72 5.05
N ASP A 50 -9.48 2.97 5.44
CA ASP A 50 -9.30 1.62 5.95
C ASP A 50 -9.43 0.60 4.82
N ASP A 51 -8.76 0.88 3.70
CA ASP A 51 -8.80 -0.02 2.55
C ASP A 51 -7.69 -1.07 2.63
N TYR A 52 -6.49 -0.62 2.98
CA TYR A 52 -5.34 -1.51 3.09
C TYR A 52 -5.72 -2.78 3.82
N LYS A 53 -6.64 -2.67 4.77
CA LYS A 53 -7.09 -3.82 5.54
C LYS A 53 -7.36 -5.01 4.64
N SER A 54 -8.31 -4.84 3.71
CA SER A 54 -8.67 -5.90 2.77
C SER A 54 -7.43 -6.50 2.13
N HIS A 55 -6.49 -5.64 1.73
CA HIS A 55 -5.26 -6.09 1.11
C HIS A 55 -4.46 -6.98 2.05
N VAL A 56 -4.52 -8.29 1.81
CA VAL A 56 -3.81 -9.26 2.63
C VAL A 56 -2.64 -9.88 1.87
N LYS A 57 -2.76 -9.89 0.54
CA LYS A 57 -1.72 -10.45 -0.31
C LYS A 57 -1.57 -9.65 -1.60
N CYS A 58 -0.58 -10.01 -2.41
CA CYS A 58 -0.34 -9.32 -3.68
C CYS A 58 -0.38 -10.31 -4.84
N ILE A 59 -1.35 -11.22 -4.81
CA ILE A 59 -1.50 -12.21 -5.87
C ILE A 59 -2.79 -12.00 -6.65
N SER A 60 -2.75 -12.27 -7.95
CA SER A 60 -3.91 -12.10 -8.82
C SER A 60 -4.20 -10.63 -9.06
N GLU A 61 -3.15 -9.86 -9.35
CA GLU A 61 -3.29 -8.44 -9.61
C GLU A 61 -2.54 -8.04 -10.88
N GLY A 62 -3.30 -7.75 -11.93
CA GLY A 62 -2.70 -7.36 -13.20
C GLY A 62 -2.13 -5.95 -13.16
N GLN A 63 -1.13 -5.74 -12.32
CA GLN A 63 -0.50 -4.43 -12.20
C GLN A 63 0.64 -4.28 -13.19
N LYS A 64 1.48 -5.29 -13.29
CA LYS A 64 2.61 -5.27 -14.20
C LYS A 64 2.20 -4.69 -15.56
N TYR A 65 1.13 -5.21 -16.12
CA TYR A 65 0.64 -4.75 -17.41
C TYR A 65 -0.04 -3.40 -17.27
N GLY A 66 0.51 -2.40 -17.96
CA GLY A 66 -0.05 -1.06 -17.90
C GLY A 66 0.91 -0.06 -17.29
N GLY A 67 0.40 0.78 -16.39
CA GLY A 67 1.22 1.78 -15.74
C GLY A 67 1.47 2.98 -16.62
N LYS A 68 2.15 2.77 -17.75
CA LYS A 68 2.45 3.84 -18.69
C LYS A 68 1.23 4.72 -18.91
N GLY A 69 1.46 5.95 -19.34
CA GLY A 69 0.37 6.88 -19.59
C GLY A 69 0.77 8.32 -19.36
N TYR A 70 1.03 8.68 -18.11
CA TYR A 70 1.41 10.04 -17.77
C TYR A 70 2.42 10.05 -16.62
N GLU A 71 3.52 10.77 -16.82
CA GLU A 71 4.56 10.86 -15.80
C GLU A 71 4.03 11.53 -14.54
N ALA A 72 3.48 12.73 -14.69
CA ALA A 72 2.94 13.47 -13.57
C ALA A 72 2.09 12.58 -12.67
N LYS A 73 2.30 12.69 -11.36
CA LYS A 73 1.56 11.89 -10.39
C LYS A 73 0.78 12.77 -9.43
N SER A 74 1.49 13.63 -8.70
CA SER A 74 0.86 14.52 -7.75
C SER A 74 -0.37 15.19 -8.35
N GLY A 75 -1.45 15.26 -7.56
CA GLY A 75 -2.68 15.87 -8.04
C GLY A 75 -3.60 16.25 -6.90
N PRO A 76 -4.86 16.56 -7.25
CA PRO A 76 -5.88 16.96 -6.26
C PRO A 76 -6.30 15.80 -5.37
N SER A 77 -6.19 15.99 -4.06
CA SER A 77 -6.56 14.96 -3.10
C SER A 77 -7.80 14.20 -3.57
N SER A 78 -8.81 14.94 -4.01
CA SER A 78 -10.05 14.34 -4.50
C SER A 78 -9.80 13.49 -5.74
N GLY A 79 -9.62 12.19 -5.53
CA GLY A 79 -9.38 11.28 -6.64
C GLY A 79 -10.56 10.38 -6.91
ZN ZN B . 3.86 8.04 9.77
ZN ZN C . 0.69 -5.45 -2.32
N GLY A 1 20.58 -1.87 3.30
CA GLY A 1 19.48 -2.80 3.17
C GLY A 1 18.65 -2.55 1.93
N SER A 2 18.19 -3.62 1.29
CA SER A 2 17.40 -3.51 0.08
C SER A 2 16.09 -4.29 0.21
N SER A 3 15.02 -3.75 -0.35
CA SER A 3 13.72 -4.40 -0.28
C SER A 3 13.81 -5.85 -0.77
N GLY A 4 12.93 -6.70 -0.24
CA GLY A 4 12.93 -8.10 -0.63
C GLY A 4 12.11 -8.96 0.30
N SER A 5 10.86 -9.23 -0.10
CA SER A 5 9.96 -10.04 0.71
C SER A 5 9.27 -11.10 -0.14
N SER A 6 9.08 -12.29 0.44
CA SER A 6 8.43 -13.38 -0.26
C SER A 6 7.33 -14.00 0.58
N GLY A 7 6.52 -13.15 1.22
CA GLY A 7 5.44 -13.63 2.05
C GLY A 7 4.71 -12.50 2.75
N MET A 8 5.46 -11.63 3.43
CA MET A 8 4.88 -10.51 4.14
C MET A 8 4.71 -9.30 3.22
N VAL A 9 3.85 -8.37 3.63
CA VAL A 9 3.60 -7.17 2.83
C VAL A 9 3.79 -5.92 3.67
N PHE A 10 4.37 -4.89 3.06
CA PHE A 10 4.60 -3.62 3.75
C PHE A 10 3.97 -2.45 2.99
N PHE A 11 3.86 -1.31 3.66
CA PHE A 11 3.27 -0.13 3.06
C PHE A 11 4.14 1.10 3.29
N THR A 12 3.99 2.11 2.44
CA THR A 12 4.77 3.33 2.55
C THR A 12 3.92 4.47 3.08
N CYS A 13 4.10 4.79 4.36
CA CYS A 13 3.34 5.87 5.00
C CYS A 13 3.49 7.17 4.22
N ASN A 14 2.40 7.62 3.63
CA ASN A 14 2.40 8.85 2.84
C ASN A 14 2.22 10.07 3.75
N ALA A 15 2.46 9.88 5.05
CA ALA A 15 2.33 10.96 6.01
C ALA A 15 3.69 11.44 6.49
N CYS A 16 4.61 10.50 6.71
CA CYS A 16 5.96 10.83 7.16
C CYS A 16 7.00 10.24 6.22
N GLY A 17 6.82 8.98 5.85
CA GLY A 17 7.76 8.33 4.96
C GLY A 17 8.52 7.21 5.64
N GLU A 18 7.79 6.27 6.23
CA GLU A 18 8.41 5.15 6.92
C GLU A 18 7.73 3.83 6.54
N SER A 19 8.52 2.79 6.34
CA SER A 19 8.00 1.49 5.96
C SER A 19 7.45 0.75 7.18
N VAL A 20 6.21 0.28 7.06
CA VAL A 20 5.57 -0.45 8.15
C VAL A 20 5.00 -1.78 7.68
N LYS A 21 4.88 -2.72 8.59
CA LYS A 21 4.35 -4.05 8.27
C LYS A 21 2.83 -4.06 8.33
N LYS A 22 2.22 -4.93 7.53
CA LYS A 22 0.77 -5.05 7.49
C LYS A 22 0.21 -5.42 8.86
N ILE A 23 0.71 -6.52 9.41
CA ILE A 23 0.26 -6.99 10.72
C ILE A 23 0.68 -6.02 11.81
N GLN A 24 1.45 -5.00 11.44
CA GLN A 24 1.92 -4.01 12.39
C GLN A 24 1.63 -2.60 11.89
N VAL A 25 0.41 -2.37 11.42
CA VAL A 25 0.02 -1.06 10.91
C VAL A 25 -0.47 -0.16 12.03
N GLU A 26 -1.37 -0.67 12.87
CA GLU A 26 -1.91 0.09 13.98
C GLU A 26 -0.79 0.75 14.78
N LYS A 27 0.09 -0.08 15.33
CA LYS A 27 1.21 0.43 16.12
C LYS A 27 1.73 1.75 15.56
N HIS A 28 2.08 1.74 14.28
CA HIS A 28 2.59 2.94 13.61
C HIS A 28 1.55 4.06 13.65
N VAL A 29 0.40 3.81 13.04
CA VAL A 29 -0.67 4.80 13.01
C VAL A 29 -0.83 5.49 14.37
N SER A 30 -0.85 4.70 15.43
CA SER A 30 -1.00 5.23 16.78
C SER A 30 -0.11 6.46 16.98
N ASN A 31 1.18 6.30 16.71
CA ASN A 31 2.13 7.40 16.85
C ASN A 31 1.97 8.42 15.73
N CYS A 32 1.86 7.93 14.50
CA CYS A 32 1.69 8.80 13.35
C CYS A 32 0.23 9.18 13.16
N ARG A 33 -0.14 10.36 13.63
CA ARG A 33 -1.50 10.85 13.52
C ARG A 33 -1.82 11.29 12.09
N ASN A 34 -0.78 11.73 11.37
CA ASN A 34 -0.94 12.17 10.00
C ASN A 34 -1.14 10.99 9.07
N CYS A 35 -0.85 9.79 9.56
CA CYS A 35 -0.99 8.58 8.76
C CYS A 35 -2.46 8.29 8.48
N GLU A 36 -2.89 8.58 7.26
CA GLU A 36 -4.28 8.35 6.85
C GLU A 36 -4.35 7.35 5.71
N CYS A 37 -3.35 7.38 4.83
CA CYS A 37 -3.31 6.48 3.69
C CYS A 37 -1.92 5.88 3.52
N LEU A 38 -1.86 4.63 3.08
CA LEU A 38 -0.59 3.94 2.87
C LEU A 38 -0.45 3.47 1.42
N SER A 39 0.77 3.52 0.90
CA SER A 39 1.04 3.11 -0.46
C SER A 39 1.95 1.88 -0.49
N CYS A 40 1.37 0.73 -0.82
CA CYS A 40 2.12 -0.52 -0.88
C CYS A 40 3.43 -0.33 -1.65
N ILE A 41 4.39 -1.18 -1.38
CA ILE A 41 5.69 -1.11 -2.04
C ILE A 41 5.91 -2.33 -2.94
N ASP A 42 5.20 -3.41 -2.66
CA ASP A 42 5.31 -4.63 -3.44
C ASP A 42 4.71 -4.45 -4.83
N CYS A 43 3.49 -3.93 -4.88
CA CYS A 43 2.81 -3.69 -6.16
C CYS A 43 2.61 -2.20 -6.40
N GLY A 44 2.20 -1.48 -5.36
CA GLY A 44 1.98 -0.05 -5.48
C GLY A 44 0.51 0.30 -5.62
N LYS A 45 -0.18 0.42 -4.49
CA LYS A 45 -1.59 0.75 -4.49
C LYS A 45 -1.96 1.58 -3.27
N ASP A 46 -2.60 2.72 -3.50
CA ASP A 46 -3.00 3.60 -2.42
C ASP A 46 -4.20 3.02 -1.66
N PHE A 47 -4.04 2.88 -0.35
CA PHE A 47 -5.10 2.33 0.50
C PHE A 47 -5.55 3.35 1.54
N TRP A 48 -6.70 3.96 1.30
CA TRP A 48 -7.23 4.97 2.22
C TRP A 48 -8.10 4.31 3.30
N GLY A 49 -8.25 5.00 4.41
CA GLY A 49 -9.06 4.46 5.51
C GLY A 49 -8.63 3.06 5.90
N ASP A 50 -9.61 2.19 6.15
CA ASP A 50 -9.33 0.82 6.53
C ASP A 50 -9.39 -0.11 5.32
N ASP A 51 -8.75 0.31 4.24
CA ASP A 51 -8.72 -0.49 3.01
C ASP A 51 -7.54 -1.44 3.02
N TYR A 52 -6.36 -0.91 3.29
CA TYR A 52 -5.15 -1.72 3.32
C TYR A 52 -5.43 -3.13 3.84
N LYS A 53 -6.08 -3.21 5.00
CA LYS A 53 -6.42 -4.49 5.60
C LYS A 53 -6.82 -5.50 4.52
N SER A 54 -7.85 -5.17 3.76
CA SER A 54 -8.34 -6.05 2.70
C SER A 54 -7.18 -6.56 1.86
N HIS A 55 -6.23 -5.68 1.54
CA HIS A 55 -5.07 -6.04 0.74
C HIS A 55 -4.20 -7.07 1.47
N VAL A 56 -4.31 -8.32 1.05
CA VAL A 56 -3.53 -9.40 1.66
C VAL A 56 -2.35 -9.78 0.79
N LYS A 57 -2.63 -10.15 -0.46
CA LYS A 57 -1.58 -10.54 -1.40
C LYS A 57 -1.50 -9.56 -2.57
N CYS A 58 -0.33 -9.49 -3.19
CA CYS A 58 -0.12 -8.59 -4.32
C CYS A 58 -0.22 -9.34 -5.64
N ILE A 59 -1.23 -10.21 -5.74
CA ILE A 59 -1.44 -10.99 -6.95
C ILE A 59 -2.87 -10.84 -7.47
N SER A 60 -3.00 -10.72 -8.78
CA SER A 60 -4.31 -10.56 -9.40
C SER A 60 -4.43 -11.44 -10.63
N GLU A 61 -5.67 -11.68 -11.06
CA GLU A 61 -5.93 -12.51 -12.24
C GLU A 61 -6.08 -11.66 -13.49
N GLY A 62 -7.00 -10.69 -13.44
CA GLY A 62 -7.22 -9.82 -14.57
C GLY A 62 -6.11 -8.79 -14.74
N GLN A 63 -6.06 -8.16 -15.91
CA GLN A 63 -5.05 -7.14 -16.19
C GLN A 63 -5.68 -5.77 -16.32
N LYS A 64 -5.47 -4.93 -15.31
CA LYS A 64 -6.01 -3.58 -15.31
C LYS A 64 -5.39 -2.74 -14.20
N TYR A 65 -5.54 -1.42 -14.30
CA TYR A 65 -5.00 -0.52 -13.30
C TYR A 65 -5.99 0.59 -12.97
N GLY A 66 -5.80 1.23 -11.82
CA GLY A 66 -6.68 2.30 -11.40
C GLY A 66 -6.64 3.49 -12.34
N GLY A 67 -6.33 4.66 -11.81
CA GLY A 67 -6.26 5.86 -12.63
C GLY A 67 -6.83 7.07 -11.92
N LYS A 68 -8.09 7.00 -11.54
CA LYS A 68 -8.74 8.10 -10.85
C LYS A 68 -7.81 8.73 -9.82
N GLY A 69 -7.59 10.04 -9.96
CA GLY A 69 -6.72 10.74 -9.04
C GLY A 69 -5.77 11.70 -9.73
N TYR A 70 -4.59 11.21 -10.09
CA TYR A 70 -3.60 12.04 -10.76
C TYR A 70 -2.50 11.17 -11.38
N GLU A 71 -1.91 11.67 -12.46
CA GLU A 71 -0.84 10.94 -13.15
C GLU A 71 0.12 10.31 -12.14
N ALA A 72 0.60 9.12 -12.47
CA ALA A 72 1.53 8.41 -11.60
C ALA A 72 2.81 8.04 -12.34
N LYS A 73 3.76 7.45 -11.63
CA LYS A 73 5.02 7.04 -12.22
C LYS A 73 4.80 6.19 -13.47
N SER A 74 4.96 6.81 -14.63
CA SER A 74 4.76 6.11 -15.90
C SER A 74 5.14 7.00 -17.08
N GLY A 75 5.05 6.46 -18.29
CA GLY A 75 5.37 7.22 -19.47
C GLY A 75 4.15 7.62 -20.26
N PRO A 76 3.51 8.73 -19.86
CA PRO A 76 2.31 9.25 -20.52
C PRO A 76 2.61 9.82 -21.90
N SER A 77 1.58 10.38 -22.54
CA SER A 77 1.75 10.95 -23.87
C SER A 77 2.35 12.35 -23.79
N SER A 78 2.91 12.81 -24.91
CA SER A 78 3.53 14.13 -24.96
C SER A 78 2.50 15.23 -24.74
N GLY A 79 1.46 15.24 -25.57
CA GLY A 79 0.42 16.24 -25.44
C GLY A 79 0.71 17.49 -26.24
ZN ZN B . 4.00 7.78 9.38
ZN ZN C . 0.76 -4.77 -2.75
N GLY A 1 4.29 -19.38 10.66
CA GLY A 1 4.42 -18.30 11.61
C GLY A 1 5.81 -17.70 11.62
N SER A 2 6.82 -18.55 11.52
CA SER A 2 8.20 -18.08 11.52
C SER A 2 8.33 -16.76 10.77
N SER A 3 7.75 -16.70 9.57
CA SER A 3 7.80 -15.50 8.76
C SER A 3 6.76 -15.56 7.64
N GLY A 4 6.38 -14.39 7.14
CA GLY A 4 5.39 -14.32 6.08
C GLY A 4 5.91 -14.90 4.77
N SER A 5 5.02 -15.56 4.03
CA SER A 5 5.39 -16.17 2.76
C SER A 5 5.25 -15.17 1.62
N SER A 6 5.85 -15.49 0.47
CA SER A 6 5.78 -14.62 -0.69
C SER A 6 5.97 -13.16 -0.29
N GLY A 7 6.92 -12.91 0.60
CA GLY A 7 7.18 -11.56 1.05
C GLY A 7 5.99 -10.95 1.76
N MET A 8 6.27 -10.19 2.82
CA MET A 8 5.22 -9.55 3.59
C MET A 8 4.79 -8.24 2.95
N VAL A 9 3.49 -8.08 2.74
CA VAL A 9 2.95 -6.87 2.13
C VAL A 9 3.26 -5.65 2.98
N PHE A 10 4.29 -4.90 2.58
CA PHE A 10 4.68 -3.69 3.32
C PHE A 10 4.03 -2.46 2.72
N PHE A 11 4.07 -1.36 3.46
CA PHE A 11 3.48 -0.10 3.00
C PHE A 11 4.36 1.08 3.37
N THR A 12 4.36 2.09 2.52
CA THR A 12 5.17 3.29 2.76
C THR A 12 4.32 4.44 3.27
N CYS A 13 4.52 4.82 4.53
CA CYS A 13 3.76 5.90 5.13
C CYS A 13 4.06 7.22 4.45
N ASN A 14 3.02 7.84 3.88
CA ASN A 14 3.19 9.11 3.18
C ASN A 14 3.02 10.29 4.16
N ALA A 15 3.17 10.00 5.44
CA ALA A 15 3.04 11.02 6.47
C ALA A 15 4.40 11.41 7.03
N CYS A 16 5.25 10.41 7.28
CA CYS A 16 6.58 10.65 7.82
C CYS A 16 7.65 10.06 6.90
N GLY A 17 7.40 8.83 6.44
CA GLY A 17 8.35 8.18 5.56
C GLY A 17 9.06 7.01 6.23
N GLU A 18 8.30 5.98 6.58
CA GLU A 18 8.87 4.81 7.24
C GLU A 18 8.20 3.53 6.73
N SER A 19 8.97 2.45 6.68
CA SER A 19 8.46 1.17 6.21
C SER A 19 7.63 0.48 7.30
N VAL A 20 6.31 0.57 7.16
CA VAL A 20 5.41 -0.04 8.13
C VAL A 20 4.97 -1.43 7.68
N LYS A 21 4.85 -2.35 8.63
CA LYS A 21 4.43 -3.71 8.33
C LYS A 21 2.92 -3.85 8.42
N LYS A 22 2.36 -4.74 7.59
CA LYS A 22 0.92 -4.96 7.57
C LYS A 22 0.43 -5.43 8.94
N ILE A 23 1.31 -6.06 9.70
CA ILE A 23 0.97 -6.55 11.03
C ILE A 23 1.27 -5.51 12.10
N GLN A 24 2.03 -4.48 11.71
CA GLN A 24 2.40 -3.42 12.64
C GLN A 24 1.90 -2.07 12.14
N VAL A 25 0.71 -2.07 11.55
CA VAL A 25 0.11 -0.85 11.04
C VAL A 25 -0.54 -0.04 12.15
N GLU A 26 -1.48 -0.67 12.86
CA GLU A 26 -2.18 -0.01 13.96
C GLU A 26 -1.20 0.73 14.86
N LYS A 27 -0.12 0.04 15.24
CA LYS A 27 0.89 0.63 16.11
C LYS A 27 1.45 1.92 15.50
N HIS A 28 2.12 1.80 14.37
CA HIS A 28 2.70 2.95 13.69
C HIS A 28 1.70 4.10 13.65
N VAL A 29 0.52 3.84 13.11
CA VAL A 29 -0.52 4.86 13.01
C VAL A 29 -0.78 5.52 14.36
N SER A 30 -0.82 4.71 15.41
CA SER A 30 -1.06 5.21 16.76
C SER A 30 -0.15 6.39 17.06
N ASN A 31 1.14 6.22 16.80
CA ASN A 31 2.12 7.29 17.05
C ASN A 31 2.10 8.32 15.93
N CYS A 32 1.81 7.86 14.72
CA CYS A 32 1.75 8.75 13.57
C CYS A 32 0.32 9.25 13.33
N ARG A 33 0.05 10.46 13.77
CA ARG A 33 -1.28 11.05 13.61
C ARG A 33 -1.49 11.51 12.18
N ASN A 34 -0.41 11.87 11.50
CA ASN A 34 -0.48 12.32 10.12
C ASN A 34 -0.73 11.16 9.16
N CYS A 35 -0.54 9.94 9.67
CA CYS A 35 -0.76 8.74 8.86
C CYS A 35 -2.23 8.57 8.53
N GLU A 36 -2.56 8.77 7.25
CA GLU A 36 -3.94 8.63 6.80
C GLU A 36 -4.03 7.68 5.61
N CYS A 37 -3.00 7.70 4.76
CA CYS A 37 -2.96 6.84 3.59
C CYS A 37 -1.72 5.96 3.60
N LEU A 38 -1.86 4.74 3.10
CA LEU A 38 -0.75 3.80 3.05
C LEU A 38 -0.64 3.17 1.66
N SER A 39 0.49 3.43 0.99
CA SER A 39 0.72 2.88 -0.34
C SER A 39 1.57 1.61 -0.27
N CYS A 40 1.24 0.64 -1.11
CA CYS A 40 1.96 -0.62 -1.15
C CYS A 40 3.23 -0.49 -1.98
N ILE A 41 4.23 -1.31 -1.67
CA ILE A 41 5.50 -1.29 -2.40
C ILE A 41 5.61 -2.50 -3.32
N ASP A 42 4.99 -3.60 -2.92
CA ASP A 42 5.02 -4.82 -3.71
C ASP A 42 4.42 -4.60 -5.10
N CYS A 43 3.33 -3.84 -5.15
CA CYS A 43 2.65 -3.55 -6.40
C CYS A 43 2.32 -2.07 -6.51
N GLY A 44 1.79 -1.50 -5.43
CA GLY A 44 1.44 -0.10 -5.42
C GLY A 44 -0.04 0.13 -5.62
N LYS A 45 -0.73 0.49 -4.54
CA LYS A 45 -2.17 0.75 -4.60
C LYS A 45 -2.63 1.58 -3.40
N ASP A 46 -3.03 2.82 -3.66
CA ASP A 46 -3.48 3.71 -2.62
C ASP A 46 -4.57 3.06 -1.78
N PHE A 47 -4.35 2.98 -0.47
CA PHE A 47 -5.32 2.38 0.44
C PHE A 47 -5.66 3.32 1.59
N TRP A 48 -6.72 4.11 1.41
CA TRP A 48 -7.13 5.06 2.44
C TRP A 48 -7.80 4.34 3.61
N GLY A 49 -8.01 5.06 4.69
CA GLY A 49 -8.63 4.48 5.87
C GLY A 49 -8.05 3.12 6.22
N ASP A 50 -8.90 2.10 6.23
CA ASP A 50 -8.47 0.74 6.56
C ASP A 50 -8.74 -0.20 5.39
N ASP A 51 -8.42 0.25 4.18
CA ASP A 51 -8.63 -0.56 2.99
C ASP A 51 -7.57 -1.65 2.88
N TYR A 52 -6.34 -1.31 3.24
CA TYR A 52 -5.23 -2.26 3.18
C TYR A 52 -5.64 -3.61 3.78
N LYS A 53 -6.60 -3.58 4.70
CA LYS A 53 -7.07 -4.79 5.35
C LYS A 53 -7.36 -5.88 4.33
N SER A 54 -8.17 -5.54 3.31
CA SER A 54 -8.53 -6.48 2.27
C SER A 54 -7.30 -6.88 1.45
N HIS A 55 -6.38 -5.94 1.29
CA HIS A 55 -5.16 -6.19 0.52
C HIS A 55 -4.33 -7.30 1.17
N VAL A 56 -4.44 -8.50 0.61
CA VAL A 56 -3.71 -9.65 1.13
C VAL A 56 -2.61 -10.09 0.16
N LYS A 57 -3.00 -10.33 -1.08
CA LYS A 57 -2.05 -10.76 -2.11
C LYS A 57 -1.99 -9.74 -3.24
N CYS A 58 -0.78 -9.30 -3.57
CA CYS A 58 -0.58 -8.33 -4.64
C CYS A 58 -0.75 -8.98 -6.00
N ILE A 59 -1.88 -8.71 -6.65
CA ILE A 59 -2.16 -9.27 -7.97
C ILE A 59 -2.14 -8.19 -9.04
N SER A 60 -1.62 -8.53 -10.21
CA SER A 60 -1.55 -7.58 -11.32
C SER A 60 -2.60 -7.90 -12.37
N GLU A 61 -3.58 -7.00 -12.50
CA GLU A 61 -4.65 -7.18 -13.46
C GLU A 61 -5.07 -5.84 -14.08
N GLY A 62 -5.75 -5.90 -15.21
CA GLY A 62 -6.19 -4.69 -15.88
C GLY A 62 -5.44 -4.43 -17.16
N GLN A 63 -4.13 -4.23 -17.05
CA GLN A 63 -3.29 -3.96 -18.21
C GLN A 63 -2.32 -5.11 -18.45
N LYS A 64 -1.80 -5.19 -19.67
CA LYS A 64 -0.85 -6.24 -20.04
C LYS A 64 0.09 -5.77 -21.13
N TYR A 65 1.34 -5.49 -20.75
CA TYR A 65 2.35 -5.02 -21.70
C TYR A 65 3.56 -5.93 -21.68
N GLY A 66 4.49 -5.70 -22.61
CA GLY A 66 5.70 -6.50 -22.68
C GLY A 66 6.76 -6.05 -21.70
N GLY A 67 6.84 -6.72 -20.56
CA GLY A 67 7.82 -6.37 -19.55
C GLY A 67 7.41 -6.80 -18.16
N LYS A 68 6.30 -6.24 -17.67
CA LYS A 68 5.81 -6.58 -16.34
C LYS A 68 4.36 -7.08 -16.41
N GLY A 69 4.14 -8.30 -15.93
CA GLY A 69 2.81 -8.86 -15.95
C GLY A 69 2.60 -9.83 -17.10
N TYR A 70 3.03 -11.07 -16.91
CA TYR A 70 2.90 -12.09 -17.94
C TYR A 70 1.45 -12.53 -18.09
N GLU A 71 0.89 -12.30 -19.29
CA GLU A 71 -0.49 -12.66 -19.56
C GLU A 71 -0.68 -14.18 -19.46
N ALA A 72 -1.95 -14.60 -19.46
CA ALA A 72 -2.27 -16.03 -19.38
C ALA A 72 -2.82 -16.55 -20.69
N LYS A 73 -2.78 -17.86 -20.88
CA LYS A 73 -3.28 -18.47 -22.10
C LYS A 73 -4.74 -18.11 -22.34
N SER A 74 -5.24 -18.43 -23.53
CA SER A 74 -6.62 -18.12 -23.88
C SER A 74 -7.19 -19.19 -24.81
N GLY A 75 -8.48 -19.10 -25.09
CA GLY A 75 -9.13 -20.06 -25.96
C GLY A 75 -9.83 -19.41 -27.14
N PRO A 76 -9.83 -20.09 -28.29
CA PRO A 76 -10.48 -19.59 -29.50
C PRO A 76 -11.99 -19.57 -29.39
N SER A 77 -12.66 -19.23 -30.50
CA SER A 77 -14.11 -19.18 -30.52
C SER A 77 -14.65 -19.78 -31.82
N SER A 78 -15.98 -19.92 -31.90
CA SER A 78 -16.62 -20.49 -33.07
C SER A 78 -17.60 -19.50 -33.69
N GLY A 79 -18.19 -19.88 -34.82
CA GLY A 79 -19.14 -19.01 -35.49
C GLY A 79 -20.50 -19.66 -35.66
ZN ZN B . 4.15 7.70 9.59
ZN ZN C . 0.52 -4.72 -3.13
N GLY A 1 20.90 -10.47 2.66
CA GLY A 1 20.59 -11.72 1.99
C GLY A 1 19.13 -11.84 1.64
N SER A 2 18.84 -12.44 0.48
CA SER A 2 17.46 -12.61 0.03
C SER A 2 16.96 -14.00 0.37
N SER A 3 15.64 -14.13 0.49
CA SER A 3 15.02 -15.41 0.82
C SER A 3 13.99 -15.80 -0.23
N GLY A 4 14.02 -17.07 -0.64
CA GLY A 4 13.08 -17.55 -1.63
C GLY A 4 11.65 -17.15 -1.32
N SER A 5 11.21 -17.46 -0.11
CA SER A 5 9.85 -17.13 0.31
C SER A 5 9.56 -15.64 0.15
N SER A 6 8.31 -15.31 -0.16
CA SER A 6 7.91 -13.92 -0.35
C SER A 6 7.92 -13.17 0.97
N GLY A 7 7.29 -13.76 1.99
CA GLY A 7 7.24 -13.14 3.30
C GLY A 7 5.88 -12.50 3.58
N MET A 8 5.90 -11.21 3.88
CA MET A 8 4.66 -10.49 4.16
C MET A 8 4.58 -9.19 3.36
N VAL A 9 3.39 -8.63 3.26
CA VAL A 9 3.18 -7.39 2.51
C VAL A 9 3.54 -6.18 3.36
N PHE A 10 4.27 -5.24 2.77
CA PHE A 10 4.68 -4.03 3.46
C PHE A 10 3.96 -2.81 2.90
N PHE A 11 4.24 -1.65 3.48
CA PHE A 11 3.61 -0.40 3.04
C PHE A 11 4.48 0.81 3.41
N THR A 12 4.25 1.92 2.73
CA THR A 12 5.00 3.14 2.98
C THR A 12 4.08 4.31 3.29
N CYS A 13 3.95 4.65 4.56
CA CYS A 13 3.09 5.76 4.98
C CYS A 13 3.36 6.99 4.14
N ASN A 14 2.30 7.74 3.84
CA ASN A 14 2.42 8.95 3.04
C ASN A 14 2.39 10.20 3.93
N ALA A 15 1.85 10.04 5.13
CA ALA A 15 1.77 11.15 6.07
C ALA A 15 3.15 11.62 6.49
N CYS A 16 3.98 10.70 6.97
CA CYS A 16 5.33 11.02 7.39
C CYS A 16 6.36 10.46 6.42
N GLY A 17 6.14 9.23 5.97
CA GLY A 17 7.06 8.60 5.04
C GLY A 17 8.00 7.62 5.72
N GLU A 18 7.44 6.54 6.25
CA GLU A 18 8.23 5.53 6.92
C GLU A 18 7.77 4.13 6.53
N SER A 19 8.72 3.20 6.45
CA SER A 19 8.42 1.82 6.08
C SER A 19 7.75 1.08 7.25
N VAL A 20 6.55 0.55 6.99
CA VAL A 20 5.82 -0.18 8.01
C VAL A 20 5.20 -1.46 7.44
N LYS A 21 5.27 -2.54 8.21
CA LYS A 21 4.72 -3.82 7.78
C LYS A 21 3.19 -3.80 7.82
N LYS A 22 2.58 -4.83 7.26
CA LYS A 22 1.12 -4.93 7.25
C LYS A 22 0.55 -4.92 8.66
N ILE A 23 1.10 -5.77 9.52
CA ILE A 23 0.65 -5.86 10.90
C ILE A 23 1.19 -4.70 11.72
N GLN A 24 2.30 -4.12 11.27
CA GLN A 24 2.91 -2.99 11.97
C GLN A 24 2.08 -1.73 11.78
N VAL A 25 1.04 -1.82 10.96
CA VAL A 25 0.17 -0.68 10.69
C VAL A 25 -0.54 -0.22 11.97
N GLU A 26 -1.29 -1.12 12.58
CA GLU A 26 -2.02 -0.81 13.81
C GLU A 26 -1.13 -0.02 14.77
N LYS A 27 0.10 -0.48 14.94
CA LYS A 27 1.04 0.17 15.84
C LYS A 27 1.41 1.56 15.32
N HIS A 28 1.62 1.66 14.01
CA HIS A 28 1.99 2.93 13.39
C HIS A 28 0.91 3.99 13.67
N VAL A 29 -0.31 3.72 13.22
CA VAL A 29 -1.42 4.64 13.41
C VAL A 29 -1.39 5.26 14.81
N SER A 30 -1.11 4.43 15.81
CA SER A 30 -1.05 4.89 17.19
C SER A 30 -0.13 6.09 17.32
N ASN A 31 1.01 6.03 16.65
CA ASN A 31 1.98 7.13 16.69
C ASN A 31 1.66 8.18 15.62
N CYS A 32 1.53 7.72 14.38
CA CYS A 32 1.24 8.62 13.27
C CYS A 32 -0.26 8.95 13.23
N ARG A 33 -0.58 10.24 13.39
CA ARG A 33 -1.97 10.68 13.36
C ARG A 33 -2.36 11.16 11.97
N ASN A 34 -1.38 11.63 11.21
CA ASN A 34 -1.63 12.12 9.86
C ASN A 34 -1.80 10.96 8.88
N CYS A 35 -1.46 9.76 9.33
CA CYS A 35 -1.58 8.57 8.50
C CYS A 35 -3.03 8.33 8.10
N GLU A 36 -3.32 8.54 6.81
CA GLU A 36 -4.67 8.35 6.30
C GLU A 36 -4.68 7.35 5.15
N CYS A 37 -3.55 7.25 4.46
CA CYS A 37 -3.43 6.33 3.34
C CYS A 37 -2.11 5.55 3.40
N LEU A 38 -2.08 4.38 2.78
CA LEU A 38 -0.89 3.54 2.78
C LEU A 38 -0.59 3.04 1.37
N SER A 39 0.66 3.19 0.95
CA SER A 39 1.09 2.74 -0.38
C SER A 39 1.94 1.49 -0.28
N CYS A 40 1.44 0.39 -0.84
CA CYS A 40 2.16 -0.88 -0.82
C CYS A 40 3.43 -0.80 -1.66
N ILE A 41 4.45 -1.54 -1.25
CA ILE A 41 5.72 -1.55 -1.95
C ILE A 41 5.92 -2.86 -2.72
N ASP A 42 5.22 -3.90 -2.28
CA ASP A 42 5.31 -5.21 -2.92
C ASP A 42 4.70 -5.17 -4.32
N CYS A 43 3.62 -4.40 -4.46
CA CYS A 43 2.94 -4.29 -5.74
C CYS A 43 2.78 -2.82 -6.14
N GLY A 44 2.36 -2.00 -5.19
CA GLY A 44 2.18 -0.58 -5.48
C GLY A 44 0.71 -0.21 -5.63
N LYS A 45 0.10 0.27 -4.56
CA LYS A 45 -1.30 0.67 -4.59
C LYS A 45 -1.66 1.47 -3.34
N ASP A 46 -2.30 2.62 -3.55
CA ASP A 46 -2.71 3.48 -2.44
C ASP A 46 -3.99 2.96 -1.80
N PHE A 47 -4.04 2.99 -0.47
CA PHE A 47 -5.21 2.53 0.27
C PHE A 47 -5.64 3.56 1.30
N TRP A 48 -6.71 4.30 1.00
CA TRP A 48 -7.21 5.32 1.91
C TRP A 48 -8.26 4.73 2.86
N GLY A 49 -8.19 5.14 4.12
CA GLY A 49 -9.14 4.64 5.11
C GLY A 49 -8.84 3.22 5.52
N ASP A 50 -9.87 2.48 5.92
CA ASP A 50 -9.72 1.10 6.36
C ASP A 50 -9.62 0.17 5.15
N ASP A 51 -8.82 0.56 4.16
CA ASP A 51 -8.65 -0.24 2.95
C ASP A 51 -7.45 -1.17 3.10
N TYR A 52 -6.36 -0.64 3.65
CA TYR A 52 -5.15 -1.43 3.83
C TYR A 52 -5.45 -2.74 4.53
N LYS A 53 -6.23 -2.68 5.60
CA LYS A 53 -6.60 -3.86 6.36
C LYS A 53 -7.24 -4.91 5.46
N SER A 54 -7.71 -4.46 4.30
CA SER A 54 -8.35 -5.37 3.34
C SER A 54 -7.33 -5.94 2.37
N HIS A 55 -6.24 -5.21 2.16
CA HIS A 55 -5.19 -5.64 1.26
C HIS A 55 -4.26 -6.65 1.94
N VAL A 56 -4.47 -7.93 1.66
CA VAL A 56 -3.66 -8.98 2.25
C VAL A 56 -2.71 -9.58 1.21
N LYS A 57 -3.27 -10.06 0.10
CA LYS A 57 -2.48 -10.66 -0.95
C LYS A 57 -2.45 -9.76 -2.18
N CYS A 58 -1.27 -9.23 -2.50
CA CYS A 58 -1.11 -8.35 -3.64
C CYS A 58 -1.80 -8.92 -4.87
N ILE A 59 -1.62 -10.22 -5.11
CA ILE A 59 -2.23 -10.89 -6.24
C ILE A 59 -3.75 -10.89 -6.13
N SER A 60 -4.40 -10.09 -6.97
CA SER A 60 -5.86 -9.99 -6.95
C SER A 60 -6.42 -10.19 -8.36
N GLU A 61 -7.56 -10.87 -8.44
CA GLU A 61 -8.20 -11.13 -9.73
C GLU A 61 -9.65 -10.65 -9.72
N GLY A 62 -10.31 -10.74 -10.86
CA GLY A 62 -11.69 -10.32 -10.96
C GLY A 62 -11.89 -9.18 -11.94
N GLN A 63 -13.13 -8.99 -12.39
CA GLN A 63 -13.44 -7.93 -13.34
C GLN A 63 -14.10 -6.74 -12.64
N LYS A 64 -13.99 -5.57 -13.23
CA LYS A 64 -14.58 -4.36 -12.66
C LYS A 64 -14.58 -3.23 -13.68
N TYR A 65 -15.51 -2.29 -13.51
CA TYR A 65 -15.62 -1.15 -14.42
C TYR A 65 -14.55 -0.11 -14.11
N GLY A 66 -14.44 0.28 -12.85
CA GLY A 66 -13.46 1.26 -12.45
C GLY A 66 -14.09 2.57 -12.02
N GLY A 67 -14.00 3.59 -12.88
CA GLY A 67 -14.57 4.88 -12.56
C GLY A 67 -13.82 6.02 -13.20
N LYS A 68 -13.71 7.14 -12.49
CA LYS A 68 -13.01 8.31 -13.01
C LYS A 68 -11.59 8.38 -12.45
N GLY A 69 -10.68 8.93 -13.24
CA GLY A 69 -9.30 9.06 -12.80
C GLY A 69 -8.43 9.79 -13.81
N TYR A 70 -7.17 9.40 -13.90
CA TYR A 70 -6.24 10.03 -14.83
C TYR A 70 -4.96 9.20 -14.96
N GLU A 71 -4.15 9.54 -15.95
CA GLU A 71 -2.90 8.83 -16.19
C GLU A 71 -2.25 8.40 -14.87
N ALA A 72 -1.62 7.24 -14.87
CA ALA A 72 -0.96 6.72 -13.69
C ALA A 72 -0.09 5.51 -14.02
N LYS A 73 0.72 5.10 -13.06
CA LYS A 73 1.61 3.95 -13.25
C LYS A 73 0.84 2.64 -13.04
N SER A 74 0.90 1.77 -14.04
CA SER A 74 0.21 0.48 -13.98
C SER A 74 1.13 -0.63 -14.45
N GLY A 75 1.15 -1.74 -13.70
CA GLY A 75 1.98 -2.87 -14.05
C GLY A 75 1.18 -4.15 -14.21
N PRO A 76 0.61 -4.34 -15.42
CA PRO A 76 -0.19 -5.53 -15.73
C PRO A 76 0.66 -6.80 -15.81
N SER A 77 0.00 -7.94 -15.95
CA SER A 77 0.68 -9.22 -16.02
C SER A 77 0.00 -10.15 -17.03
N SER A 78 0.62 -11.30 -17.28
CA SER A 78 0.08 -12.27 -18.22
C SER A 78 0.17 -13.68 -17.65
N GLY A 79 -0.73 -14.56 -18.10
CA GLY A 79 -0.73 -15.93 -17.64
C GLY A 79 -1.78 -16.78 -18.32
ZN ZN B . 3.33 7.93 9.13
ZN ZN C . 0.47 -4.94 -2.50
N GLY A 1 22.12 -10.56 4.22
CA GLY A 1 20.73 -10.31 3.88
C GLY A 1 19.90 -11.57 3.89
N SER A 2 19.07 -11.72 4.93
CA SER A 2 18.23 -12.90 5.06
C SER A 2 17.52 -13.21 3.74
N SER A 3 18.00 -14.25 3.05
CA SER A 3 17.43 -14.64 1.78
C SER A 3 16.24 -15.58 1.98
N GLY A 4 15.06 -14.99 2.10
CA GLY A 4 13.86 -15.79 2.31
C GLY A 4 12.75 -15.42 1.35
N SER A 5 11.75 -16.30 1.22
CA SER A 5 10.64 -16.07 0.32
C SER A 5 9.31 -16.15 1.08
N SER A 6 8.86 -15.03 1.61
CA SER A 6 7.61 -14.97 2.36
C SER A 6 6.73 -13.82 1.87
N GLY A 7 5.47 -14.14 1.57
CA GLY A 7 4.55 -13.13 1.09
C GLY A 7 4.19 -12.12 2.17
N MET A 8 5.00 -11.07 2.28
CA MET A 8 4.76 -10.03 3.27
C MET A 8 4.54 -8.68 2.60
N VAL A 9 3.29 -8.20 2.65
CA VAL A 9 2.95 -6.92 2.05
C VAL A 9 3.42 -5.75 2.91
N PHE A 10 4.03 -4.76 2.27
CA PHE A 10 4.53 -3.59 2.98
C PHE A 10 3.87 -2.31 2.46
N PHE A 11 3.95 -1.25 3.26
CA PHE A 11 3.36 0.03 2.88
C PHE A 11 4.31 1.18 3.19
N THR A 12 4.25 2.23 2.39
CA THR A 12 5.10 3.39 2.57
C THR A 12 4.29 4.61 3.02
N CYS A 13 4.26 4.84 4.33
CA CYS A 13 3.52 5.97 4.88
C CYS A 13 3.87 7.27 4.15
N ASN A 14 2.86 8.09 3.90
CA ASN A 14 3.06 9.36 3.21
C ASN A 14 3.12 10.52 4.21
N ALA A 15 2.82 10.22 5.47
CA ALA A 15 2.85 11.23 6.52
C ALA A 15 4.27 11.45 7.02
N CYS A 16 4.91 10.38 7.46
CA CYS A 16 6.28 10.46 7.98
C CYS A 16 7.28 9.93 6.96
N GLY A 17 6.86 8.93 6.19
CA GLY A 17 7.73 8.35 5.19
C GLY A 17 8.58 7.22 5.74
N GLU A 18 7.94 6.25 6.38
CA GLU A 18 8.64 5.11 6.96
C GLU A 18 8.01 3.80 6.51
N SER A 19 8.77 2.71 6.62
CA SER A 19 8.29 1.40 6.22
C SER A 19 7.61 0.70 7.38
N VAL A 20 6.40 0.18 7.15
CA VAL A 20 5.66 -0.53 8.18
C VAL A 20 5.10 -1.85 7.66
N LYS A 21 4.99 -2.83 8.54
CA LYS A 21 4.48 -4.15 8.17
C LYS A 21 2.96 -4.20 8.33
N LYS A 22 2.30 -4.94 7.43
CA LYS A 22 0.86 -5.07 7.47
C LYS A 22 0.39 -5.54 8.84
N ILE A 23 1.27 -6.22 9.56
CA ILE A 23 0.95 -6.72 10.90
C ILE A 23 1.23 -5.67 11.96
N GLN A 24 2.14 -4.76 11.65
CA GLN A 24 2.51 -3.70 12.58
C GLN A 24 2.01 -2.34 12.10
N VAL A 25 0.77 -2.31 11.62
CA VAL A 25 0.18 -1.08 11.12
C VAL A 25 -0.47 -0.28 12.24
N GLU A 26 -1.29 -0.97 13.05
CA GLU A 26 -1.98 -0.32 14.16
C GLU A 26 -0.99 0.48 15.02
N LYS A 27 0.07 -0.19 15.46
CA LYS A 27 1.09 0.45 16.28
C LYS A 27 1.57 1.75 15.66
N HIS A 28 1.86 1.70 14.35
CA HIS A 28 2.33 2.87 13.63
C HIS A 28 1.26 3.97 13.63
N VAL A 29 0.06 3.62 13.18
CA VAL A 29 -1.04 4.58 13.13
C VAL A 29 -1.17 5.33 14.45
N SER A 30 -1.12 4.59 15.55
CA SER A 30 -1.25 5.18 16.88
C SER A 30 -0.36 6.41 17.00
N ASN A 31 0.94 6.23 16.79
CA ASN A 31 1.89 7.32 16.88
C ASN A 31 1.70 8.32 15.74
N CYS A 32 1.70 7.81 14.52
CA CYS A 32 1.51 8.65 13.34
C CYS A 32 0.05 9.04 13.17
N ARG A 33 -0.36 10.11 13.85
CA ARG A 33 -1.73 10.59 13.77
C ARG A 33 -2.04 11.14 12.39
N ASN A 34 -1.00 11.50 11.66
CA ASN A 34 -1.16 12.05 10.32
C ASN A 34 -1.32 10.93 9.29
N CYS A 35 -0.82 9.74 9.63
CA CYS A 35 -0.91 8.59 8.74
C CYS A 35 -2.37 8.24 8.45
N GLU A 36 -2.82 8.53 7.24
CA GLU A 36 -4.18 8.24 6.84
C GLU A 36 -4.22 7.38 5.59
N CYS A 37 -3.18 7.48 4.77
CA CYS A 37 -3.08 6.71 3.54
C CYS A 37 -1.82 5.85 3.53
N LEU A 38 -1.95 4.65 2.99
CA LEU A 38 -0.82 3.72 2.92
C LEU A 38 -0.70 3.11 1.53
N SER A 39 0.43 3.39 0.87
CA SER A 39 0.66 2.87 -0.47
C SER A 39 1.57 1.65 -0.43
N CYS A 40 1.07 0.52 -0.91
CA CYS A 40 1.82 -0.72 -0.92
C CYS A 40 3.07 -0.58 -1.78
N ILE A 41 4.12 -1.32 -1.43
CA ILE A 41 5.37 -1.28 -2.18
C ILE A 41 5.59 -2.57 -2.95
N ASP A 42 4.97 -3.65 -2.50
CA ASP A 42 5.09 -4.94 -3.16
C ASP A 42 4.73 -4.84 -4.64
N CYS A 43 3.53 -4.31 -4.92
CA CYS A 43 3.06 -4.16 -6.29
C CYS A 43 2.85 -2.69 -6.62
N GLY A 44 2.25 -1.95 -5.69
CA GLY A 44 1.99 -0.54 -5.91
C GLY A 44 0.52 -0.21 -5.93
N LYS A 45 -0.08 -0.09 -4.76
CA LYS A 45 -1.50 0.22 -4.65
C LYS A 45 -1.77 1.15 -3.46
N ASP A 46 -2.69 2.08 -3.65
CA ASP A 46 -3.05 3.02 -2.60
C ASP A 46 -4.29 2.57 -1.84
N PHE A 47 -4.28 2.73 -0.52
CA PHE A 47 -5.41 2.33 0.31
C PHE A 47 -5.76 3.44 1.30
N TRP A 48 -6.87 4.11 1.06
CA TRP A 48 -7.32 5.20 1.93
C TRP A 48 -8.39 4.70 2.90
N GLY A 49 -8.19 4.99 4.18
CA GLY A 49 -9.15 4.57 5.20
C GLY A 49 -8.80 3.21 5.79
N ASP A 50 -9.73 2.27 5.71
CA ASP A 50 -9.51 0.94 6.25
C ASP A 50 -9.39 -0.08 5.12
N ASP A 51 -8.81 0.33 4.01
CA ASP A 51 -8.63 -0.54 2.86
C ASP A 51 -7.31 -1.31 2.97
N TYR A 52 -6.27 -0.64 3.43
CA TYR A 52 -4.95 -1.25 3.58
C TYR A 52 -5.08 -2.66 4.14
N LYS A 53 -5.89 -2.81 5.19
CA LYS A 53 -6.09 -4.10 5.81
C LYS A 53 -6.59 -5.13 4.81
N SER A 54 -7.46 -4.69 3.90
CA SER A 54 -8.02 -5.57 2.89
C SER A 54 -6.91 -6.18 2.03
N HIS A 55 -5.87 -5.41 1.79
CA HIS A 55 -4.73 -5.88 0.98
C HIS A 55 -3.92 -6.92 1.75
N VAL A 56 -4.05 -8.18 1.33
CA VAL A 56 -3.33 -9.27 1.97
C VAL A 56 -2.41 -9.98 0.98
N LYS A 57 -2.79 -9.95 -0.29
CA LYS A 57 -2.00 -10.59 -1.34
C LYS A 57 -2.11 -9.82 -2.65
N CYS A 58 -1.00 -9.22 -3.07
CA CYS A 58 -0.95 -8.45 -4.30
C CYS A 58 -1.30 -9.33 -5.50
N ILE A 59 -2.57 -9.36 -5.86
CA ILE A 59 -3.04 -10.16 -6.99
C ILE A 59 -3.89 -9.32 -7.94
N SER A 60 -3.49 -9.26 -9.20
CA SER A 60 -4.22 -8.50 -10.21
C SER A 60 -4.66 -9.40 -11.36
N GLU A 61 -5.84 -9.99 -11.23
CA GLU A 61 -6.37 -10.88 -12.26
C GLU A 61 -7.50 -10.20 -13.02
N GLY A 62 -8.59 -9.89 -12.32
CA GLY A 62 -9.73 -9.26 -12.95
C GLY A 62 -11.04 -9.66 -12.32
N GLN A 63 -11.80 -8.68 -11.84
CA GLN A 63 -13.09 -8.95 -11.21
C GLN A 63 -14.18 -8.04 -11.79
N LYS A 64 -13.92 -6.75 -11.78
CA LYS A 64 -14.88 -5.78 -12.31
C LYS A 64 -14.17 -4.51 -12.78
N TYR A 65 -14.52 -4.05 -13.97
CA TYR A 65 -13.92 -2.84 -14.53
C TYR A 65 -13.65 -1.81 -13.44
N GLY A 66 -14.68 -1.52 -12.64
CA GLY A 66 -14.53 -0.55 -11.57
C GLY A 66 -14.06 0.80 -12.07
N GLY A 67 -12.80 1.12 -11.79
CA GLY A 67 -12.25 2.40 -12.22
C GLY A 67 -12.97 3.58 -11.60
N LYS A 68 -13.25 4.59 -12.42
CA LYS A 68 -13.94 5.79 -11.94
C LYS A 68 -15.32 5.44 -11.41
N GLY A 69 -15.87 6.32 -10.57
CA GLY A 69 -17.19 6.09 -10.02
C GLY A 69 -17.33 6.66 -8.62
N TYR A 70 -18.02 7.79 -8.51
CA TYR A 70 -18.22 8.44 -7.22
C TYR A 70 -19.45 7.88 -6.51
N GLU A 71 -19.60 6.56 -6.56
CA GLU A 71 -20.72 5.89 -5.92
C GLU A 71 -20.24 4.81 -4.95
N ALA A 72 -20.33 5.11 -3.65
CA ALA A 72 -19.90 4.18 -2.62
C ALA A 72 -20.71 4.36 -1.35
N LYS A 73 -21.15 3.25 -0.77
CA LYS A 73 -21.94 3.28 0.46
C LYS A 73 -21.06 3.02 1.67
N SER A 74 -20.67 4.09 2.35
CA SER A 74 -19.82 3.98 3.53
C SER A 74 -19.73 5.33 4.27
N GLY A 75 -19.71 5.27 5.59
CA GLY A 75 -19.62 6.49 6.38
C GLY A 75 -18.19 6.99 6.51
N PRO A 76 -18.03 8.32 6.55
CA PRO A 76 -16.72 8.96 6.68
C PRO A 76 -16.09 8.73 8.05
N SER A 77 -16.86 8.16 8.96
CA SER A 77 -16.39 7.90 10.31
C SER A 77 -15.21 6.93 10.29
N SER A 78 -14.09 7.36 10.86
CA SER A 78 -12.89 6.54 10.90
C SER A 78 -12.04 6.87 12.14
N GLY A 79 -11.61 5.84 12.85
CA GLY A 79 -10.80 6.05 14.03
C GLY A 79 -10.20 4.76 14.56
ZN ZN B . 3.72 7.62 9.31
ZN ZN C . 0.52 -4.77 -3.24
N GLY A 1 14.06 -24.43 10.75
CA GLY A 1 14.89 -23.33 11.21
C GLY A 1 14.58 -22.03 10.51
N SER A 2 15.47 -21.07 10.62
CA SER A 2 15.28 -19.76 9.99
C SER A 2 15.76 -19.78 8.54
N SER A 3 14.82 -19.93 7.62
CA SER A 3 15.13 -19.97 6.20
C SER A 3 14.57 -18.75 5.48
N GLY A 4 15.43 -18.06 4.72
CA GLY A 4 15.00 -16.89 4.00
C GLY A 4 13.75 -17.13 3.19
N SER A 5 12.82 -16.17 3.20
CA SER A 5 11.57 -16.29 2.47
C SER A 5 10.84 -14.96 2.42
N SER A 6 10.35 -14.59 1.24
CA SER A 6 9.63 -13.34 1.07
C SER A 6 8.12 -13.58 1.01
N GLY A 7 7.47 -13.52 2.17
CA GLY A 7 6.04 -13.74 2.22
C GLY A 7 5.36 -12.82 3.22
N MET A 8 5.60 -11.52 3.08
CA MET A 8 5.01 -10.53 3.98
C MET A 8 4.73 -9.23 3.23
N VAL A 9 3.50 -8.73 3.36
CA VAL A 9 3.11 -7.49 2.70
C VAL A 9 3.58 -6.28 3.48
N PHE A 10 4.17 -5.32 2.79
CA PHE A 10 4.66 -4.10 3.42
C PHE A 10 3.81 -2.90 3.04
N PHE A 11 4.04 -1.78 3.71
CA PHE A 11 3.29 -0.55 3.44
C PHE A 11 4.16 0.68 3.68
N THR A 12 3.84 1.76 2.98
CA THR A 12 4.59 3.01 3.12
C THR A 12 3.67 4.16 3.53
N CYS A 13 3.81 4.59 4.78
CA CYS A 13 3.00 5.68 5.31
C CYS A 13 3.27 6.97 4.54
N ASN A 14 2.24 7.80 4.39
CA ASN A 14 2.37 9.07 3.69
C ASN A 14 2.53 10.22 4.68
N ALA A 15 1.97 10.05 5.87
CA ALA A 15 2.07 11.08 6.90
C ALA A 15 3.51 11.46 7.18
N CYS A 16 4.32 10.46 7.50
CA CYS A 16 5.74 10.69 7.79
C CYS A 16 6.61 10.27 6.62
N GLY A 17 6.33 9.09 6.08
CA GLY A 17 7.10 8.59 4.95
C GLY A 17 8.10 7.53 5.36
N GLU A 18 7.62 6.47 6.00
CA GLU A 18 8.47 5.38 6.44
C GLU A 18 7.90 4.02 6.03
N SER A 19 8.76 3.01 6.02
CA SER A 19 8.34 1.67 5.64
C SER A 19 7.57 0.99 6.77
N VAL A 20 6.24 1.04 6.69
CA VAL A 20 5.38 0.43 7.69
C VAL A 20 4.91 -0.95 7.26
N LYS A 21 5.10 -1.92 8.15
CA LYS A 21 4.69 -3.30 7.86
C LYS A 21 3.21 -3.50 8.16
N LYS A 22 2.62 -4.53 7.55
CA LYS A 22 1.21 -4.82 7.75
C LYS A 22 0.85 -4.83 9.23
N ILE A 23 1.46 -5.75 9.97
CA ILE A 23 1.22 -5.87 11.40
C ILE A 23 1.70 -4.62 12.14
N GLN A 24 2.54 -3.84 11.48
CA GLN A 24 3.08 -2.62 12.07
C GLN A 24 2.07 -1.48 12.00
N VAL A 25 1.30 -1.45 10.92
CA VAL A 25 0.29 -0.42 10.73
C VAL A 25 -0.41 -0.09 12.04
N GLU A 26 -0.88 -1.12 12.73
CA GLU A 26 -1.58 -0.95 14.00
C GLU A 26 -0.80 -0.01 14.92
N LYS A 27 0.42 -0.42 15.27
CA LYS A 27 1.27 0.39 16.14
C LYS A 27 1.58 1.73 15.51
N HIS A 28 2.12 1.70 14.30
CA HIS A 28 2.46 2.93 13.58
C HIS A 28 1.36 3.98 13.73
N VAL A 29 0.16 3.63 13.30
CA VAL A 29 -0.98 4.54 13.39
C VAL A 29 -1.11 5.11 14.79
N SER A 30 -0.96 4.25 15.80
CA SER A 30 -1.06 4.68 17.19
C SER A 30 -0.32 5.99 17.41
N ASN A 31 0.92 6.06 16.93
CA ASN A 31 1.74 7.25 17.07
C ASN A 31 1.46 8.25 15.96
N CYS A 32 1.64 7.81 14.72
CA CYS A 32 1.39 8.66 13.56
C CYS A 32 -0.10 8.95 13.40
N ARG A 33 -0.57 9.99 14.08
CA ARG A 33 -1.98 10.37 14.01
C ARG A 33 -2.35 10.84 12.61
N ASN A 34 -1.34 11.29 11.86
CA ASN A 34 -1.56 11.77 10.50
C ASN A 34 -1.66 10.62 9.52
N CYS A 35 -1.16 9.46 9.93
CA CYS A 35 -1.19 8.26 9.08
C CYS A 35 -2.63 7.86 8.77
N GLU A 36 -3.06 8.12 7.54
CA GLU A 36 -4.42 7.77 7.12
C GLU A 36 -4.39 6.98 5.82
N CYS A 37 -3.39 7.25 4.97
CA CYS A 37 -3.27 6.57 3.70
C CYS A 37 -2.00 5.72 3.67
N LEU A 38 -2.06 4.60 2.96
CA LEU A 38 -0.92 3.70 2.85
C LEU A 38 -0.69 3.28 1.39
N SER A 39 0.55 2.91 1.08
CA SER A 39 0.90 2.49 -0.27
C SER A 39 1.83 1.27 -0.25
N CYS A 40 1.30 0.12 -0.63
CA CYS A 40 2.07 -1.11 -0.65
C CYS A 40 3.32 -0.95 -1.51
N ILE A 41 4.39 -1.62 -1.10
CA ILE A 41 5.66 -1.56 -1.83
C ILE A 41 5.95 -2.87 -2.54
N ASP A 42 5.20 -3.91 -2.19
CA ASP A 42 5.37 -5.22 -2.80
C ASP A 42 4.84 -5.23 -4.23
N CYS A 43 3.71 -4.56 -4.44
CA CYS A 43 3.10 -4.49 -5.76
C CYS A 43 3.02 -3.05 -6.25
N GLY A 44 2.58 -2.15 -5.36
CA GLY A 44 2.47 -0.75 -5.73
C GLY A 44 1.02 -0.31 -5.86
N LYS A 45 0.29 -0.33 -4.74
CA LYS A 45 -1.10 0.07 -4.74
C LYS A 45 -1.40 1.01 -3.57
N ASP A 46 -2.32 1.95 -3.78
CA ASP A 46 -2.68 2.90 -2.74
C ASP A 46 -3.89 2.40 -1.95
N PHE A 47 -3.96 2.76 -0.68
CA PHE A 47 -5.07 2.35 0.18
C PHE A 47 -5.40 3.44 1.20
N TRP A 48 -6.51 4.15 0.97
CA TRP A 48 -6.93 5.22 1.87
C TRP A 48 -7.76 4.65 3.02
N GLY A 49 -7.77 5.37 4.13
CA GLY A 49 -8.52 4.94 5.29
C GLY A 49 -8.34 3.46 5.58
N ASP A 50 -9.45 2.75 5.75
CA ASP A 50 -9.42 1.32 6.03
C ASP A 50 -9.38 0.52 4.73
N ASP A 51 -8.56 0.97 3.78
CA ASP A 51 -8.43 0.29 2.50
C ASP A 51 -7.33 -0.76 2.55
N TYR A 52 -6.27 -0.45 3.29
CA TYR A 52 -5.14 -1.37 3.42
C TYR A 52 -5.59 -2.71 3.98
N LYS A 53 -6.45 -2.67 5.00
CA LYS A 53 -6.96 -3.88 5.62
C LYS A 53 -7.41 -4.89 4.57
N SER A 54 -8.20 -4.43 3.61
CA SER A 54 -8.70 -5.30 2.54
C SER A 54 -7.54 -5.96 1.80
N HIS A 55 -6.48 -5.19 1.57
CA HIS A 55 -5.30 -5.70 0.87
C HIS A 55 -4.66 -6.84 1.65
N VAL A 56 -4.93 -8.07 1.22
CA VAL A 56 -4.39 -9.25 1.88
C VAL A 56 -3.12 -9.72 1.19
N LYS A 57 -3.27 -10.21 -0.04
CA LYS A 57 -2.14 -10.69 -0.82
C LYS A 57 -1.98 -9.89 -2.11
N CYS A 58 -0.73 -9.54 -2.43
CA CYS A 58 -0.45 -8.76 -3.63
C CYS A 58 -0.96 -9.49 -4.88
N ILE A 59 -0.77 -10.80 -4.90
CA ILE A 59 -1.21 -11.62 -6.03
C ILE A 59 -2.73 -11.58 -6.17
N SER A 60 -3.41 -12.09 -5.14
CA SER A 60 -4.87 -12.11 -5.15
C SER A 60 -5.45 -10.80 -5.66
N GLU A 61 -6.27 -10.88 -6.70
CA GLU A 61 -6.88 -9.69 -7.27
C GLU A 61 -8.01 -9.18 -6.40
N GLY A 62 -8.89 -10.09 -5.97
CA GLY A 62 -10.00 -9.70 -5.13
C GLY A 62 -11.31 -9.62 -5.90
N GLN A 63 -12.25 -10.50 -5.57
CA GLN A 63 -13.54 -10.52 -6.23
C GLN A 63 -14.34 -9.27 -5.89
N LYS A 64 -14.79 -8.57 -6.93
CA LYS A 64 -15.57 -7.35 -6.76
C LYS A 64 -17.02 -7.57 -7.14
N TYR A 65 -17.86 -6.55 -6.93
CA TYR A 65 -19.28 -6.65 -7.27
C TYR A 65 -19.63 -5.66 -8.37
N GLY A 66 -19.29 -4.39 -8.17
CA GLY A 66 -19.58 -3.37 -9.16
C GLY A 66 -18.41 -2.45 -9.41
N GLY A 67 -18.69 -1.25 -9.90
CA GLY A 67 -17.64 -0.29 -10.17
C GLY A 67 -18.17 1.12 -10.37
N LYS A 68 -17.27 2.06 -10.66
CA LYS A 68 -17.66 3.44 -10.88
C LYS A 68 -17.25 3.91 -12.27
N GLY A 69 -18.19 4.51 -12.99
CA GLY A 69 -17.91 5.00 -14.33
C GLY A 69 -19.15 5.09 -15.19
N TYR A 70 -19.97 4.03 -15.15
CA TYR A 70 -21.19 3.99 -15.94
C TYR A 70 -22.28 4.85 -15.30
N GLU A 71 -22.86 5.75 -16.09
CA GLU A 71 -23.90 6.65 -15.61
C GLU A 71 -25.02 5.85 -14.94
N ALA A 72 -25.37 6.24 -13.73
CA ALA A 72 -26.42 5.57 -12.97
C ALA A 72 -27.79 6.17 -13.29
N LYS A 73 -28.84 5.53 -12.80
CA LYS A 73 -30.21 6.00 -13.02
C LYS A 73 -30.44 7.32 -12.28
N SER A 74 -31.19 8.22 -12.92
CA SER A 74 -31.51 9.52 -12.32
C SER A 74 -32.97 9.60 -11.93
N GLY A 75 -33.25 10.31 -10.85
CA GLY A 75 -34.63 10.46 -10.39
C GLY A 75 -35.16 11.86 -10.61
N PRO A 76 -36.49 11.99 -10.64
CA PRO A 76 -37.16 13.28 -10.84
C PRO A 76 -37.01 14.21 -9.65
N SER A 77 -37.21 15.50 -9.87
CA SER A 77 -37.09 16.49 -8.82
C SER A 77 -38.34 16.51 -7.94
N SER A 78 -39.49 16.63 -8.58
CA SER A 78 -40.77 16.66 -7.87
C SER A 78 -41.92 16.26 -8.78
N GLY A 79 -43.13 16.20 -8.22
CA GLY A 79 -44.29 15.82 -9.00
C GLY A 79 -45.31 16.93 -9.08
ZN ZN B . 3.49 7.80 9.44
ZN ZN C . 0.75 -5.26 -2.48
N GLY A 1 17.70 -14.66 16.61
CA GLY A 1 18.20 -15.39 15.46
C GLY A 1 17.42 -15.11 14.19
N SER A 2 16.23 -15.69 14.07
CA SER A 2 15.40 -15.49 12.90
C SER A 2 14.07 -14.84 13.28
N SER A 3 14.03 -13.51 13.21
CA SER A 3 12.83 -12.77 13.56
C SER A 3 12.32 -11.97 12.35
N GLY A 4 11.23 -12.45 11.76
CA GLY A 4 10.65 -11.78 10.60
C GLY A 4 9.62 -12.63 9.89
N SER A 5 8.90 -12.01 8.97
CA SER A 5 7.87 -12.72 8.22
C SER A 5 8.43 -13.29 6.91
N SER A 6 7.68 -14.19 6.30
CA SER A 6 8.10 -14.81 5.05
C SER A 6 7.24 -14.35 3.88
N GLY A 7 7.56 -13.17 3.35
CA GLY A 7 6.81 -12.64 2.23
C GLY A 7 5.58 -11.87 2.68
N MET A 8 5.75 -10.99 3.67
CA MET A 8 4.65 -10.19 4.18
C MET A 8 4.50 -8.90 3.39
N VAL A 9 3.28 -8.37 3.37
CA VAL A 9 3.00 -7.13 2.65
C VAL A 9 3.42 -5.91 3.46
N PHE A 10 3.95 -4.91 2.76
CA PHE A 10 4.41 -3.69 3.42
C PHE A 10 3.71 -2.47 2.83
N PHE A 11 3.85 -1.33 3.50
CA PHE A 11 3.23 -0.09 3.04
C PHE A 11 4.08 1.11 3.43
N THR A 12 4.17 2.09 2.53
CA THR A 12 4.94 3.30 2.77
C THR A 12 4.04 4.47 3.16
N CYS A 13 3.91 4.70 4.46
CA CYS A 13 3.07 5.79 4.97
C CYS A 13 3.35 7.07 4.21
N ASN A 14 2.39 7.99 4.22
CA ASN A 14 2.53 9.26 3.53
C ASN A 14 2.70 10.40 4.53
N ALA A 15 2.01 10.30 5.66
CA ALA A 15 2.09 11.33 6.70
C ALA A 15 3.55 11.60 7.07
N CYS A 16 4.25 10.57 7.50
CA CYS A 16 5.65 10.70 7.89
C CYS A 16 6.57 10.09 6.84
N GLY A 17 6.17 8.95 6.31
CA GLY A 17 6.97 8.27 5.30
C GLY A 17 7.95 7.28 5.89
N GLU A 18 7.41 6.25 6.54
CA GLU A 18 8.25 5.23 7.18
C GLU A 18 7.79 3.83 6.77
N SER A 19 8.72 2.88 6.76
CA SER A 19 8.41 1.51 6.40
C SER A 19 7.65 0.80 7.53
N VAL A 20 6.39 0.50 7.28
CA VAL A 20 5.55 -0.17 8.26
C VAL A 20 4.94 -1.45 7.68
N LYS A 21 5.03 -2.54 8.44
CA LYS A 21 4.49 -3.82 8.02
C LYS A 21 2.96 -3.80 8.08
N LYS A 22 2.33 -4.80 7.45
CA LYS A 22 0.88 -4.91 7.45
C LYS A 22 0.34 -4.96 8.87
N ILE A 23 1.00 -5.72 9.73
CA ILE A 23 0.58 -5.85 11.12
C ILE A 23 1.08 -4.68 11.95
N GLN A 24 2.28 -4.19 11.64
CA GLN A 24 2.86 -3.07 12.35
C GLN A 24 1.92 -1.87 12.36
N VAL A 25 1.23 -1.65 11.25
CA VAL A 25 0.29 -0.54 11.13
C VAL A 25 -0.40 -0.27 12.47
N GLU A 26 -1.12 -1.27 12.97
CA GLU A 26 -1.82 -1.13 14.24
C GLU A 26 -1.04 -0.25 15.21
N LYS A 27 0.19 -0.63 15.49
CA LYS A 27 1.04 0.12 16.40
C LYS A 27 1.38 1.50 15.82
N HIS A 28 2.02 1.50 14.66
CA HIS A 28 2.40 2.75 14.00
C HIS A 28 1.32 3.81 14.22
N VAL A 29 0.08 3.48 13.89
CA VAL A 29 -1.03 4.41 14.06
C VAL A 29 -0.89 5.22 15.34
N SER A 30 -0.60 4.53 16.44
CA SER A 30 -0.45 5.17 17.73
C SER A 30 0.41 6.43 17.61
N ASN A 31 1.55 6.29 16.94
CA ASN A 31 2.46 7.43 16.76
C ASN A 31 2.00 8.32 15.61
N CYS A 32 1.66 7.68 14.49
CA CYS A 32 1.20 8.41 13.31
C CYS A 32 -0.32 8.58 13.33
N ARG A 33 -0.78 9.75 13.74
CA ARG A 33 -2.21 10.03 13.79
C ARG A 33 -2.75 10.41 12.42
N ASN A 34 -1.92 11.08 11.63
CA ASN A 34 -2.32 11.49 10.28
C ASN A 34 -2.06 10.38 9.27
N CYS A 35 -2.16 9.14 9.72
CA CYS A 35 -1.94 7.99 8.86
C CYS A 35 -3.25 7.49 8.26
N GLU A 36 -3.52 7.90 7.02
CA GLU A 36 -4.75 7.49 6.35
C GLU A 36 -4.43 6.80 5.02
N CYS A 37 -3.51 7.38 4.26
CA CYS A 37 -3.11 6.81 2.97
C CYS A 37 -1.89 5.92 3.12
N LEU A 38 -1.94 4.75 2.49
CA LEU A 38 -0.83 3.80 2.56
C LEU A 38 -0.53 3.24 1.17
N SER A 39 0.68 3.52 0.68
CA SER A 39 1.10 3.04 -0.64
C SER A 39 1.96 1.80 -0.50
N CYS A 40 1.41 0.67 -0.94
CA CYS A 40 2.14 -0.61 -0.88
C CYS A 40 3.43 -0.55 -1.68
N ILE A 41 4.42 -1.32 -1.26
CA ILE A 41 5.71 -1.35 -1.94
C ILE A 41 5.93 -2.69 -2.63
N ASP A 42 5.33 -3.74 -2.08
CA ASP A 42 5.45 -5.07 -2.65
C ASP A 42 4.96 -5.11 -4.10
N CYS A 43 3.83 -4.45 -4.34
CA CYS A 43 3.24 -4.41 -5.67
C CYS A 43 3.05 -2.96 -6.13
N GLY A 44 2.54 -2.13 -5.23
CA GLY A 44 2.30 -0.73 -5.56
C GLY A 44 0.84 -0.44 -5.80
N LYS A 45 0.09 -0.20 -4.73
CA LYS A 45 -1.33 0.09 -4.84
C LYS A 45 -1.74 1.15 -3.81
N ASP A 46 -2.75 1.94 -4.17
CA ASP A 46 -3.24 2.99 -3.28
C ASP A 46 -4.36 2.47 -2.40
N PHE A 47 -4.31 2.81 -1.11
CA PHE A 47 -5.32 2.37 -0.16
C PHE A 47 -5.76 3.53 0.73
N TRP A 48 -6.93 4.08 0.44
CA TRP A 48 -7.46 5.20 1.22
C TRP A 48 -8.56 4.73 2.16
N GLY A 49 -8.29 4.81 3.46
CA GLY A 49 -9.29 4.39 4.45
C GLY A 49 -9.06 2.96 4.91
N ASP A 50 -10.15 2.25 5.14
CA ASP A 50 -10.08 0.86 5.59
C ASP A 50 -9.93 -0.09 4.40
N ASP A 51 -9.12 0.33 3.43
CA ASP A 51 -8.89 -0.49 2.23
C ASP A 51 -7.65 -1.35 2.40
N TYR A 52 -6.58 -0.75 2.93
CA TYR A 52 -5.33 -1.46 3.14
C TYR A 52 -5.57 -2.77 3.88
N LYS A 53 -6.37 -2.71 4.94
CA LYS A 53 -6.68 -3.90 5.73
C LYS A 53 -6.97 -5.09 4.84
N SER A 54 -7.99 -4.96 3.99
CA SER A 54 -8.37 -6.02 3.08
C SER A 54 -7.15 -6.58 2.35
N HIS A 55 -6.26 -5.70 1.94
CA HIS A 55 -5.05 -6.10 1.23
C HIS A 55 -4.23 -7.08 2.08
N VAL A 56 -4.35 -8.37 1.77
CA VAL A 56 -3.62 -9.39 2.50
C VAL A 56 -2.69 -10.17 1.57
N LYS A 57 -3.01 -10.17 0.28
CA LYS A 57 -2.21 -10.87 -0.71
C LYS A 57 -2.05 -10.03 -1.98
N CYS A 58 -0.84 -9.52 -2.19
CA CYS A 58 -0.56 -8.70 -3.37
C CYS A 58 -0.83 -9.47 -4.65
N ILE A 59 -2.03 -9.32 -5.19
CA ILE A 59 -2.42 -10.00 -6.41
C ILE A 59 -1.35 -9.85 -7.48
N SER A 60 -0.84 -8.64 -7.65
CA SER A 60 0.19 -8.36 -8.64
C SER A 60 1.57 -8.75 -8.11
N GLU A 61 2.32 -9.47 -8.93
CA GLU A 61 3.67 -9.89 -8.54
C GLU A 61 4.67 -8.77 -8.74
N GLY A 62 4.85 -8.35 -9.99
CA GLY A 62 5.79 -7.29 -10.28
C GLY A 62 6.39 -7.41 -11.67
N GLN A 63 5.54 -7.59 -12.67
CA GLN A 63 6.00 -7.72 -14.05
C GLN A 63 6.13 -6.36 -14.71
N LYS A 64 6.92 -6.31 -15.79
CA LYS A 64 7.14 -5.07 -16.51
C LYS A 64 5.84 -4.56 -17.11
N TYR A 65 5.82 -3.28 -17.51
CA TYR A 65 4.64 -2.68 -18.11
C TYR A 65 5.02 -1.59 -19.10
N GLY A 66 4.40 -1.63 -20.28
CA GLY A 66 4.69 -0.65 -21.30
C GLY A 66 3.63 0.43 -21.39
N GLY A 67 3.51 1.06 -22.55
CA GLY A 67 2.52 2.10 -22.74
C GLY A 67 3.03 3.46 -22.25
N LYS A 68 3.04 3.63 -20.93
CA LYS A 68 3.50 4.89 -20.34
C LYS A 68 4.77 4.67 -19.53
N GLY A 69 5.78 5.52 -19.79
CA GLY A 69 7.04 5.39 -19.07
C GLY A 69 8.01 6.50 -19.43
N TYR A 70 9.14 6.13 -20.04
CA TYR A 70 10.15 7.10 -20.43
C TYR A 70 9.95 7.54 -21.88
N GLU A 71 10.50 8.70 -22.22
CA GLU A 71 10.38 9.24 -23.57
C GLU A 71 11.16 8.38 -24.57
N ALA A 72 10.55 7.29 -25.00
CA ALA A 72 11.17 6.38 -25.96
C ALA A 72 10.60 6.56 -27.35
N LYS A 73 11.48 6.67 -28.35
CA LYS A 73 11.06 6.85 -29.73
C LYS A 73 9.89 5.93 -30.07
N SER A 74 8.80 6.51 -30.56
CA SER A 74 7.62 5.74 -30.92
C SER A 74 6.65 6.58 -31.74
N GLY A 75 5.63 5.94 -32.29
CA GLY A 75 4.65 6.63 -33.10
C GLY A 75 3.29 6.70 -32.44
N PRO A 76 3.11 7.65 -31.51
CA PRO A 76 1.86 7.83 -30.79
C PRO A 76 0.74 8.37 -31.68
N SER A 77 -0.50 8.09 -31.30
CA SER A 77 -1.65 8.55 -32.07
C SER A 77 -2.53 9.46 -31.23
N SER A 78 -1.90 10.36 -30.47
CA SER A 78 -2.64 11.29 -29.63
C SER A 78 -2.34 12.73 -30.03
N GLY A 79 -1.06 13.09 -30.05
CA GLY A 79 -0.67 14.43 -30.42
C GLY A 79 -1.52 14.99 -31.55
ZN ZN B . 3.41 7.57 9.30
ZN ZN C . 0.61 -4.85 -2.47
N GLY A 1 15.01 -28.10 0.86
CA GLY A 1 15.92 -26.96 0.88
C GLY A 1 15.66 -26.00 -0.26
N SER A 2 14.40 -25.59 -0.41
CA SER A 2 14.02 -24.66 -1.46
C SER A 2 13.50 -23.35 -0.87
N SER A 3 13.92 -22.23 -1.46
CA SER A 3 13.49 -20.92 -0.98
C SER A 3 11.99 -20.74 -1.18
N GLY A 4 11.23 -20.96 -0.12
CA GLY A 4 9.78 -20.82 -0.19
C GLY A 4 9.24 -19.94 0.90
N SER A 5 9.71 -18.69 0.96
CA SER A 5 9.26 -17.75 1.97
C SER A 5 8.21 -16.80 1.41
N SER A 6 6.95 -17.09 1.69
CA SER A 6 5.84 -16.27 1.21
C SER A 6 6.23 -14.79 1.21
N GLY A 7 6.62 -14.29 2.37
CA GLY A 7 7.01 -12.89 2.48
C GLY A 7 6.14 -12.13 3.46
N MET A 8 6.22 -10.81 3.41
CA MET A 8 5.43 -9.95 4.30
C MET A 8 5.08 -8.64 3.61
N VAL A 9 3.80 -8.50 3.21
CA VAL A 9 3.34 -7.30 2.55
C VAL A 9 3.72 -6.05 3.35
N PHE A 10 4.30 -5.08 2.67
CA PHE A 10 4.71 -3.84 3.32
C PHE A 10 3.96 -2.65 2.72
N PHE A 11 3.98 -1.53 3.45
CA PHE A 11 3.30 -0.32 2.99
C PHE A 11 4.18 0.91 3.21
N THR A 12 3.75 2.04 2.65
CA THR A 12 4.50 3.28 2.77
C THR A 12 3.61 4.41 3.27
N CYS A 13 3.94 4.95 4.44
CA CYS A 13 3.17 6.04 5.04
C CYS A 13 3.58 7.38 4.44
N ASN A 14 2.67 7.96 3.65
CA ASN A 14 2.94 9.25 3.02
C ASN A 14 3.04 10.37 4.06
N ALA A 15 2.32 10.20 5.16
CA ALA A 15 2.32 11.18 6.24
C ALA A 15 3.74 11.45 6.73
N CYS A 16 4.42 10.39 7.16
CA CYS A 16 5.79 10.51 7.66
C CYS A 16 6.79 10.06 6.61
N GLY A 17 6.53 8.89 6.02
CA GLY A 17 7.42 8.36 5.00
C GLY A 17 8.30 7.24 5.53
N GLU A 18 7.70 6.29 6.23
CA GLU A 18 8.44 5.17 6.80
C GLU A 18 7.81 3.85 6.37
N SER A 19 8.66 2.83 6.17
CA SER A 19 8.19 1.52 5.75
C SER A 19 7.77 0.69 6.96
N VAL A 20 6.47 0.57 7.17
CA VAL A 20 5.93 -0.19 8.29
C VAL A 20 5.51 -1.59 7.85
N LYS A 21 5.62 -2.55 8.76
CA LYS A 21 5.24 -3.92 8.47
C LYS A 21 3.74 -4.13 8.61
N LYS A 22 3.16 -4.85 7.67
CA LYS A 22 1.72 -5.13 7.68
C LYS A 22 1.28 -5.60 9.07
N ILE A 23 2.13 -6.37 9.72
CA ILE A 23 1.83 -6.90 11.05
C ILE A 23 1.97 -5.80 12.11
N GLN A 24 2.83 -4.83 11.84
CA GLN A 24 3.06 -3.73 12.77
C GLN A 24 2.50 -2.43 12.22
N VAL A 25 1.27 -2.48 11.70
CA VAL A 25 0.62 -1.31 11.14
C VAL A 25 -0.13 -0.53 12.21
N GLU A 26 -1.08 -1.20 12.85
CA GLU A 26 -1.89 -0.58 13.90
C GLU A 26 -1.02 0.31 14.79
N LYS A 27 -0.04 -0.31 15.44
CA LYS A 27 0.86 0.42 16.32
C LYS A 27 1.35 1.72 15.67
N HIS A 28 1.96 1.59 14.49
CA HIS A 28 2.47 2.74 13.76
C HIS A 28 1.40 3.83 13.65
N VAL A 29 0.20 3.42 13.26
CA VAL A 29 -0.91 4.36 13.11
C VAL A 29 -1.20 5.08 14.42
N SER A 30 -1.21 4.33 15.52
CA SER A 30 -1.48 4.89 16.84
C SER A 30 -0.65 6.15 17.06
N ASN A 31 0.67 6.00 16.98
CA ASN A 31 1.58 7.13 17.18
C ASN A 31 1.47 8.12 16.03
N CYS A 32 1.37 7.61 14.81
CA CYS A 32 1.26 8.44 13.63
C CYS A 32 -0.20 8.82 13.36
N ARG A 33 -0.60 10.00 13.81
CA ARG A 33 -1.96 10.46 13.62
C ARG A 33 -2.18 10.96 12.19
N ASN A 34 -1.10 11.42 11.56
CA ASN A 34 -1.17 11.91 10.19
C ASN A 34 -1.33 10.76 9.20
N CYS A 35 -0.92 9.56 9.62
CA CYS A 35 -1.02 8.37 8.78
C CYS A 35 -2.48 8.08 8.43
N GLU A 36 -2.87 8.42 7.20
CA GLU A 36 -4.23 8.19 6.74
C GLU A 36 -4.25 7.37 5.46
N CYS A 37 -3.25 7.59 4.61
CA CYS A 37 -3.13 6.89 3.34
C CYS A 37 -1.89 6.01 3.31
N LEU A 38 -2.06 4.77 2.83
CA LEU A 38 -0.94 3.83 2.76
C LEU A 38 -0.77 3.31 1.33
N SER A 39 0.46 3.35 0.84
CA SER A 39 0.75 2.87 -0.51
C SER A 39 1.59 1.60 -0.47
N CYS A 40 0.96 0.46 -0.75
CA CYS A 40 1.66 -0.82 -0.75
C CYS A 40 2.85 -0.80 -1.71
N ILE A 41 4.01 -1.21 -1.20
CA ILE A 41 5.23 -1.24 -2.01
C ILE A 41 5.37 -2.58 -2.72
N ASP A 42 4.78 -3.62 -2.14
CA ASP A 42 4.84 -4.95 -2.74
C ASP A 42 4.37 -4.94 -4.18
N CYS A 43 3.20 -4.34 -4.40
CA CYS A 43 2.63 -4.26 -5.74
C CYS A 43 2.67 -2.83 -6.27
N GLY A 44 2.22 -1.89 -5.45
CA GLY A 44 2.22 -0.49 -5.85
C GLY A 44 0.82 0.07 -5.99
N LYS A 45 -0.05 -0.30 -5.05
CA LYS A 45 -1.44 0.18 -5.07
C LYS A 45 -1.68 1.18 -3.96
N ASP A 46 -2.42 2.23 -4.27
CA ASP A 46 -2.74 3.27 -3.29
C ASP A 46 -4.04 2.94 -2.56
N PHE A 47 -4.02 3.11 -1.23
CA PHE A 47 -5.19 2.83 -0.41
C PHE A 47 -5.63 4.08 0.34
N TRP A 48 -6.94 4.20 0.56
CA TRP A 48 -7.49 5.36 1.27
C TRP A 48 -8.48 4.91 2.33
N GLY A 49 -8.15 5.18 3.59
CA GLY A 49 -9.03 4.80 4.69
C GLY A 49 -8.74 3.41 5.21
N ASP A 50 -9.77 2.73 5.69
CA ASP A 50 -9.61 1.39 6.23
C ASP A 50 -9.64 0.34 5.11
N ASP A 51 -8.98 0.67 4.00
CA ASP A 51 -8.93 -0.23 2.85
C ASP A 51 -7.71 -1.14 2.92
N TYR A 52 -6.55 -0.53 3.21
CA TYR A 52 -5.30 -1.29 3.30
C TYR A 52 -5.49 -2.54 4.14
N LYS A 53 -6.10 -2.38 5.32
CA LYS A 53 -6.34 -3.51 6.21
C LYS A 53 -6.74 -4.76 5.43
N SER A 54 -7.86 -4.67 4.73
CA SER A 54 -8.35 -5.79 3.94
C SER A 54 -7.23 -6.38 3.08
N HIS A 55 -6.41 -5.51 2.50
CA HIS A 55 -5.31 -5.94 1.66
C HIS A 55 -4.39 -6.91 2.41
N VAL A 56 -4.30 -8.14 1.91
CA VAL A 56 -3.47 -9.15 2.53
C VAL A 56 -2.59 -9.85 1.51
N LYS A 57 -3.15 -10.10 0.33
CA LYS A 57 -2.42 -10.77 -0.74
C LYS A 57 -2.46 -9.93 -2.02
N CYS A 58 -1.29 -9.56 -2.51
CA CYS A 58 -1.18 -8.75 -3.72
C CYS A 58 -1.47 -9.60 -4.96
N ILE A 59 -2.75 -9.79 -5.26
CA ILE A 59 -3.15 -10.58 -6.42
C ILE A 59 -2.76 -9.89 -7.72
N SER A 60 -2.10 -10.63 -8.60
CA SER A 60 -1.67 -10.10 -9.89
C SER A 60 -2.18 -10.96 -11.04
N GLU A 61 -3.24 -10.51 -11.68
CA GLU A 61 -3.83 -11.23 -12.80
C GLU A 61 -4.51 -10.28 -13.77
N GLY A 62 -4.10 -10.34 -15.04
CA GLY A 62 -4.70 -9.48 -16.04
C GLY A 62 -6.21 -9.44 -15.96
N GLN A 63 -6.74 -8.39 -15.35
CA GLN A 63 -8.18 -8.24 -15.19
C GLN A 63 -8.73 -7.21 -16.18
N LYS A 64 -8.07 -6.05 -16.25
CA LYS A 64 -8.48 -4.99 -17.15
C LYS A 64 -8.76 -5.53 -18.54
N TYR A 65 -9.31 -4.68 -19.41
CA TYR A 65 -9.62 -5.08 -20.78
C TYR A 65 -8.89 -4.19 -21.78
N GLY A 66 -8.86 -2.89 -21.50
CA GLY A 66 -8.19 -1.96 -22.39
C GLY A 66 -6.74 -1.73 -22.01
N GLY A 67 -5.85 -1.82 -22.99
CA GLY A 67 -4.44 -1.61 -22.73
C GLY A 67 -3.56 -2.51 -23.59
N LYS A 68 -3.59 -3.81 -23.31
CA LYS A 68 -2.79 -4.77 -24.06
C LYS A 68 -3.34 -4.94 -25.48
N GLY A 69 -2.44 -5.03 -26.45
CA GLY A 69 -2.85 -5.20 -27.83
C GLY A 69 -2.27 -4.15 -28.75
N TYR A 70 -0.99 -4.28 -29.06
CA TYR A 70 -0.31 -3.32 -29.93
C TYR A 70 -1.24 -2.86 -31.06
N GLU A 71 -1.90 -3.82 -31.71
CA GLU A 71 -2.80 -3.51 -32.80
C GLU A 71 -4.25 -3.78 -32.40
N ALA A 72 -5.19 -3.14 -33.09
CA ALA A 72 -6.61 -3.30 -32.80
C ALA A 72 -7.47 -2.62 -33.86
N LYS A 73 -8.75 -2.98 -33.90
CA LYS A 73 -9.67 -2.40 -34.86
C LYS A 73 -10.75 -1.59 -34.16
N SER A 74 -11.07 -0.42 -34.71
CA SER A 74 -12.08 0.45 -34.14
C SER A 74 -12.94 1.08 -35.23
N GLY A 75 -14.19 1.38 -34.89
CA GLY A 75 -15.10 1.98 -35.85
C GLY A 75 -14.92 3.48 -35.95
N PRO A 76 -15.45 4.07 -37.04
CA PRO A 76 -15.35 5.51 -37.28
C PRO A 76 -16.21 6.32 -36.30
N SER A 77 -16.89 5.62 -35.41
CA SER A 77 -17.74 6.27 -34.42
C SER A 77 -17.16 7.61 -34.00
N SER A 78 -15.88 7.62 -33.68
CA SER A 78 -15.19 8.84 -33.26
C SER A 78 -13.89 9.02 -34.01
N GLY A 79 -13.43 10.26 -34.10
CA GLY A 79 -12.19 10.56 -34.80
C GLY A 79 -11.39 11.64 -34.12
ZN ZN B . 3.36 7.41 9.52
ZN ZN C . 0.15 -5.04 -2.38
N GLY A 1 21.07 -7.89 12.58
CA GLY A 1 19.90 -7.79 11.73
C GLY A 1 19.99 -8.69 10.52
N SER A 2 18.83 -9.16 10.05
CA SER A 2 18.78 -10.05 8.89
C SER A 2 18.05 -9.39 7.74
N SER A 3 18.77 -8.59 6.96
CA SER A 3 18.19 -7.90 5.82
C SER A 3 18.01 -8.85 4.63
N GLY A 4 16.86 -8.74 3.97
CA GLY A 4 16.59 -9.60 2.83
C GLY A 4 15.45 -9.07 1.97
N SER A 5 14.83 -9.96 1.21
CA SER A 5 13.72 -9.58 0.34
C SER A 5 12.43 -9.40 1.13
N SER A 6 11.49 -8.64 0.58
CA SER A 6 10.22 -8.39 1.23
C SER A 6 9.29 -9.59 1.08
N GLY A 7 9.21 -10.40 2.13
CA GLY A 7 8.35 -11.57 2.10
C GLY A 7 6.88 -11.23 2.30
N MET A 8 6.59 -10.49 3.36
CA MET A 8 5.23 -10.09 3.66
C MET A 8 4.89 -8.75 3.01
N VAL A 9 3.62 -8.38 3.06
CA VAL A 9 3.17 -7.12 2.46
C VAL A 9 3.59 -5.94 3.32
N PHE A 10 4.22 -4.95 2.69
CA PHE A 10 4.69 -3.76 3.40
C PHE A 10 3.90 -2.53 2.95
N PHE A 11 4.24 -1.38 3.52
CA PHE A 11 3.57 -0.13 3.19
C PHE A 11 4.43 1.08 3.56
N THR A 12 4.49 2.05 2.66
CA THR A 12 5.29 3.25 2.89
C THR A 12 4.39 4.45 3.17
N CYS A 13 4.28 4.82 4.45
CA CYS A 13 3.46 5.94 4.86
C CYS A 13 3.81 7.19 4.05
N ASN A 14 2.81 8.01 3.77
CA ASN A 14 3.01 9.24 3.01
C ASN A 14 3.03 10.46 3.93
N ALA A 15 2.70 10.24 5.20
CA ALA A 15 2.68 11.32 6.18
C ALA A 15 4.07 11.57 6.74
N CYS A 16 4.67 10.52 7.33
CA CYS A 16 5.99 10.63 7.92
C CYS A 16 7.05 10.04 6.98
N GLY A 17 6.66 9.01 6.24
CA GLY A 17 7.58 8.37 5.32
C GLY A 17 8.41 7.30 5.98
N GLU A 18 7.75 6.31 6.55
CA GLU A 18 8.44 5.21 7.22
C GLU A 18 7.94 3.86 6.73
N SER A 19 8.85 2.90 6.64
CA SER A 19 8.50 1.56 6.18
C SER A 19 7.74 0.79 7.27
N VAL A 20 6.43 0.65 7.07
CA VAL A 20 5.61 -0.07 8.03
C VAL A 20 5.10 -1.38 7.45
N LYS A 21 5.22 -2.45 8.23
CA LYS A 21 4.78 -3.78 7.80
C LYS A 21 3.25 -3.84 7.74
N LYS A 22 2.74 -4.98 7.29
CA LYS A 22 1.30 -5.18 7.19
C LYS A 22 0.66 -5.22 8.58
N ILE A 23 1.29 -5.92 9.50
CA ILE A 23 0.78 -6.04 10.86
C ILE A 23 1.31 -4.89 11.74
N GLN A 24 2.30 -4.16 11.22
CA GLN A 24 2.88 -3.04 11.96
C GLN A 24 1.94 -1.84 11.95
N VAL A 25 1.28 -1.62 10.82
CA VAL A 25 0.36 -0.50 10.67
C VAL A 25 -0.40 -0.25 11.98
N GLU A 26 -1.08 -1.28 12.47
CA GLU A 26 -1.85 -1.16 13.71
C GLU A 26 -1.13 -0.25 14.70
N LYS A 27 0.09 -0.63 15.07
CA LYS A 27 0.87 0.15 16.02
C LYS A 27 1.16 1.54 15.47
N HIS A 28 1.85 1.60 14.34
CA HIS A 28 2.18 2.88 13.71
C HIS A 28 1.05 3.89 13.89
N VAL A 29 -0.14 3.51 13.44
CA VAL A 29 -1.31 4.38 13.56
C VAL A 29 -1.35 5.07 14.92
N SER A 30 -1.07 4.31 15.98
CA SER A 30 -1.07 4.84 17.33
C SER A 30 -0.21 6.08 17.43
N ASN A 31 0.98 6.03 16.81
CA ASN A 31 1.90 7.14 16.83
C ASN A 31 1.57 8.15 15.74
N CYS A 32 1.54 7.68 14.49
CA CYS A 32 1.22 8.53 13.36
C CYS A 32 -0.25 8.90 13.35
N ARG A 33 -0.55 10.18 13.61
CA ARG A 33 -1.93 10.65 13.63
C ARG A 33 -2.30 11.29 12.30
N ASN A 34 -1.30 11.86 11.63
CA ASN A 34 -1.52 12.51 10.34
C ASN A 34 -1.76 11.47 9.24
N CYS A 35 -1.37 10.24 9.51
CA CYS A 35 -1.54 9.15 8.55
C CYS A 35 -3.00 9.02 8.12
N GLU A 36 -3.21 8.93 6.82
CA GLU A 36 -4.57 8.80 6.28
C GLU A 36 -4.64 7.70 5.24
N CYS A 37 -3.61 7.61 4.41
CA CYS A 37 -3.54 6.59 3.37
C CYS A 37 -2.19 5.90 3.35
N LEU A 38 -2.17 4.65 2.89
CA LEU A 38 -0.93 3.88 2.83
C LEU A 38 -0.72 3.31 1.43
N SER A 39 0.55 3.23 1.02
CA SER A 39 0.89 2.70 -0.29
C SER A 39 1.73 1.43 -0.17
N CYS A 40 1.26 0.36 -0.81
CA CYS A 40 1.97 -0.91 -0.77
C CYS A 40 3.18 -0.89 -1.70
N ILE A 41 4.30 -1.42 -1.22
CA ILE A 41 5.53 -1.47 -2.01
C ILE A 41 5.71 -2.83 -2.67
N ASP A 42 5.12 -3.85 -2.06
CA ASP A 42 5.22 -5.21 -2.60
C ASP A 42 4.69 -5.28 -4.02
N CYS A 43 3.77 -4.37 -4.35
CA CYS A 43 3.18 -4.33 -5.68
C CYS A 43 3.15 -2.90 -6.22
N GLY A 44 2.77 -1.97 -5.36
CA GLY A 44 2.69 -0.57 -5.75
C GLY A 44 1.27 -0.10 -5.95
N LYS A 45 0.46 -0.19 -4.89
CA LYS A 45 -0.93 0.23 -4.95
C LYS A 45 -1.24 1.23 -3.84
N ASP A 46 -2.41 1.85 -3.93
CA ASP A 46 -2.84 2.82 -2.93
C ASP A 46 -4.10 2.37 -2.22
N PHE A 47 -4.22 2.71 -0.93
CA PHE A 47 -5.38 2.32 -0.15
C PHE A 47 -5.72 3.41 0.87
N TRP A 48 -6.79 4.14 0.61
CA TRP A 48 -7.23 5.22 1.50
C TRP A 48 -8.17 4.68 2.57
N GLY A 49 -8.19 5.34 3.72
CA GLY A 49 -9.06 4.91 4.81
C GLY A 49 -8.70 3.54 5.33
N ASP A 50 -9.69 2.85 5.88
CA ASP A 50 -9.46 1.51 6.43
C ASP A 50 -9.47 0.47 5.32
N ASP A 51 -8.80 0.77 4.21
CA ASP A 51 -8.73 -0.14 3.09
C ASP A 51 -7.48 -1.02 3.17
N TYR A 52 -6.45 -0.50 3.83
CA TYR A 52 -5.19 -1.23 3.97
C TYR A 52 -5.42 -2.56 4.67
N LYS A 53 -6.27 -2.57 5.69
CA LYS A 53 -6.58 -3.78 6.44
C LYS A 53 -7.26 -4.81 5.55
N SER A 54 -7.67 -4.37 4.35
CA SER A 54 -8.35 -5.26 3.41
C SER A 54 -7.35 -5.84 2.42
N HIS A 55 -6.16 -5.26 2.37
CA HIS A 55 -5.11 -5.73 1.47
C HIS A 55 -4.26 -6.81 2.13
N VAL A 56 -4.52 -8.06 1.79
CA VAL A 56 -3.76 -9.18 2.34
C VAL A 56 -2.82 -9.78 1.31
N LYS A 57 -3.33 -10.02 0.11
CA LYS A 57 -2.53 -10.59 -0.97
C LYS A 57 -2.46 -9.64 -2.15
N CYS A 58 -1.25 -9.38 -2.64
CA CYS A 58 -1.04 -8.49 -3.76
C CYS A 58 -1.43 -9.17 -5.07
N ILE A 59 -1.09 -10.45 -5.20
CA ILE A 59 -1.41 -11.21 -6.40
C ILE A 59 -2.82 -11.79 -6.32
N SER A 60 -3.68 -11.15 -5.54
CA SER A 60 -5.05 -11.60 -5.38
C SER A 60 -5.91 -11.11 -6.53
N GLU A 61 -5.88 -9.81 -6.79
CA GLU A 61 -6.66 -9.22 -7.87
C GLU A 61 -5.98 -9.42 -9.22
N GLY A 62 -6.78 -9.66 -10.26
CA GLY A 62 -6.22 -9.87 -11.58
C GLY A 62 -7.27 -9.74 -12.67
N GLN A 63 -7.11 -8.74 -13.53
CA GLN A 63 -8.05 -8.50 -14.62
C GLN A 63 -7.38 -7.71 -15.74
N LYS A 64 -7.62 -8.15 -16.98
CA LYS A 64 -7.06 -7.49 -18.15
C LYS A 64 -8.13 -6.78 -18.95
N TYR A 65 -8.23 -5.46 -18.77
CA TYR A 65 -9.23 -4.67 -19.48
C TYR A 65 -8.56 -3.69 -20.44
N GLY A 66 -7.53 -2.99 -19.95
CA GLY A 66 -6.82 -2.04 -20.78
C GLY A 66 -6.67 -0.70 -20.10
N GLY A 67 -7.27 0.33 -20.69
CA GLY A 67 -7.18 1.67 -20.13
C GLY A 67 -7.47 2.76 -21.15
N LYS A 68 -7.55 3.99 -20.69
CA LYS A 68 -7.82 5.12 -21.57
C LYS A 68 -6.99 5.04 -22.84
N GLY A 69 -7.44 5.69 -23.90
CA GLY A 69 -6.72 5.67 -25.15
C GLY A 69 -5.22 5.79 -24.96
N TYR A 70 -4.48 4.88 -25.60
CA TYR A 70 -3.02 4.88 -25.50
C TYR A 70 -2.41 6.05 -26.25
N GLU A 71 -1.73 6.93 -25.54
CA GLU A 71 -1.10 8.10 -26.15
C GLU A 71 0.29 8.32 -25.58
N ALA A 72 1.29 8.37 -26.45
CA ALA A 72 2.67 8.58 -26.04
C ALA A 72 2.77 9.74 -25.05
N LYS A 73 3.26 9.44 -23.84
CA LYS A 73 3.41 10.46 -22.81
C LYS A 73 4.70 10.24 -22.03
N SER A 74 5.02 11.19 -21.15
CA SER A 74 6.24 11.12 -20.34
C SER A 74 6.11 10.03 -19.28
N GLY A 75 7.23 9.38 -18.97
CA GLY A 75 7.22 8.32 -17.97
C GLY A 75 8.62 7.97 -17.49
N PRO A 76 9.11 8.73 -16.50
CA PRO A 76 10.44 8.50 -15.93
C PRO A 76 10.53 7.21 -15.13
N SER A 77 11.74 6.68 -15.00
CA SER A 77 11.95 5.44 -14.25
C SER A 77 13.44 5.22 -14.00
N SER A 78 13.80 5.12 -12.72
CA SER A 78 15.19 4.90 -12.33
C SER A 78 15.27 4.28 -10.94
N GLY A 79 16.37 3.56 -10.68
CA GLY A 79 16.55 2.93 -9.39
C GLY A 79 17.39 3.77 -8.44
ZN ZN B . 3.29 7.74 9.20
ZN ZN C . 0.43 -5.06 -2.43
N GLY A 1 6.24 -27.43 9.14
CA GLY A 1 6.96 -26.23 8.77
C GLY A 1 7.35 -25.39 9.97
N SER A 2 8.56 -25.60 10.47
CA SER A 2 9.05 -24.87 11.63
C SER A 2 8.81 -23.37 11.46
N SER A 3 8.05 -22.79 12.38
CA SER A 3 7.74 -21.37 12.33
C SER A 3 8.98 -20.57 11.91
N GLY A 4 8.78 -19.65 10.96
CA GLY A 4 9.88 -18.82 10.49
C GLY A 4 9.58 -18.17 9.16
N SER A 5 10.12 -18.73 8.08
CA SER A 5 9.90 -18.18 6.75
C SER A 5 8.46 -17.72 6.58
N SER A 6 8.29 -16.42 6.33
CA SER A 6 6.96 -15.84 6.15
C SER A 6 7.04 -14.54 5.36
N GLY A 7 5.93 -14.20 4.69
CA GLY A 7 5.90 -12.98 3.90
C GLY A 7 4.68 -12.13 4.21
N MET A 8 4.89 -10.83 4.37
CA MET A 8 3.80 -9.90 4.67
C MET A 8 3.86 -8.69 3.76
N VAL A 9 2.77 -7.93 3.73
CA VAL A 9 2.70 -6.73 2.89
C VAL A 9 3.25 -5.52 3.62
N PHE A 10 3.94 -4.64 2.90
CA PHE A 10 4.52 -3.44 3.48
C PHE A 10 3.96 -2.19 2.81
N PHE A 11 3.79 -1.13 3.60
CA PHE A 11 3.26 0.13 3.09
C PHE A 11 4.21 1.28 3.41
N THR A 12 4.26 2.25 2.50
CA THR A 12 5.12 3.42 2.68
C THR A 12 4.34 4.60 3.25
N CYS A 13 4.40 4.76 4.57
CA CYS A 13 3.71 5.85 5.24
C CYS A 13 4.07 7.20 4.61
N ASN A 14 3.10 7.82 3.95
CA ASN A 14 3.31 9.11 3.31
C ASN A 14 3.13 10.25 4.30
N ALA A 15 3.32 9.96 5.58
CA ALA A 15 3.18 10.96 6.63
C ALA A 15 4.53 11.34 7.21
N CYS A 16 5.40 10.35 7.39
CA CYS A 16 6.74 10.59 7.93
C CYS A 16 7.80 9.99 7.03
N GLY A 17 7.55 8.77 6.56
CA GLY A 17 8.51 8.10 5.69
C GLY A 17 9.16 6.90 6.36
N GLU A 18 8.34 5.89 6.66
CA GLU A 18 8.85 4.68 7.31
C GLU A 18 8.17 3.44 6.74
N SER A 19 8.97 2.39 6.51
CA SER A 19 8.44 1.15 5.96
C SER A 19 7.78 0.31 7.05
N VAL A 20 6.46 0.46 7.19
CA VAL A 20 5.71 -0.28 8.19
C VAL A 20 5.15 -1.57 7.61
N LYS A 21 4.96 -2.57 8.47
CA LYS A 21 4.43 -3.86 8.03
C LYS A 21 2.92 -3.91 8.25
N LYS A 22 2.21 -4.53 7.31
CA LYS A 22 0.77 -4.67 7.39
C LYS A 22 0.34 -5.12 8.78
N ILE A 23 1.11 -6.04 9.36
CA ILE A 23 0.80 -6.55 10.69
C ILE A 23 1.13 -5.52 11.76
N GLN A 24 2.14 -4.71 11.51
CA GLN A 24 2.55 -3.68 12.46
C GLN A 24 2.01 -2.31 12.03
N VAL A 25 0.76 -2.28 11.61
CA VAL A 25 0.12 -1.04 11.18
C VAL A 25 -0.45 -0.27 12.37
N GLU A 26 -1.42 -0.89 13.04
CA GLU A 26 -2.06 -0.27 14.19
C GLU A 26 -1.03 0.46 15.05
N LYS A 27 0.01 -0.25 15.44
CA LYS A 27 1.07 0.32 16.27
C LYS A 27 1.56 1.64 15.68
N HIS A 28 1.96 1.61 14.41
CA HIS A 28 2.44 2.80 13.73
C HIS A 28 1.39 3.91 13.74
N VAL A 29 0.31 3.69 12.98
CA VAL A 29 -0.77 4.66 12.90
C VAL A 29 -1.03 5.30 14.26
N SER A 30 -1.07 4.48 15.30
CA SER A 30 -1.32 4.97 16.65
C SER A 30 -0.48 6.21 16.94
N ASN A 31 0.84 6.08 16.81
CA ASN A 31 1.75 7.18 17.06
C ASN A 31 1.70 8.20 15.93
N CYS A 32 1.74 7.70 14.69
CA CYS A 32 1.69 8.56 13.52
C CYS A 32 0.26 9.00 13.22
N ARG A 33 -0.09 10.21 13.65
CA ARG A 33 -1.43 10.74 13.43
C ARG A 33 -1.58 11.26 12.01
N ASN A 34 -0.45 11.61 11.39
CA ASN A 34 -0.46 12.12 10.01
C ASN A 34 -0.67 10.99 9.02
N CYS A 35 -0.38 9.76 9.45
CA CYS A 35 -0.55 8.60 8.59
C CYS A 35 -2.02 8.35 8.27
N GLU A 36 -2.43 8.72 7.06
CA GLU A 36 -3.81 8.54 6.64
C GLU A 36 -3.89 7.64 5.40
N CYS A 37 -2.93 7.80 4.50
CA CYS A 37 -2.90 7.02 3.28
C CYS A 37 -1.70 6.07 3.28
N LEU A 38 -1.88 4.89 2.68
CA LEU A 38 -0.82 3.89 2.62
C LEU A 38 -0.62 3.40 1.18
N SER A 39 0.63 3.29 0.78
CA SER A 39 0.96 2.82 -0.57
C SER A 39 1.81 1.56 -0.52
N CYS A 40 1.24 0.45 -0.98
CA CYS A 40 1.95 -0.82 -0.98
C CYS A 40 3.25 -0.73 -1.79
N ILE A 41 4.28 -1.41 -1.32
CA ILE A 41 5.58 -1.41 -1.99
C ILE A 41 5.84 -2.73 -2.71
N ASP A 42 5.04 -3.74 -2.38
CA ASP A 42 5.17 -5.05 -2.99
C ASP A 42 4.68 -5.03 -4.44
N CYS A 43 3.54 -4.38 -4.65
CA CYS A 43 2.95 -4.29 -5.98
C CYS A 43 2.71 -2.83 -6.37
N GLY A 44 2.20 -2.05 -5.42
CA GLY A 44 1.93 -0.65 -5.68
C GLY A 44 0.45 -0.36 -5.81
N LYS A 45 -0.14 0.18 -4.75
CA LYS A 45 -1.57 0.50 -4.74
C LYS A 45 -1.88 1.57 -3.71
N ASP A 46 -2.93 2.35 -3.96
CA ASP A 46 -3.34 3.41 -3.05
C ASP A 46 -4.46 2.94 -2.13
N PHE A 47 -4.30 3.21 -0.84
CA PHE A 47 -5.30 2.81 0.15
C PHE A 47 -5.75 4.00 0.99
N TRP A 48 -7.06 4.14 1.16
CA TRP A 48 -7.62 5.24 1.94
C TRP A 48 -8.56 4.72 3.01
N GLY A 49 -8.30 5.10 4.26
CA GLY A 49 -9.14 4.65 5.36
C GLY A 49 -8.67 3.35 5.96
N ASP A 50 -9.55 2.35 5.97
CA ASP A 50 -9.21 1.04 6.52
C ASP A 50 -9.41 -0.06 5.49
N ASP A 51 -8.91 0.19 4.27
CA ASP A 51 -9.03 -0.77 3.18
C ASP A 51 -7.80 -1.66 3.12
N TYR A 52 -6.64 -1.08 3.36
CA TYR A 52 -5.38 -1.81 3.32
C TYR A 52 -5.49 -3.12 4.11
N LYS A 53 -6.11 -3.05 5.28
CA LYS A 53 -6.29 -4.23 6.12
C LYS A 53 -6.65 -5.45 5.29
N SER A 54 -7.51 -5.25 4.30
CA SER A 54 -7.94 -6.34 3.42
C SER A 54 -6.95 -6.54 2.28
N HIS A 55 -5.68 -6.33 2.57
CA HIS A 55 -4.62 -6.49 1.58
C HIS A 55 -3.47 -7.32 2.12
N VAL A 56 -3.47 -8.61 1.79
CA VAL A 56 -2.41 -9.52 2.24
C VAL A 56 -1.76 -10.24 1.07
N LYS A 57 -2.49 -10.34 -0.03
CA LYS A 57 -1.97 -11.00 -1.23
C LYS A 57 -2.09 -10.09 -2.45
N CYS A 58 -0.95 -9.70 -3.01
CA CYS A 58 -0.92 -8.83 -4.17
C CYS A 58 -0.90 -9.65 -5.46
N ILE A 59 -0.09 -10.71 -5.47
CA ILE A 59 0.02 -11.58 -6.63
C ILE A 59 -1.34 -12.04 -7.11
N SER A 60 -2.35 -11.93 -6.23
CA SER A 60 -3.70 -12.34 -6.57
C SER A 60 -4.42 -11.25 -7.36
N GLU A 61 -4.79 -11.57 -8.60
CA GLU A 61 -5.48 -10.62 -9.46
C GLU A 61 -6.98 -10.63 -9.18
N GLY A 62 -7.42 -9.69 -8.34
CA GLY A 62 -8.84 -9.60 -8.00
C GLY A 62 -9.22 -8.23 -7.48
N GLN A 63 -8.78 -7.19 -8.18
CA GLN A 63 -9.08 -5.82 -7.77
C GLN A 63 -10.24 -5.26 -8.59
N LYS A 64 -11.45 -5.70 -8.25
CA LYS A 64 -12.65 -5.23 -8.95
C LYS A 64 -12.89 -3.75 -8.70
N TYR A 65 -12.25 -2.92 -9.50
CA TYR A 65 -12.40 -1.47 -9.37
C TYR A 65 -11.91 -0.76 -10.62
N GLY A 66 -12.78 0.07 -11.20
CA GLY A 66 -12.42 0.81 -12.40
C GLY A 66 -12.95 2.22 -12.40
N GLY A 67 -12.06 3.18 -12.64
CA GLY A 67 -12.45 4.57 -12.65
C GLY A 67 -11.27 5.51 -12.57
N LYS A 68 -11.33 6.47 -11.65
CA LYS A 68 -10.25 7.44 -11.48
C LYS A 68 -8.90 6.74 -11.41
N GLY A 69 -7.85 7.47 -11.77
CA GLY A 69 -6.50 6.91 -11.73
C GLY A 69 -5.61 7.49 -12.80
N TYR A 70 -4.30 7.46 -12.56
CA TYR A 70 -3.33 7.99 -13.51
C TYR A 70 -2.39 6.90 -14.01
N GLU A 71 -1.64 7.20 -15.06
CA GLU A 71 -0.71 6.25 -15.63
C GLU A 71 0.70 6.45 -15.07
N ALA A 72 1.52 5.40 -15.14
CA ALA A 72 2.88 5.46 -14.63
C ALA A 72 3.80 6.18 -15.62
N LYS A 73 4.68 7.01 -15.10
CA LYS A 73 5.63 7.76 -15.93
C LYS A 73 6.76 6.86 -16.41
N SER A 74 7.47 7.30 -17.44
CA SER A 74 8.58 6.53 -18.00
C SER A 74 9.64 6.27 -16.93
N GLY A 75 10.73 5.62 -17.34
CA GLY A 75 11.80 5.31 -16.41
C GLY A 75 12.54 6.54 -15.95
N PRO A 76 13.09 6.50 -14.73
CA PRO A 76 13.84 7.61 -14.15
C PRO A 76 15.18 7.84 -14.84
N SER A 77 15.90 8.85 -14.39
CA SER A 77 17.20 9.18 -14.98
C SER A 77 18.24 8.12 -14.63
N SER A 78 19.44 8.26 -15.18
CA SER A 78 20.52 7.32 -14.92
C SER A 78 21.07 7.49 -13.51
N GLY A 79 22.00 6.62 -13.13
CA GLY A 79 22.59 6.69 -11.81
C GLY A 79 23.89 7.47 -11.79
ZN ZN B . 4.36 7.58 9.72
ZN ZN C . 0.37 -4.96 -2.76
N GLY A 1 11.85 -11.52 13.29
CA GLY A 1 12.93 -11.34 12.33
C GLY A 1 12.58 -11.85 10.95
N SER A 2 11.44 -11.42 10.43
CA SER A 2 10.99 -11.84 9.11
C SER A 2 12.12 -11.78 8.10
N SER A 3 12.49 -12.94 7.56
CA SER A 3 13.57 -13.02 6.59
C SER A 3 13.58 -14.38 5.89
N GLY A 4 13.23 -14.37 4.60
CA GLY A 4 13.19 -15.61 3.84
C GLY A 4 12.71 -15.40 2.42
N SER A 5 12.10 -16.43 1.85
CA SER A 5 11.59 -16.36 0.48
C SER A 5 10.35 -15.47 0.42
N SER A 6 9.34 -15.82 1.20
CA SER A 6 8.09 -15.06 1.23
C SER A 6 8.08 -14.07 2.39
N GLY A 7 8.07 -12.79 2.07
CA GLY A 7 8.06 -11.76 3.09
C GLY A 7 6.65 -11.40 3.54
N MET A 8 6.38 -10.11 3.64
CA MET A 8 5.06 -9.62 4.06
C MET A 8 4.75 -8.27 3.44
N VAL A 9 3.55 -8.14 2.89
CA VAL A 9 3.14 -6.89 2.26
C VAL A 9 3.67 -5.69 3.02
N PHE A 10 4.25 -4.74 2.29
CA PHE A 10 4.80 -3.54 2.91
C PHE A 10 4.02 -2.30 2.47
N PHE A 11 4.14 -1.23 3.25
CA PHE A 11 3.44 0.02 2.95
C PHE A 11 4.35 1.22 3.22
N THR A 12 4.11 2.31 2.49
CA THR A 12 4.90 3.52 2.65
C THR A 12 4.05 4.65 3.20
N CYS A 13 4.17 4.90 4.50
CA CYS A 13 3.41 5.96 5.15
C CYS A 13 3.62 7.29 4.44
N ASN A 14 2.54 7.82 3.86
CA ASN A 14 2.60 9.09 3.15
C ASN A 14 2.37 10.27 4.10
N ALA A 15 2.57 10.01 5.39
CA ALA A 15 2.38 11.05 6.41
C ALA A 15 3.73 11.54 6.93
N CYS A 16 4.67 10.63 7.09
CA CYS A 16 5.99 10.96 7.59
C CYS A 16 7.08 10.42 6.67
N GLY A 17 6.92 9.17 6.25
CA GLY A 17 7.89 8.55 5.36
C GLY A 17 8.66 7.43 6.04
N GLU A 18 7.94 6.37 6.41
CA GLU A 18 8.55 5.22 7.06
C GLU A 18 7.89 3.92 6.62
N SER A 19 8.70 2.89 6.43
CA SER A 19 8.18 1.58 6.00
C SER A 19 7.51 0.87 7.16
N VAL A 20 6.19 0.69 7.06
CA VAL A 20 5.43 0.01 8.09
C VAL A 20 5.08 -1.41 7.68
N LYS A 21 5.04 -2.31 8.66
CA LYS A 21 4.71 -3.71 8.40
C LYS A 21 3.21 -3.94 8.50
N LYS A 22 2.67 -4.68 7.53
CA LYS A 22 1.24 -4.98 7.52
C LYS A 22 0.78 -5.48 8.89
N ILE A 23 1.67 -6.14 9.60
CA ILE A 23 1.35 -6.66 10.93
C ILE A 23 1.52 -5.59 12.00
N GLN A 24 2.45 -4.67 11.77
CA GLN A 24 2.72 -3.60 12.72
C GLN A 24 2.14 -2.28 12.21
N VAL A 25 0.92 -2.34 11.67
CA VAL A 25 0.25 -1.15 11.16
C VAL A 25 -0.37 -0.34 12.29
N GLU A 26 -1.30 -0.94 13.00
CA GLU A 26 -1.97 -0.27 14.12
C GLU A 26 -0.97 0.45 15.00
N LYS A 27 0.11 -0.24 15.35
CA LYS A 27 1.15 0.33 16.20
C LYS A 27 1.62 1.67 15.65
N HIS A 28 2.09 1.68 14.41
CA HIS A 28 2.56 2.89 13.77
C HIS A 28 1.45 3.94 13.69
N VAL A 29 0.27 3.50 13.25
CA VAL A 29 -0.87 4.40 13.13
C VAL A 29 -1.13 5.14 14.44
N SER A 30 -0.96 4.44 15.56
CA SER A 30 -1.18 5.03 16.87
C SER A 30 -0.30 6.25 17.07
N ASN A 31 1.01 6.08 16.85
CA ASN A 31 1.96 7.17 17.00
C ASN A 31 1.76 8.23 15.91
N CYS A 32 1.73 7.78 14.66
CA CYS A 32 1.53 8.69 13.54
C CYS A 32 0.07 9.06 13.37
N ARG A 33 -0.28 10.30 13.69
CA ARG A 33 -1.65 10.77 13.56
C ARG A 33 -1.99 11.10 12.11
N ASN A 34 -1.02 11.64 11.39
CA ASN A 34 -1.22 12.00 9.99
C ASN A 34 -1.35 10.75 9.12
N CYS A 35 -0.86 9.63 9.64
CA CYS A 35 -0.92 8.36 8.90
C CYS A 35 -2.36 7.92 8.70
N GLU A 36 -2.87 8.12 7.49
CA GLU A 36 -4.24 7.74 7.17
C GLU A 36 -4.28 6.78 5.98
N CYS A 37 -3.45 7.07 4.98
CA CYS A 37 -3.38 6.23 3.79
C CYS A 37 -2.07 5.44 3.74
N LEU A 38 -2.13 4.25 3.17
CA LEU A 38 -0.95 3.40 3.06
C LEU A 38 -0.77 2.88 1.63
N SER A 39 0.36 3.21 1.02
CA SER A 39 0.64 2.78 -0.34
C SER A 39 1.56 1.56 -0.34
N CYS A 40 1.03 0.44 -0.82
CA CYS A 40 1.79 -0.81 -0.89
C CYS A 40 2.95 -0.67 -1.86
N ILE A 41 4.07 -1.33 -1.53
CA ILE A 41 5.25 -1.29 -2.38
C ILE A 41 5.43 -2.61 -3.13
N ASP A 42 5.03 -3.71 -2.50
CA ASP A 42 5.14 -5.03 -3.10
C ASP A 42 4.56 -5.03 -4.52
N CYS A 43 3.49 -4.26 -4.72
CA CYS A 43 2.84 -4.18 -6.02
C CYS A 43 2.73 -2.73 -6.48
N GLY A 44 2.27 -1.86 -5.58
CA GLY A 44 2.12 -0.45 -5.90
C GLY A 44 0.67 -0.03 -5.98
N LYS A 45 -0.10 -0.36 -4.95
CA LYS A 45 -1.51 0.00 -4.90
C LYS A 45 -1.80 0.91 -3.71
N ASP A 46 -2.44 2.03 -3.99
CA ASP A 46 -2.78 3.00 -2.94
C ASP A 46 -4.08 2.60 -2.23
N PHE A 47 -4.05 2.61 -0.92
CA PHE A 47 -5.22 2.24 -0.12
C PHE A 47 -5.52 3.30 0.93
N TRP A 48 -6.30 4.30 0.55
CA TRP A 48 -6.65 5.39 1.46
C TRP A 48 -7.66 4.91 2.50
N GLY A 49 -7.55 5.44 3.71
CA GLY A 49 -8.47 5.06 4.77
C GLY A 49 -8.23 3.64 5.26
N ASP A 50 -9.26 3.03 5.82
CA ASP A 50 -9.16 1.67 6.33
C ASP A 50 -9.30 0.66 5.19
N ASP A 51 -8.62 0.92 4.08
CA ASP A 51 -8.67 0.04 2.93
C ASP A 51 -7.54 -0.98 2.96
N TYR A 52 -6.36 -0.52 3.37
CA TYR A 52 -5.18 -1.39 3.46
C TYR A 52 -5.55 -2.73 4.08
N LYS A 53 -6.31 -2.68 5.17
CA LYS A 53 -6.72 -3.89 5.88
C LYS A 53 -7.16 -4.96 4.89
N SER A 54 -8.12 -4.61 4.02
CA SER A 54 -8.62 -5.54 3.02
C SER A 54 -7.47 -6.19 2.25
N HIS A 55 -6.49 -5.39 1.87
CA HIS A 55 -5.34 -5.88 1.13
C HIS A 55 -4.62 -6.97 1.92
N VAL A 56 -4.72 -8.20 1.46
CA VAL A 56 -4.07 -9.33 2.11
C VAL A 56 -2.94 -9.89 1.26
N LYS A 57 -3.17 -9.96 -0.05
CA LYS A 57 -2.18 -10.48 -0.98
C LYS A 57 -2.03 -9.57 -2.19
N CYS A 58 -0.94 -9.74 -2.93
CA CYS A 58 -0.69 -8.93 -4.11
C CYS A 58 -0.69 -9.79 -5.37
N ILE A 59 -1.69 -10.67 -5.47
CA ILE A 59 -1.81 -11.55 -6.63
C ILE A 59 -3.24 -11.59 -7.14
N SER A 60 -3.42 -11.32 -8.42
CA SER A 60 -4.74 -11.33 -9.03
C SER A 60 -5.30 -12.74 -9.12
N GLU A 61 -6.58 -12.89 -8.83
CA GLU A 61 -7.24 -14.19 -8.86
C GLU A 61 -8.76 -14.04 -8.93
N GLY A 62 -9.36 -14.70 -9.91
CA GLY A 62 -10.80 -14.62 -10.08
C GLY A 62 -11.24 -13.43 -10.91
N GLN A 63 -12.34 -12.81 -10.50
CA GLN A 63 -12.86 -11.64 -11.21
C GLN A 63 -13.88 -10.89 -10.37
N LYS A 64 -13.92 -9.57 -10.51
CA LYS A 64 -14.85 -8.74 -9.76
C LYS A 64 -15.71 -7.91 -10.71
N TYR A 65 -16.88 -7.48 -10.21
CA TYR A 65 -17.78 -6.66 -11.02
C TYR A 65 -17.32 -5.21 -11.07
N GLY A 66 -17.80 -4.49 -12.07
CA GLY A 66 -17.42 -3.09 -12.22
C GLY A 66 -18.49 -2.27 -12.91
N GLY A 67 -18.88 -1.17 -12.28
CA GLY A 67 -19.90 -0.31 -12.86
C GLY A 67 -19.32 0.84 -13.64
N LYS A 68 -20.05 1.32 -14.64
CA LYS A 68 -19.61 2.43 -15.47
C LYS A 68 -20.51 3.64 -15.30
N GLY A 69 -19.93 4.74 -14.80
CA GLY A 69 -20.70 5.94 -14.59
C GLY A 69 -20.12 7.14 -15.33
N TYR A 70 -20.94 8.14 -15.57
CA TYR A 70 -20.50 9.35 -16.28
C TYR A 70 -20.77 10.60 -15.45
N GLU A 71 -20.23 11.72 -15.89
CA GLU A 71 -20.40 12.99 -15.19
C GLU A 71 -20.45 14.15 -16.17
N ALA A 72 -21.13 15.22 -15.78
CA ALA A 72 -21.26 16.40 -16.62
C ALA A 72 -20.12 17.39 -16.37
N LYS A 73 -20.01 18.40 -17.23
CA LYS A 73 -18.97 19.41 -17.09
C LYS A 73 -18.87 19.89 -15.65
N SER A 74 -17.65 20.28 -15.24
CA SER A 74 -17.42 20.76 -13.89
C SER A 74 -18.06 22.13 -13.68
N GLY A 75 -18.00 22.63 -12.45
CA GLY A 75 -18.58 23.92 -12.15
C GLY A 75 -17.88 25.05 -12.89
N PRO A 76 -18.40 26.28 -12.72
CA PRO A 76 -17.85 27.47 -13.37
C PRO A 76 -16.50 27.87 -12.79
N SER A 77 -15.91 28.92 -13.34
CA SER A 77 -14.61 29.40 -12.88
C SER A 77 -14.76 30.71 -12.09
N SER A 78 -15.79 30.77 -11.25
CA SER A 78 -16.04 31.97 -10.44
C SER A 78 -14.75 32.52 -9.86
N GLY A 79 -14.63 33.84 -9.83
CA GLY A 79 -13.44 34.47 -9.30
C GLY A 79 -13.51 34.66 -7.79
ZN ZN B . 3.90 7.82 9.58
ZN ZN C . 0.38 -4.98 -2.62
N GLY A 1 15.54 -21.56 4.39
CA GLY A 1 14.45 -20.95 3.66
C GLY A 1 14.87 -19.70 2.91
N SER A 2 14.98 -19.82 1.59
CA SER A 2 15.39 -18.69 0.75
C SER A 2 14.33 -18.38 -0.29
N SER A 3 13.88 -19.42 -1.00
CA SER A 3 12.87 -19.26 -2.03
C SER A 3 11.65 -18.52 -1.50
N GLY A 4 11.18 -17.53 -2.24
CA GLY A 4 10.03 -16.76 -1.83
C GLY A 4 9.82 -15.52 -2.68
N SER A 5 8.81 -15.56 -3.54
CA SER A 5 8.51 -14.43 -4.41
C SER A 5 7.91 -13.27 -3.62
N SER A 6 6.93 -13.57 -2.78
CA SER A 6 6.28 -12.55 -1.96
C SER A 6 6.12 -13.03 -0.53
N GLY A 7 6.94 -12.48 0.37
CA GLY A 7 6.88 -12.86 1.76
C GLY A 7 5.76 -12.17 2.50
N MET A 8 5.89 -10.87 2.70
CA MET A 8 4.87 -10.09 3.40
C MET A 8 4.62 -8.76 2.69
N VAL A 9 3.39 -8.25 2.82
CA VAL A 9 3.03 -6.98 2.19
C VAL A 9 3.43 -5.81 3.07
N PHE A 10 4.08 -4.81 2.47
CA PHE A 10 4.52 -3.63 3.19
C PHE A 10 3.78 -2.38 2.71
N PHE A 11 4.12 -1.24 3.28
CA PHE A 11 3.48 0.03 2.91
C PHE A 11 4.38 1.21 3.26
N THR A 12 4.26 2.27 2.48
CA THR A 12 5.06 3.48 2.71
C THR A 12 4.20 4.62 3.24
N CYS A 13 4.34 4.90 4.53
CA CYS A 13 3.57 5.96 5.16
C CYS A 13 3.86 7.31 4.50
N ASN A 14 2.87 7.86 3.81
CA ASN A 14 3.02 9.14 3.14
C ASN A 14 2.78 10.29 4.10
N ALA A 15 2.99 10.03 5.39
CA ALA A 15 2.80 11.06 6.41
C ALA A 15 4.14 11.53 6.97
N CYS A 16 5.01 10.58 7.29
CA CYS A 16 6.33 10.89 7.83
C CYS A 16 7.43 10.35 6.94
N GLY A 17 7.26 9.12 6.48
CA GLY A 17 8.25 8.50 5.62
C GLY A 17 8.98 7.35 6.29
N GLU A 18 8.24 6.29 6.61
CA GLU A 18 8.81 5.12 7.27
C GLU A 18 8.15 3.84 6.79
N SER A 19 8.95 2.81 6.55
CA SER A 19 8.44 1.53 6.08
C SER A 19 7.82 0.74 7.23
N VAL A 20 6.49 0.63 7.21
CA VAL A 20 5.78 -0.10 8.24
C VAL A 20 5.30 -1.45 7.74
N LYS A 21 5.36 -2.46 8.61
CA LYS A 21 4.94 -3.81 8.25
C LYS A 21 3.43 -3.96 8.39
N LYS A 22 2.80 -4.51 7.36
CA LYS A 22 1.35 -4.72 7.37
C LYS A 22 0.88 -5.22 8.72
N ILE A 23 1.71 -6.03 9.38
CA ILE A 23 1.37 -6.59 10.67
C ILE A 23 1.59 -5.55 11.78
N GLN A 24 2.60 -4.70 11.60
CA GLN A 24 2.90 -3.67 12.58
C GLN A 24 2.39 -2.31 12.11
N VAL A 25 1.17 -2.29 11.60
CA VAL A 25 0.55 -1.06 11.13
C VAL A 25 -0.12 -0.30 12.27
N GLU A 26 -0.96 -1.01 13.02
CA GLU A 26 -1.68 -0.41 14.14
C GLU A 26 -0.74 0.45 14.98
N LYS A 27 0.32 -0.16 15.49
CA LYS A 27 1.29 0.55 16.32
C LYS A 27 1.68 1.88 15.67
N HIS A 28 1.89 1.86 14.37
CA HIS A 28 2.26 3.07 13.63
C HIS A 28 1.15 4.10 13.71
N VAL A 29 0.05 3.84 13.01
CA VAL A 29 -1.08 4.77 13.00
C VAL A 29 -1.31 5.38 14.38
N SER A 30 -1.31 4.52 15.40
CA SER A 30 -1.52 4.98 16.77
C SER A 30 -0.70 6.23 17.06
N ASN A 31 0.60 6.16 16.78
CA ASN A 31 1.50 7.28 17.01
C ASN A 31 1.36 8.33 15.90
N CYS A 32 1.62 7.90 14.67
CA CYS A 32 1.53 8.79 13.52
C CYS A 32 0.09 9.20 13.26
N ARG A 33 -0.26 10.42 13.68
CA ARG A 33 -1.62 10.94 13.49
C ARG A 33 -1.84 11.37 12.04
N ASN A 34 -0.76 11.80 11.39
CA ASN A 34 -0.84 12.25 10.00
C ASN A 34 -1.05 11.07 9.07
N CYS A 35 -0.65 9.88 9.50
CA CYS A 35 -0.80 8.68 8.70
C CYS A 35 -2.27 8.45 8.32
N GLU A 36 -2.56 8.57 7.03
CA GLU A 36 -3.92 8.38 6.55
C GLU A 36 -3.93 7.47 5.31
N CYS A 37 -2.90 7.59 4.49
CA CYS A 37 -2.80 6.79 3.27
C CYS A 37 -1.58 5.87 3.33
N LEU A 38 -1.71 4.69 2.75
CA LEU A 38 -0.61 3.72 2.73
C LEU A 38 -0.44 3.12 1.34
N SER A 39 0.70 3.38 0.73
CA SER A 39 1.00 2.87 -0.60
C SER A 39 1.67 1.51 -0.52
N CYS A 40 1.15 0.54 -1.28
CA CYS A 40 1.71 -0.81 -1.29
C CYS A 40 2.97 -0.87 -2.14
N ILE A 41 4.11 -1.12 -1.50
CA ILE A 41 5.38 -1.20 -2.19
C ILE A 41 5.65 -2.62 -2.68
N ASP A 42 4.65 -3.49 -2.51
CA ASP A 42 4.78 -4.88 -2.94
C ASP A 42 4.32 -5.06 -4.38
N CYS A 43 3.30 -4.30 -4.76
CA CYS A 43 2.75 -4.36 -6.12
C CYS A 43 2.52 -2.97 -6.68
N GLY A 44 1.91 -2.11 -5.88
CA GLY A 44 1.64 -0.75 -6.32
C GLY A 44 0.16 -0.41 -6.27
N LYS A 45 -0.31 0.03 -5.12
CA LYS A 45 -1.71 0.40 -4.93
C LYS A 45 -1.89 1.28 -3.71
N ASP A 46 -2.76 2.28 -3.82
CA ASP A 46 -3.04 3.18 -2.71
C ASP A 46 -4.12 2.62 -1.79
N PHE A 47 -4.09 3.02 -0.53
CA PHE A 47 -5.07 2.56 0.44
C PHE A 47 -5.37 3.64 1.48
N TRP A 48 -6.60 4.10 1.49
CA TRP A 48 -7.02 5.14 2.43
C TRP A 48 -7.56 4.53 3.72
N GLY A 49 -7.69 5.36 4.75
CA GLY A 49 -8.20 4.87 6.03
C GLY A 49 -7.78 3.44 6.31
N ASP A 50 -8.74 2.61 6.70
CA ASP A 50 -8.46 1.21 7.00
C ASP A 50 -8.80 0.32 5.82
N ASP A 51 -8.41 0.76 4.63
CA ASP A 51 -8.67 -0.01 3.41
C ASP A 51 -7.71 -1.18 3.30
N TYR A 52 -6.47 -0.98 3.73
CA TYR A 52 -5.46 -2.01 3.67
C TYR A 52 -6.02 -3.36 4.13
N LYS A 53 -6.86 -3.32 5.16
CA LYS A 53 -7.48 -4.53 5.69
C LYS A 53 -7.86 -5.49 4.56
N SER A 54 -8.71 -5.02 3.66
CA SER A 54 -9.15 -5.83 2.53
C SER A 54 -7.97 -6.37 1.75
N HIS A 55 -6.96 -5.52 1.56
CA HIS A 55 -5.75 -5.91 0.82
C HIS A 55 -4.96 -6.96 1.59
N VAL A 56 -5.10 -8.22 1.21
CA VAL A 56 -4.40 -9.31 1.86
C VAL A 56 -3.54 -10.09 0.87
N LYS A 57 -3.78 -9.87 -0.42
CA LYS A 57 -3.03 -10.54 -1.46
C LYS A 57 -2.87 -9.64 -2.68
N CYS A 58 -1.65 -9.57 -3.21
CA CYS A 58 -1.36 -8.74 -4.37
C CYS A 58 -1.35 -9.59 -5.64
N ILE A 59 -2.47 -9.59 -6.35
CA ILE A 59 -2.60 -10.36 -7.59
C ILE A 59 -2.82 -9.44 -8.78
N SER A 60 -2.16 -9.76 -9.89
CA SER A 60 -2.28 -8.97 -11.11
C SER A 60 -3.62 -9.21 -11.79
N GLU A 61 -4.42 -8.16 -11.92
CA GLU A 61 -5.73 -8.26 -12.55
C GLU A 61 -5.71 -7.62 -13.94
N GLY A 62 -6.45 -8.22 -14.87
CA GLY A 62 -6.50 -7.70 -16.22
C GLY A 62 -7.57 -6.63 -16.38
N GLN A 63 -7.15 -5.37 -16.41
CA GLN A 63 -8.07 -4.26 -16.55
C GLN A 63 -8.62 -4.19 -17.97
N LYS A 64 -9.86 -3.73 -18.11
CA LYS A 64 -10.49 -3.61 -19.42
C LYS A 64 -10.49 -2.16 -19.89
N TYR A 65 -11.11 -1.29 -19.11
CA TYR A 65 -11.19 0.13 -19.44
C TYR A 65 -10.19 0.94 -18.63
N GLY A 66 -9.85 2.12 -19.11
CA GLY A 66 -8.91 2.98 -18.42
C GLY A 66 -9.36 4.43 -18.38
N GLY A 67 -8.95 5.14 -17.33
CA GLY A 67 -9.32 6.53 -17.21
C GLY A 67 -8.49 7.45 -18.08
N LYS A 68 -8.77 8.75 -18.02
CA LYS A 68 -8.05 9.73 -18.83
C LYS A 68 -6.65 9.95 -18.27
N GLY A 69 -5.64 9.78 -19.13
CA GLY A 69 -4.26 9.97 -18.70
C GLY A 69 -3.32 8.98 -19.34
N TYR A 70 -2.16 9.46 -19.77
CA TYR A 70 -1.16 8.60 -20.40
C TYR A 70 0.25 9.15 -20.18
N GLU A 71 1.11 8.31 -19.62
CA GLU A 71 2.49 8.71 -19.36
C GLU A 71 3.42 8.23 -20.47
N ALA A 72 4.68 8.64 -20.39
CA ALA A 72 5.67 8.24 -21.39
C ALA A 72 5.71 6.73 -21.56
N LYS A 73 5.16 6.25 -22.67
CA LYS A 73 5.14 4.82 -22.95
C LYS A 73 5.78 4.52 -24.30
N SER A 74 6.37 3.34 -24.42
CA SER A 74 7.03 2.93 -25.66
C SER A 74 6.24 3.41 -26.87
N GLY A 75 6.81 4.37 -27.60
CA GLY A 75 6.15 4.90 -28.78
C GLY A 75 7.08 4.99 -29.97
N PRO A 76 6.70 5.81 -30.96
CA PRO A 76 7.48 6.00 -32.19
C PRO A 76 8.79 6.75 -31.92
N SER A 77 9.51 7.06 -32.99
CA SER A 77 10.78 7.77 -32.87
C SER A 77 10.82 8.97 -33.82
N SER A 78 11.73 9.90 -33.55
CA SER A 78 11.87 11.10 -34.38
C SER A 78 13.08 11.91 -33.94
N GLY A 79 13.36 12.99 -34.68
CA GLY A 79 14.48 13.84 -34.36
C GLY A 79 15.09 14.50 -35.59
ZN ZN B . 4.02 7.86 9.64
ZN ZN C . -0.19 -4.99 -3.02
N GLY A 1 5.18 -17.89 -5.11
CA GLY A 1 4.48 -18.67 -4.11
C GLY A 1 5.20 -18.65 -2.77
N SER A 2 5.95 -19.70 -2.49
CA SER A 2 6.68 -19.82 -1.24
C SER A 2 8.17 -20.06 -1.49
N SER A 3 8.96 -19.00 -1.43
CA SER A 3 10.40 -19.09 -1.66
C SER A 3 11.17 -18.50 -0.49
N GLY A 4 11.91 -19.35 0.23
CA GLY A 4 12.69 -18.88 1.35
C GLY A 4 11.82 -18.39 2.49
N SER A 5 12.36 -17.49 3.31
CA SER A 5 11.63 -16.94 4.45
C SER A 5 11.18 -15.51 4.17
N SER A 6 10.12 -15.37 3.40
CA SER A 6 9.58 -14.06 3.06
C SER A 6 8.25 -14.18 2.34
N GLY A 7 7.49 -13.08 2.32
CA GLY A 7 6.20 -13.09 1.66
C GLY A 7 5.14 -12.33 2.45
N MET A 8 5.37 -11.03 2.63
CA MET A 8 4.44 -10.20 3.38
C MET A 8 4.18 -8.89 2.64
N VAL A 9 2.97 -8.37 2.75
CA VAL A 9 2.60 -7.12 2.10
C VAL A 9 3.07 -5.91 2.91
N PHE A 10 3.99 -5.14 2.34
CA PHE A 10 4.52 -3.96 3.01
C PHE A 10 3.76 -2.71 2.58
N PHE A 11 4.04 -1.60 3.25
CA PHE A 11 3.40 -0.33 2.94
C PHE A 11 4.32 0.84 3.25
N THR A 12 4.06 1.98 2.60
CA THR A 12 4.86 3.18 2.82
C THR A 12 4.00 4.36 3.21
N CYS A 13 3.94 4.63 4.51
CA CYS A 13 3.15 5.73 5.03
C CYS A 13 3.40 7.01 4.24
N ASN A 14 2.39 7.85 4.14
CA ASN A 14 2.50 9.10 3.41
C ASN A 14 2.69 10.28 4.36
N ALA A 15 2.19 10.12 5.58
CA ALA A 15 2.30 11.18 6.59
C ALA A 15 3.76 11.50 6.87
N CYS A 16 4.52 10.49 7.28
CA CYS A 16 5.94 10.68 7.58
C CYS A 16 6.82 10.09 6.48
N GLY A 17 6.47 8.88 6.04
CA GLY A 17 7.24 8.23 4.99
C GLY A 17 8.15 7.14 5.53
N GLU A 18 7.56 6.22 6.29
CA GLU A 18 8.33 5.11 6.87
C GLU A 18 7.73 3.77 6.46
N SER A 19 8.58 2.75 6.41
CA SER A 19 8.15 1.41 6.02
C SER A 19 7.48 0.69 7.20
N VAL A 20 6.17 0.52 7.11
CA VAL A 20 5.40 -0.14 8.16
C VAL A 20 4.96 -1.54 7.73
N LYS A 21 5.15 -2.52 8.61
CA LYS A 21 4.76 -3.89 8.31
C LYS A 21 3.26 -4.10 8.54
N LYS A 22 2.62 -4.78 7.60
CA LYS A 22 1.19 -5.05 7.70
C LYS A 22 0.82 -5.48 9.12
N ILE A 23 1.71 -6.22 9.76
CA ILE A 23 1.48 -6.69 11.12
C ILE A 23 1.72 -5.59 12.14
N GLN A 24 2.64 -4.69 11.81
CA GLN A 24 2.97 -3.57 12.70
C GLN A 24 2.35 -2.27 12.18
N VAL A 25 1.10 -2.34 11.75
CA VAL A 25 0.39 -1.18 11.24
C VAL A 25 -0.26 -0.39 12.37
N GLU A 26 -1.21 -1.02 13.05
CA GLU A 26 -1.92 -0.39 14.14
C GLU A 26 -0.96 0.44 15.00
N LYS A 27 0.14 -0.18 15.41
CA LYS A 27 1.14 0.50 16.24
C LYS A 27 1.56 1.82 15.60
N HIS A 28 2.09 1.74 14.39
CA HIS A 28 2.52 2.94 13.67
C HIS A 28 1.41 3.98 13.62
N VAL A 29 0.27 3.60 13.05
CA VAL A 29 -0.87 4.50 12.93
C VAL A 29 -1.11 5.25 14.25
N SER A 30 -1.20 4.50 15.34
CA SER A 30 -1.43 5.08 16.66
C SER A 30 -0.56 6.32 16.85
N ASN A 31 0.73 6.18 16.59
CA ASN A 31 1.68 7.28 16.73
C ASN A 31 1.50 8.31 15.62
N CYS A 32 1.59 7.85 14.38
CA CYS A 32 1.44 8.73 13.22
C CYS A 32 -0.03 9.10 13.02
N ARG A 33 -0.47 10.13 13.75
CA ARG A 33 -1.85 10.59 13.65
C ARG A 33 -2.17 11.07 12.23
N ASN A 34 -1.15 11.59 11.56
CA ASN A 34 -1.31 12.09 10.20
C ASN A 34 -1.42 10.92 9.20
N CYS A 35 -0.92 9.77 9.60
CA CYS A 35 -0.95 8.59 8.75
C CYS A 35 -2.38 8.12 8.52
N GLU A 36 -2.91 8.39 7.32
CA GLU A 36 -4.27 8.00 6.98
C GLU A 36 -4.29 7.07 5.77
N CYS A 37 -3.37 7.32 4.84
CA CYS A 37 -3.29 6.50 3.63
C CYS A 37 -1.97 5.73 3.59
N LEU A 38 -2.00 4.53 3.01
CA LEU A 38 -0.82 3.70 2.91
C LEU A 38 -0.56 3.29 1.46
N SER A 39 0.71 3.37 1.06
CA SER A 39 1.09 3.02 -0.30
C SER A 39 1.93 1.73 -0.32
N CYS A 40 1.32 0.65 -0.79
CA CYS A 40 2.01 -0.64 -0.87
C CYS A 40 3.27 -0.53 -1.70
N ILE A 41 4.28 -1.33 -1.37
CA ILE A 41 5.53 -1.34 -2.09
C ILE A 41 5.70 -2.62 -2.91
N ASP A 42 5.10 -3.70 -2.42
CA ASP A 42 5.19 -4.99 -3.10
C ASP A 42 4.66 -4.89 -4.53
N CYS A 43 3.57 -4.14 -4.69
CA CYS A 43 2.97 -3.96 -6.01
C CYS A 43 2.75 -2.47 -6.31
N GLY A 44 2.24 -1.74 -5.32
CA GLY A 44 1.99 -0.32 -5.50
C GLY A 44 0.53 -0.02 -5.70
N LYS A 45 -0.14 0.40 -4.62
CA LYS A 45 -1.55 0.74 -4.68
C LYS A 45 -1.93 1.71 -3.56
N ASP A 46 -2.82 2.65 -3.88
CA ASP A 46 -3.27 3.63 -2.90
C ASP A 46 -4.43 3.09 -2.07
N PHE A 47 -4.20 2.96 -0.76
CA PHE A 47 -5.22 2.46 0.15
C PHE A 47 -5.59 3.51 1.20
N TRP A 48 -6.64 4.27 0.91
CA TRP A 48 -7.11 5.31 1.82
C TRP A 48 -8.06 4.74 2.86
N GLY A 49 -8.07 5.34 4.05
CA GLY A 49 -8.93 4.88 5.11
C GLY A 49 -8.55 3.50 5.62
N ASP A 50 -9.51 2.59 5.62
CA ASP A 50 -9.27 1.22 6.09
C ASP A 50 -9.30 0.23 4.93
N ASP A 51 -8.65 0.60 3.82
CA ASP A 51 -8.60 -0.26 2.65
C ASP A 51 -7.40 -1.19 2.70
N TYR A 52 -6.30 -0.70 3.25
CA TYR A 52 -5.08 -1.49 3.35
C TYR A 52 -5.33 -2.77 4.14
N LYS A 53 -6.19 -2.69 5.14
CA LYS A 53 -6.53 -3.83 5.98
C LYS A 53 -6.92 -5.04 5.11
N SER A 54 -7.68 -4.77 4.06
CA SER A 54 -8.13 -5.83 3.15
C SER A 54 -7.13 -6.03 2.03
N HIS A 55 -5.84 -6.02 2.37
CA HIS A 55 -4.78 -6.21 1.38
C HIS A 55 -3.75 -7.22 1.88
N VAL A 56 -3.90 -8.47 1.42
CA VAL A 56 -2.98 -9.53 1.82
C VAL A 56 -2.37 -10.20 0.59
N LYS A 57 -3.04 -10.08 -0.55
CA LYS A 57 -2.56 -10.68 -1.78
C LYS A 57 -2.35 -9.62 -2.86
N CYS A 58 -1.11 -9.43 -3.28
CA CYS A 58 -0.78 -8.45 -4.31
C CYS A 58 -0.96 -9.03 -5.70
N ILE A 59 -2.08 -9.72 -5.91
CA ILE A 59 -2.37 -10.33 -7.20
C ILE A 59 -3.84 -10.19 -7.55
N SER A 60 -4.16 -10.37 -8.84
CA SER A 60 -5.54 -10.25 -9.30
C SER A 60 -6.24 -11.61 -9.26
N GLU A 61 -7.49 -11.61 -8.81
CA GLU A 61 -8.27 -12.84 -8.73
C GLU A 61 -9.46 -12.80 -9.68
N GLY A 62 -9.72 -13.92 -10.34
CA GLY A 62 -10.83 -13.99 -11.26
C GLY A 62 -10.46 -13.53 -12.65
N GLN A 63 -11.47 -13.26 -13.49
CA GLN A 63 -11.24 -12.80 -14.85
C GLN A 63 -11.72 -11.37 -15.02
N LYS A 64 -10.84 -10.51 -15.53
CA LYS A 64 -11.18 -9.10 -15.75
C LYS A 64 -10.83 -8.69 -17.18
N TYR A 65 -11.81 -8.14 -17.88
CA TYR A 65 -11.61 -7.69 -19.26
C TYR A 65 -12.84 -6.98 -19.78
N GLY A 66 -12.62 -5.88 -20.50
CA GLY A 66 -13.73 -5.12 -21.06
C GLY A 66 -13.44 -4.62 -22.47
N GLY A 67 -12.39 -3.83 -22.61
CA GLY A 67 -12.02 -3.30 -23.91
C GLY A 67 -10.67 -2.63 -23.91
N LYS A 68 -10.44 -1.75 -22.94
CA LYS A 68 -9.17 -1.05 -22.82
C LYS A 68 -8.04 -2.00 -22.45
N GLY A 69 -7.20 -2.32 -23.43
CA GLY A 69 -6.08 -3.23 -23.17
C GLY A 69 -5.35 -3.60 -24.44
N TYR A 70 -5.33 -4.90 -24.73
CA TYR A 70 -4.65 -5.40 -25.92
C TYR A 70 -5.23 -4.77 -27.19
N GLU A 71 -4.39 -4.07 -27.93
CA GLU A 71 -4.82 -3.41 -29.16
C GLU A 71 -3.82 -3.67 -30.29
N ALA A 72 -4.29 -4.32 -31.35
CA ALA A 72 -3.44 -4.63 -32.49
C ALA A 72 -4.26 -5.14 -33.67
N LYS A 73 -3.62 -5.27 -34.82
CA LYS A 73 -4.30 -5.75 -36.02
C LYS A 73 -5.30 -6.85 -35.68
N SER A 74 -6.57 -6.61 -36.02
CA SER A 74 -7.63 -7.57 -35.74
C SER A 74 -8.90 -7.21 -36.50
N GLY A 75 -9.60 -8.24 -36.99
CA GLY A 75 -10.82 -8.00 -37.73
C GLY A 75 -11.89 -9.05 -37.43
N PRO A 76 -12.65 -8.82 -36.35
CA PRO A 76 -13.71 -9.73 -35.93
C PRO A 76 -14.90 -9.73 -36.90
N SER A 77 -15.22 -10.90 -37.44
CA SER A 77 -16.32 -11.03 -38.38
C SER A 77 -17.64 -10.60 -37.73
N SER A 78 -18.44 -9.85 -38.48
CA SER A 78 -19.73 -9.38 -37.98
C SER A 78 -20.88 -10.07 -38.69
N GLY A 79 -22.09 -9.81 -38.22
CA GLY A 79 -23.27 -10.42 -38.84
C GLY A 79 -23.84 -9.58 -39.96
ZN ZN B . 3.76 7.70 9.27
ZN ZN C . 0.42 -4.73 -2.81
N GLY A 1 18.87 -19.07 13.16
CA GLY A 1 19.20 -18.17 12.07
C GLY A 1 18.23 -17.02 11.95
N SER A 2 17.21 -17.19 11.10
CA SER A 2 16.21 -16.16 10.90
C SER A 2 14.92 -16.74 10.34
N SER A 3 13.78 -16.31 10.88
CA SER A 3 12.49 -16.80 10.44
C SER A 3 11.45 -15.68 10.43
N GLY A 4 10.32 -15.92 9.77
CA GLY A 4 9.28 -14.93 9.69
C GLY A 4 8.31 -15.19 8.56
N SER A 5 8.10 -14.19 7.71
CA SER A 5 7.18 -14.31 6.59
C SER A 5 7.91 -14.13 5.27
N SER A 6 7.47 -14.85 4.24
CA SER A 6 8.08 -14.76 2.93
C SER A 6 7.42 -13.68 2.08
N GLY A 7 8.22 -12.70 1.67
CA GLY A 7 7.68 -11.61 0.86
C GLY A 7 6.43 -11.01 1.45
N MET A 8 6.46 -10.77 2.76
CA MET A 8 5.32 -10.18 3.45
C MET A 8 4.97 -8.82 2.87
N VAL A 9 3.68 -8.59 2.62
CA VAL A 9 3.22 -7.34 2.07
C VAL A 9 3.68 -6.15 2.93
N PHE A 10 4.22 -5.13 2.27
CA PHE A 10 4.71 -3.95 2.97
C PHE A 10 3.84 -2.74 2.66
N PHE A 11 4.06 -1.65 3.38
CA PHE A 11 3.29 -0.43 3.18
C PHE A 11 4.14 0.81 3.45
N THR A 12 3.89 1.88 2.71
CA THR A 12 4.64 3.12 2.87
C THR A 12 3.72 4.26 3.26
N CYS A 13 3.77 4.66 4.53
CA CYS A 13 2.94 5.74 5.03
C CYS A 13 3.21 7.04 4.26
N ASN A 14 2.21 7.90 4.21
CA ASN A 14 2.34 9.18 3.51
C ASN A 14 2.59 10.32 4.49
N ALA A 15 2.08 10.16 5.71
CA ALA A 15 2.26 11.18 6.74
C ALA A 15 3.74 11.45 7.00
N CYS A 16 4.47 10.40 7.35
CA CYS A 16 5.90 10.52 7.63
C CYS A 16 6.73 9.97 6.48
N GLY A 17 6.40 8.75 6.05
CA GLY A 17 7.13 8.13 4.95
C GLY A 17 8.06 7.03 5.43
N GLU A 18 7.49 6.00 6.06
CA GLU A 18 8.29 4.88 6.56
C GLU A 18 7.65 3.55 6.21
N SER A 19 8.47 2.52 6.03
CA SER A 19 7.98 1.20 5.69
C SER A 19 7.38 0.50 6.90
N VAL A 20 6.06 0.40 6.93
CA VAL A 20 5.37 -0.25 8.04
C VAL A 20 4.93 -1.66 7.67
N LYS A 21 5.05 -2.57 8.63
CA LYS A 21 4.67 -3.97 8.41
C LYS A 21 3.18 -4.17 8.64
N LYS A 22 2.53 -4.84 7.70
CA LYS A 22 1.09 -5.09 7.78
C LYS A 22 0.71 -5.49 9.21
N ILE A 23 1.61 -6.17 9.90
CA ILE A 23 1.36 -6.60 11.27
C ILE A 23 1.67 -5.48 12.26
N GLN A 24 2.65 -4.64 11.92
CA GLN A 24 3.03 -3.53 12.78
C GLN A 24 2.44 -2.22 12.27
N VAL A 25 1.19 -2.28 11.82
CA VAL A 25 0.51 -1.10 11.31
C VAL A 25 -0.11 -0.28 12.45
N GLU A 26 -1.14 -0.84 13.08
CA GLU A 26 -1.81 -0.16 14.19
C GLU A 26 -0.82 0.67 15.00
N LYS A 27 0.19 0.00 15.54
CA LYS A 27 1.21 0.68 16.34
C LYS A 27 1.64 1.98 15.68
N HIS A 28 2.14 1.89 14.46
CA HIS A 28 2.58 3.06 13.72
C HIS A 28 1.48 4.11 13.66
N VAL A 29 0.27 3.67 13.34
CA VAL A 29 -0.88 4.58 13.24
C VAL A 29 -1.06 5.37 14.53
N SER A 30 -0.96 4.67 15.66
CA SER A 30 -1.12 5.30 16.97
C SER A 30 -0.29 6.58 17.05
N ASN A 31 1.01 6.45 16.89
CA ASN A 31 1.92 7.59 16.96
C ASN A 31 1.66 8.55 15.80
N CYS A 32 1.65 8.02 14.58
CA CYS A 32 1.41 8.83 13.40
C CYS A 32 -0.08 9.14 13.25
N ARG A 33 -0.51 10.24 13.85
CA ARG A 33 -1.91 10.65 13.77
C ARG A 33 -2.26 11.12 12.37
N ASN A 34 -1.27 11.65 11.65
CA ASN A 34 -1.48 12.15 10.30
C ASN A 34 -1.61 10.99 9.31
N CYS A 35 -1.07 9.84 9.69
CA CYS A 35 -1.13 8.66 8.84
C CYS A 35 -2.57 8.21 8.61
N GLU A 36 -3.04 8.39 7.38
CA GLU A 36 -4.40 8.01 7.03
C GLU A 36 -4.43 7.10 5.80
N CYS A 37 -3.46 7.30 4.91
CA CYS A 37 -3.36 6.48 3.71
C CYS A 37 -2.02 5.76 3.64
N LEU A 38 -1.99 4.64 2.93
CA LEU A 38 -0.77 3.85 2.80
C LEU A 38 -0.54 3.46 1.34
N SER A 39 0.73 3.22 1.00
CA SER A 39 1.08 2.84 -0.37
C SER A 39 2.05 1.66 -0.36
N CYS A 40 1.54 0.49 -0.77
CA CYS A 40 2.36 -0.71 -0.81
C CYS A 40 3.55 -0.54 -1.76
N ILE A 41 4.63 -1.26 -1.47
CA ILE A 41 5.82 -1.19 -2.30
C ILE A 41 5.96 -2.41 -3.20
N ASP A 42 5.36 -3.52 -2.77
CA ASP A 42 5.41 -4.75 -3.53
C ASP A 42 4.60 -4.62 -4.83
N CYS A 43 3.36 -4.19 -4.71
CA CYS A 43 2.49 -4.02 -5.86
C CYS A 43 2.27 -2.54 -6.16
N GLY A 44 1.93 -1.77 -5.13
CA GLY A 44 1.70 -0.35 -5.31
C GLY A 44 0.23 -0.02 -5.50
N LYS A 45 -0.44 0.33 -4.41
CA LYS A 45 -1.85 0.67 -4.46
C LYS A 45 -2.24 1.58 -3.30
N ASP A 46 -2.69 2.79 -3.62
CA ASP A 46 -3.09 3.74 -2.60
C ASP A 46 -4.27 3.22 -1.78
N PHE A 47 -4.11 3.20 -0.46
CA PHE A 47 -5.16 2.71 0.43
C PHE A 47 -5.62 3.82 1.37
N TRP A 48 -6.70 4.50 0.98
CA TRP A 48 -7.25 5.58 1.79
C TRP A 48 -8.31 5.07 2.75
N GLY A 49 -7.91 4.81 3.99
CA GLY A 49 -8.85 4.31 4.98
C GLY A 49 -8.55 2.88 5.39
N ASP A 50 -9.60 2.06 5.49
CA ASP A 50 -9.44 0.66 5.88
C ASP A 50 -9.44 -0.24 4.65
N ASP A 51 -8.70 0.17 3.62
CA ASP A 51 -8.62 -0.61 2.39
C ASP A 51 -7.48 -1.63 2.46
N TYR A 52 -6.32 -1.18 2.91
CA TYR A 52 -5.16 -2.03 3.03
C TYR A 52 -5.50 -3.33 3.75
N LYS A 53 -6.39 -3.22 4.74
CA LYS A 53 -6.81 -4.37 5.52
C LYS A 53 -7.31 -5.50 4.61
N SER A 54 -7.86 -5.11 3.46
CA SER A 54 -8.38 -6.08 2.51
C SER A 54 -7.43 -6.25 1.33
N HIS A 55 -6.13 -6.29 1.63
CA HIS A 55 -5.11 -6.45 0.60
C HIS A 55 -4.08 -7.51 1.00
N VAL A 56 -4.27 -8.73 0.50
CA VAL A 56 -3.35 -9.82 0.81
C VAL A 56 -2.82 -10.47 -0.47
N LYS A 57 -2.38 -9.64 -1.40
CA LYS A 57 -1.85 -10.14 -2.67
C LYS A 57 -1.22 -8.99 -3.47
N CYS A 58 0.03 -9.20 -3.89
CA CYS A 58 0.74 -8.19 -4.67
C CYS A 58 1.02 -8.70 -6.08
N ILE A 59 1.38 -9.97 -6.19
CA ILE A 59 1.68 -10.58 -7.48
C ILE A 59 0.61 -10.24 -8.50
N SER A 60 -0.64 -10.24 -8.06
CA SER A 60 -1.77 -9.93 -8.95
C SER A 60 -1.78 -8.44 -9.30
N GLU A 61 -1.11 -8.09 -10.39
CA GLU A 61 -1.05 -6.71 -10.83
C GLU A 61 -1.18 -6.61 -12.35
N GLY A 62 -1.44 -5.41 -12.84
CA GLY A 62 -1.57 -5.21 -14.27
C GLY A 62 -2.83 -4.43 -14.63
N GLN A 63 -3.95 -4.82 -14.04
CA GLN A 63 -5.23 -4.16 -14.31
C GLN A 63 -5.02 -2.66 -14.50
N LYS A 64 -5.44 -2.16 -15.66
CA LYS A 64 -5.31 -0.74 -15.98
C LYS A 64 -6.50 0.04 -15.44
N TYR A 65 -6.21 1.06 -14.63
CA TYR A 65 -7.26 1.89 -14.06
C TYR A 65 -6.67 3.14 -13.39
N GLY A 66 -6.99 4.30 -13.93
CA GLY A 66 -6.48 5.54 -13.38
C GLY A 66 -5.64 6.32 -14.37
N GLY A 67 -6.28 7.21 -15.12
CA GLY A 67 -5.57 8.01 -16.09
C GLY A 67 -4.91 9.23 -15.49
N LYS A 68 -5.66 9.95 -14.66
CA LYS A 68 -5.14 11.15 -14.01
C LYS A 68 -5.76 11.33 -12.63
N GLY A 69 -4.93 11.65 -11.65
CA GLY A 69 -5.42 11.85 -10.29
C GLY A 69 -6.10 13.19 -10.12
N TYR A 70 -5.56 14.01 -9.24
CA TYR A 70 -6.13 15.34 -8.98
C TYR A 70 -5.06 16.28 -8.43
N GLU A 71 -5.36 17.58 -8.48
CA GLU A 71 -4.44 18.59 -7.99
C GLU A 71 -3.93 18.24 -6.59
N ALA A 72 -2.91 18.96 -6.13
CA ALA A 72 -2.34 18.73 -4.82
C ALA A 72 -2.97 19.63 -3.77
N LYS A 73 -2.63 19.41 -2.51
CA LYS A 73 -3.16 20.21 -1.42
C LYS A 73 -2.03 20.86 -0.61
N SER A 74 -2.37 21.88 0.17
CA SER A 74 -1.39 22.58 0.98
C SER A 74 -0.42 21.60 1.62
N GLY A 75 0.76 22.12 2.02
CA GLY A 75 1.76 21.27 2.64
C GLY A 75 2.97 22.06 3.11
N PRO A 76 3.53 21.67 4.26
CA PRO A 76 4.70 22.32 4.84
C PRO A 76 5.97 22.08 4.03
N SER A 77 6.88 23.05 4.08
CA SER A 77 8.13 22.93 3.34
C SER A 77 9.25 22.44 4.26
N SER A 78 9.55 23.22 5.29
CA SER A 78 10.60 22.86 6.24
C SER A 78 10.57 23.78 7.46
N GLY A 79 11.41 23.48 8.44
CA GLY A 79 11.46 24.28 9.65
C GLY A 79 12.88 24.62 10.06
ZN ZN B . 3.39 7.77 9.27
ZN ZN C . 1.04 -5.17 -2.14
N GLY A 1 23.02 -7.61 4.43
CA GLY A 1 21.95 -8.23 5.20
C GLY A 1 20.59 -8.01 4.57
N SER A 2 20.43 -8.45 3.33
CA SER A 2 19.16 -8.30 2.62
C SER A 2 18.47 -9.64 2.43
N SER A 3 18.52 -10.48 3.47
CA SER A 3 17.91 -11.81 3.40
C SER A 3 16.65 -11.86 4.28
N GLY A 4 15.49 -11.68 3.65
CA GLY A 4 14.24 -11.71 4.38
C GLY A 4 13.24 -12.67 3.77
N SER A 5 13.48 -13.96 3.96
CA SER A 5 12.58 -14.99 3.41
C SER A 5 11.43 -15.26 4.36
N SER A 6 10.76 -14.19 4.80
CA SER A 6 9.64 -14.31 5.71
C SER A 6 8.32 -14.22 4.96
N GLY A 7 8.23 -13.27 4.03
CA GLY A 7 7.02 -13.10 3.26
C GLY A 7 5.98 -12.27 3.98
N MET A 8 5.97 -10.97 3.70
CA MET A 8 5.02 -10.07 4.34
C MET A 8 4.83 -8.80 3.50
N VAL A 9 3.60 -8.30 3.46
CA VAL A 9 3.30 -7.10 2.70
C VAL A 9 3.72 -5.84 3.47
N PHE A 10 4.32 -4.90 2.75
CA PHE A 10 4.77 -3.65 3.37
C PHE A 10 4.03 -2.45 2.77
N PHE A 11 4.17 -1.30 3.42
CA PHE A 11 3.51 -0.09 2.95
C PHE A 11 4.38 1.14 3.23
N THR A 12 4.21 2.18 2.42
CA THR A 12 4.98 3.41 2.57
C THR A 12 4.09 4.55 3.06
N CYS A 13 4.13 4.80 4.37
CA CYS A 13 3.34 5.87 4.96
C CYS A 13 3.53 7.18 4.21
N ASN A 14 2.48 7.62 3.52
CA ASN A 14 2.54 8.87 2.75
C ASN A 14 2.26 10.06 3.64
N ALA A 15 2.36 9.86 4.95
CA ALA A 15 2.13 10.93 5.92
C ALA A 15 3.45 11.41 6.53
N CYS A 16 4.37 10.48 6.75
CA CYS A 16 5.66 10.82 7.33
C CYS A 16 6.80 10.25 6.48
N GLY A 17 6.64 8.99 6.07
CA GLY A 17 7.67 8.35 5.26
C GLY A 17 8.46 7.32 6.04
N GLU A 18 7.79 6.23 6.43
CA GLU A 18 8.45 5.17 7.19
C GLU A 18 7.96 3.80 6.74
N SER A 19 8.88 2.87 6.59
CA SER A 19 8.54 1.52 6.16
C SER A 19 7.93 0.72 7.30
N VAL A 20 6.63 0.44 7.19
CA VAL A 20 5.92 -0.32 8.21
C VAL A 20 5.34 -1.61 7.64
N LYS A 21 5.27 -2.64 8.47
CA LYS A 21 4.74 -3.93 8.05
C LYS A 21 3.22 -3.90 8.00
N LYS A 22 2.61 -5.00 7.56
CA LYS A 22 1.17 -5.10 7.46
C LYS A 22 0.53 -5.08 8.84
N ILE A 23 1.04 -5.92 9.74
CA ILE A 23 0.53 -6.01 11.10
C ILE A 23 1.02 -4.84 11.95
N GLN A 24 2.22 -4.36 11.64
CA GLN A 24 2.80 -3.24 12.38
C GLN A 24 1.93 -1.99 12.24
N VAL A 25 1.35 -1.82 11.06
CA VAL A 25 0.50 -0.66 10.79
C VAL A 25 -0.31 -0.28 12.02
N GLU A 26 -0.83 -1.28 12.71
CA GLU A 26 -1.63 -1.05 13.91
C GLU A 26 -0.91 -0.11 14.87
N LYS A 27 0.27 -0.53 15.33
CA LYS A 27 1.06 0.26 16.26
C LYS A 27 1.39 1.63 15.66
N HIS A 28 1.85 1.63 14.41
CA HIS A 28 2.19 2.88 13.73
C HIS A 28 1.05 3.88 13.83
N VAL A 29 -0.07 3.57 13.17
CA VAL A 29 -1.23 4.45 13.19
C VAL A 29 -1.41 5.12 14.54
N SER A 30 -1.20 4.33 15.60
CA SER A 30 -1.34 4.85 16.97
C SER A 30 -0.45 6.07 17.18
N ASN A 31 0.79 5.97 16.73
CA ASN A 31 1.75 7.06 16.87
C ASN A 31 1.51 8.14 15.80
N CYS A 32 1.56 7.72 14.54
CA CYS A 32 1.35 8.65 13.42
C CYS A 32 -0.09 9.13 13.39
N ARG A 33 -0.27 10.43 13.21
CA ARG A 33 -1.60 11.03 13.16
C ARG A 33 -2.02 11.29 11.71
N ASN A 34 -1.11 11.82 10.92
CA ASN A 34 -1.37 12.12 9.52
C ASN A 34 -1.53 10.84 8.71
N CYS A 35 -1.27 9.71 9.35
CA CYS A 35 -1.38 8.41 8.68
C CYS A 35 -2.83 8.10 8.36
N GLU A 36 -3.18 8.21 7.08
CA GLU A 36 -4.54 7.95 6.63
C GLU A 36 -4.55 6.96 5.47
N CYS A 37 -3.60 7.13 4.56
CA CYS A 37 -3.49 6.25 3.39
C CYS A 37 -2.18 5.48 3.41
N LEU A 38 -2.22 4.26 2.90
CA LEU A 38 -1.02 3.41 2.86
C LEU A 38 -0.80 2.85 1.46
N SER A 39 0.32 3.23 0.84
CA SER A 39 0.64 2.77 -0.49
C SER A 39 1.61 1.59 -0.44
N CYS A 40 1.10 0.40 -0.69
CA CYS A 40 1.92 -0.82 -0.67
C CYS A 40 3.17 -0.64 -1.53
N ILE A 41 4.22 -1.36 -1.18
CA ILE A 41 5.48 -1.29 -1.92
C ILE A 41 5.70 -2.55 -2.73
N ASP A 42 5.12 -3.65 -2.30
CA ASP A 42 5.25 -4.92 -3.00
C ASP A 42 4.71 -4.82 -4.42
N CYS A 43 3.47 -4.35 -4.55
CA CYS A 43 2.84 -4.20 -5.85
C CYS A 43 2.74 -2.73 -6.24
N GLY A 44 2.33 -1.89 -5.29
CA GLY A 44 2.20 -0.47 -5.57
C GLY A 44 0.76 -0.04 -5.74
N LYS A 45 -0.05 -0.26 -4.71
CA LYS A 45 -1.46 0.11 -4.75
C LYS A 45 -1.82 1.04 -3.59
N ASP A 46 -2.53 2.11 -3.89
CA ASP A 46 -2.94 3.07 -2.86
C ASP A 46 -4.16 2.56 -2.12
N PHE A 47 -4.15 2.75 -0.79
CA PHE A 47 -5.26 2.30 0.04
C PHE A 47 -5.68 3.40 1.01
N TRP A 48 -6.63 4.24 0.58
CA TRP A 48 -7.11 5.34 1.42
C TRP A 48 -8.11 4.83 2.45
N GLY A 49 -8.09 5.44 3.64
CA GLY A 49 -8.99 5.04 4.70
C GLY A 49 -8.67 3.66 5.25
N ASP A 50 -9.70 2.96 5.70
CA ASP A 50 -9.51 1.62 6.27
C ASP A 50 -9.50 0.57 5.16
N ASP A 51 -8.84 0.89 4.05
CA ASP A 51 -8.76 -0.02 2.92
C ASP A 51 -7.50 -0.88 3.00
N TYR A 52 -6.45 -0.32 3.61
CA TYR A 52 -5.18 -1.01 3.75
C TYR A 52 -5.38 -2.37 4.44
N LYS A 53 -6.15 -2.36 5.52
CA LYS A 53 -6.42 -3.59 6.28
C LYS A 53 -7.05 -4.63 5.38
N SER A 54 -7.71 -4.19 4.31
CA SER A 54 -8.36 -5.10 3.38
C SER A 54 -7.35 -5.71 2.42
N HIS A 55 -6.21 -5.06 2.28
CA HIS A 55 -5.15 -5.53 1.39
C HIS A 55 -4.36 -6.67 2.05
N VAL A 56 -4.69 -7.90 1.68
CA VAL A 56 -4.01 -9.07 2.22
C VAL A 56 -3.00 -9.63 1.25
N LYS A 57 -3.40 -9.78 -0.01
CA LYS A 57 -2.53 -10.29 -1.06
C LYS A 57 -2.27 -9.25 -2.13
N CYS A 58 -1.18 -9.42 -2.86
CA CYS A 58 -0.82 -8.49 -3.92
C CYS A 58 -1.18 -9.05 -5.29
N ILE A 59 -2.45 -9.42 -5.45
CA ILE A 59 -2.94 -9.96 -6.72
C ILE A 59 -3.16 -8.87 -7.75
N SER A 60 -2.77 -9.13 -8.99
CA SER A 60 -2.92 -8.16 -10.06
C SER A 60 -4.35 -8.18 -10.61
N GLU A 61 -4.74 -7.10 -11.28
CA GLU A 61 -6.07 -7.00 -11.85
C GLU A 61 -6.05 -7.26 -13.35
N GLY A 62 -7.10 -7.90 -13.86
CA GLY A 62 -7.17 -8.20 -15.28
C GLY A 62 -8.57 -8.59 -15.70
N GLN A 63 -9.26 -9.37 -14.88
CA GLN A 63 -10.61 -9.81 -15.18
C GLN A 63 -11.64 -8.77 -14.75
N LYS A 64 -11.42 -7.53 -15.16
CA LYS A 64 -12.33 -6.44 -14.81
C LYS A 64 -12.55 -5.52 -16.00
N TYR A 65 -13.81 -5.27 -16.34
CA TYR A 65 -14.16 -4.40 -17.46
C TYR A 65 -13.61 -2.99 -17.25
N GLY A 66 -12.42 -2.74 -17.80
CA GLY A 66 -11.80 -1.43 -17.66
C GLY A 66 -10.53 -1.31 -18.46
N GLY A 67 -10.58 -0.56 -19.56
CA GLY A 67 -9.42 -0.37 -20.40
C GLY A 67 -8.77 0.98 -20.20
N LYS A 68 -8.27 1.23 -18.99
CA LYS A 68 -7.62 2.50 -18.68
C LYS A 68 -6.50 2.80 -19.66
N GLY A 69 -5.55 1.87 -19.78
CA GLY A 69 -4.43 2.05 -20.68
C GLY A 69 -4.24 0.86 -21.59
N TYR A 70 -4.79 0.93 -22.80
CA TYR A 70 -4.68 -0.14 -23.77
C TYR A 70 -3.33 -0.83 -23.65
N GLU A 71 -2.26 -0.03 -23.61
CA GLU A 71 -0.91 -0.56 -23.50
C GLU A 71 -0.29 -0.23 -22.15
N ALA A 72 0.01 -1.26 -21.37
CA ALA A 72 0.60 -1.07 -20.05
C ALA A 72 1.59 -2.19 -19.73
N LYS A 73 2.21 -2.10 -18.56
CA LYS A 73 3.19 -3.10 -18.14
C LYS A 73 2.58 -4.04 -17.10
N SER A 74 2.31 -5.27 -17.50
CA SER A 74 1.74 -6.27 -16.61
C SER A 74 1.95 -7.68 -17.14
N GLY A 75 1.72 -8.67 -16.29
CA GLY A 75 1.89 -10.06 -16.70
C GLY A 75 0.59 -10.83 -16.67
N PRO A 76 -0.10 -10.88 -17.82
CA PRO A 76 -1.37 -11.60 -17.95
C PRO A 76 -1.21 -13.11 -17.87
N SER A 77 -2.25 -13.79 -17.42
CA SER A 77 -2.21 -15.24 -17.30
C SER A 77 -2.80 -15.91 -18.53
N SER A 78 -2.79 -17.25 -18.55
CA SER A 78 -3.31 -18.00 -19.67
C SER A 78 -4.68 -18.60 -19.34
N GLY A 79 -5.39 -19.04 -20.38
CA GLY A 79 -6.71 -19.62 -20.17
C GLY A 79 -7.47 -19.78 -21.46
ZN ZN B . 3.60 7.74 9.46
ZN ZN C . 0.59 -4.99 -2.44
N GLY A 1 5.91 -17.74 10.58
CA GLY A 1 7.29 -17.31 10.45
C GLY A 1 7.63 -16.87 9.04
N SER A 2 8.88 -16.46 8.83
CA SER A 2 9.32 -16.01 7.53
C SER A 2 10.55 -16.79 7.07
N SER A 3 10.87 -16.69 5.79
CA SER A 3 12.02 -17.39 5.23
C SER A 3 13.24 -16.47 5.15
N GLY A 4 12.99 -15.18 4.94
CA GLY A 4 14.07 -14.22 4.85
C GLY A 4 13.58 -12.82 4.55
N SER A 5 13.19 -12.58 3.30
CA SER A 5 12.70 -11.27 2.88
C SER A 5 11.17 -11.24 2.90
N SER A 6 10.55 -12.28 2.36
CA SER A 6 9.09 -12.36 2.30
C SER A 6 8.52 -12.61 3.70
N GLY A 7 7.28 -12.19 3.90
CA GLY A 7 6.63 -12.37 5.19
C GLY A 7 5.26 -11.73 5.25
N MET A 8 5.23 -10.41 5.22
CA MET A 8 3.97 -9.66 5.28
C MET A 8 4.00 -8.48 4.32
N VAL A 9 2.82 -7.91 4.05
CA VAL A 9 2.72 -6.77 3.15
C VAL A 9 3.26 -5.50 3.80
N PHE A 10 3.97 -4.71 3.02
CA PHE A 10 4.55 -3.46 3.52
C PHE A 10 3.86 -2.26 2.90
N PHE A 11 3.97 -1.10 3.56
CA PHE A 11 3.36 0.12 3.07
C PHE A 11 4.25 1.32 3.33
N THR A 12 4.15 2.33 2.48
CA THR A 12 4.96 3.54 2.61
C THR A 12 4.13 4.70 3.14
N CYS A 13 4.18 4.91 4.46
CA CYS A 13 3.43 5.99 5.09
C CYS A 13 3.64 7.32 4.34
N ASN A 14 2.58 7.82 3.73
CA ASN A 14 2.65 9.08 2.99
C ASN A 14 2.45 10.27 3.92
N ALA A 15 2.57 10.03 5.22
CA ALA A 15 2.41 11.09 6.21
C ALA A 15 3.77 11.52 6.78
N CYS A 16 4.68 10.57 6.90
CA CYS A 16 6.01 10.85 7.43
C CYS A 16 7.08 10.29 6.51
N GLY A 17 6.88 9.06 6.03
CA GLY A 17 7.84 8.44 5.15
C GLY A 17 8.64 7.34 5.83
N GLU A 18 7.96 6.28 6.22
CA GLU A 18 8.61 5.16 6.89
C GLU A 18 8.00 3.83 6.45
N SER A 19 8.85 2.81 6.31
CA SER A 19 8.40 1.49 5.89
C SER A 19 7.77 0.73 7.07
N VAL A 20 6.45 0.56 7.01
CA VAL A 20 5.73 -0.14 8.06
C VAL A 20 5.14 -1.45 7.54
N LYS A 21 5.24 -2.50 8.36
CA LYS A 21 4.72 -3.81 7.99
C LYS A 21 3.22 -3.89 8.24
N LYS A 22 2.56 -4.86 7.60
CA LYS A 22 1.12 -5.05 7.76
C LYS A 22 0.76 -5.25 9.23
N ILE A 23 1.67 -5.87 9.98
CA ILE A 23 1.44 -6.13 11.40
C ILE A 23 1.85 -4.93 12.24
N GLN A 24 2.79 -4.14 11.73
CA GLN A 24 3.28 -2.96 12.44
C GLN A 24 2.44 -1.74 12.08
N VAL A 25 1.22 -1.98 11.60
CA VAL A 25 0.33 -0.89 11.22
C VAL A 25 -0.43 -0.35 12.43
N GLU A 26 -1.08 -1.25 13.16
CA GLU A 26 -1.84 -0.86 14.34
C GLU A 26 -1.01 0.04 15.25
N LYS A 27 0.22 -0.36 15.53
CA LYS A 27 1.11 0.41 16.39
C LYS A 27 1.47 1.74 15.73
N HIS A 28 2.12 1.67 14.57
CA HIS A 28 2.52 2.87 13.84
C HIS A 28 1.38 3.90 13.82
N VAL A 29 0.23 3.49 13.30
CA VAL A 29 -0.94 4.37 13.23
C VAL A 29 -1.16 5.10 14.54
N SER A 30 -0.97 4.38 15.65
CA SER A 30 -1.15 4.96 16.98
C SER A 30 -0.29 6.20 17.15
N ASN A 31 0.97 6.10 16.78
CA ASN A 31 1.91 7.22 16.90
C ASN A 31 1.68 8.23 15.77
N CYS A 32 1.73 7.75 14.53
CA CYS A 32 1.53 8.61 13.37
C CYS A 32 0.07 9.03 13.25
N ARG A 33 -0.21 10.28 13.60
CA ARG A 33 -1.57 10.80 13.54
C ARG A 33 -1.94 11.16 12.10
N ASN A 34 -0.97 11.71 11.36
CA ASN A 34 -1.20 12.11 9.98
C ASN A 34 -1.39 10.88 9.09
N CYS A 35 -0.89 9.74 9.55
CA CYS A 35 -1.00 8.50 8.80
C CYS A 35 -2.46 8.18 8.47
N GLU A 36 -2.84 8.42 7.22
CA GLU A 36 -4.21 8.16 6.78
C GLU A 36 -4.23 7.18 5.61
N CYS A 37 -3.36 7.43 4.63
CA CYS A 37 -3.28 6.57 3.45
C CYS A 37 -2.02 5.71 3.48
N LEU A 38 -2.15 4.47 3.04
CA LEU A 38 -1.02 3.54 3.02
C LEU A 38 -0.95 2.79 1.70
N SER A 39 0.07 3.11 0.91
CA SER A 39 0.26 2.47 -0.39
C SER A 39 1.24 1.31 -0.30
N CYS A 40 0.80 0.13 -0.71
CA CYS A 40 1.64 -1.06 -0.67
C CYS A 40 2.88 -0.89 -1.55
N ILE A 41 3.98 -1.51 -1.14
CA ILE A 41 5.22 -1.42 -1.89
C ILE A 41 5.53 -2.73 -2.61
N ASP A 42 5.08 -3.84 -2.02
CA ASP A 42 5.30 -5.16 -2.59
C ASP A 42 4.80 -5.22 -4.03
N CYS A 43 3.55 -4.80 -4.23
CA CYS A 43 2.95 -4.81 -5.57
C CYS A 43 2.83 -3.38 -6.11
N GLY A 44 2.37 -2.47 -5.25
CA GLY A 44 2.21 -1.09 -5.67
C GLY A 44 0.76 -0.70 -5.85
N LYS A 45 0.14 -0.20 -4.78
CA LYS A 45 -1.26 0.21 -4.83
C LYS A 45 -1.61 1.07 -3.62
N ASP A 46 -2.23 2.22 -3.89
CA ASP A 46 -2.61 3.14 -2.83
C ASP A 46 -3.87 2.65 -2.13
N PHE A 47 -3.88 2.74 -0.80
CA PHE A 47 -5.03 2.30 -0.02
C PHE A 47 -5.41 3.35 1.02
N TRP A 48 -6.49 4.08 0.74
CA TRP A 48 -6.96 5.13 1.64
C TRP A 48 -7.93 4.56 2.67
N GLY A 49 -8.12 5.29 3.77
CA GLY A 49 -9.02 4.84 4.81
C GLY A 49 -8.73 3.42 5.26
N ASP A 50 -9.78 2.67 5.55
CA ASP A 50 -9.64 1.29 5.99
C ASP A 50 -9.53 0.35 4.79
N ASP A 51 -8.67 0.69 3.85
CA ASP A 51 -8.47 -0.12 2.65
C ASP A 51 -7.33 -1.11 2.85
N TYR A 52 -6.17 -0.60 3.23
CA TYR A 52 -4.99 -1.44 3.46
C TYR A 52 -5.39 -2.79 4.03
N LYS A 53 -6.42 -2.79 4.88
CA LYS A 53 -6.91 -4.01 5.50
C LYS A 53 -7.38 -5.01 4.45
N SER A 54 -8.38 -4.60 3.66
CA SER A 54 -8.93 -5.46 2.62
C SER A 54 -7.81 -6.07 1.78
N HIS A 55 -6.66 -5.42 1.78
CA HIS A 55 -5.50 -5.90 1.02
C HIS A 55 -4.60 -6.76 1.89
N VAL A 56 -4.75 -8.07 1.75
CA VAL A 56 -3.94 -9.02 2.52
C VAL A 56 -2.92 -9.72 1.64
N LYS A 57 -3.25 -9.87 0.36
CA LYS A 57 -2.37 -10.53 -0.59
C LYS A 57 -2.00 -9.59 -1.73
N CYS A 58 -0.87 -9.85 -2.38
CA CYS A 58 -0.42 -9.04 -3.49
C CYS A 58 -0.75 -9.69 -4.82
N ILE A 59 -1.99 -10.16 -4.95
CA ILE A 59 -2.44 -10.81 -6.17
C ILE A 59 -3.43 -9.93 -6.94
N SER A 60 -4.35 -9.33 -6.20
CA SER A 60 -5.35 -8.45 -6.81
C SER A 60 -4.80 -7.05 -7.03
N GLU A 61 -4.28 -6.81 -8.23
CA GLU A 61 -3.71 -5.51 -8.57
C GLU A 61 -4.68 -4.72 -9.44
N GLY A 62 -4.59 -3.39 -9.35
CA GLY A 62 -5.46 -2.53 -10.13
C GLY A 62 -4.69 -1.61 -11.05
N GLN A 63 -5.29 -1.27 -12.20
CA GLN A 63 -4.65 -0.39 -13.16
C GLN A 63 -4.41 0.99 -12.56
N LYS A 64 -3.20 1.51 -12.73
CA LYS A 64 -2.83 2.82 -12.21
C LYS A 64 -3.96 3.83 -12.46
N TYR A 65 -4.36 4.52 -11.41
CA TYR A 65 -5.43 5.51 -11.51
C TYR A 65 -5.48 6.39 -10.27
N GLY A 66 -5.76 7.67 -10.47
CA GLY A 66 -5.83 8.60 -9.36
C GLY A 66 -5.11 9.90 -9.63
N GLY A 67 -3.79 9.89 -9.46
CA GLY A 67 -3.00 11.09 -9.70
C GLY A 67 -3.43 11.84 -10.94
N LYS A 68 -3.96 13.04 -10.76
CA LYS A 68 -4.42 13.86 -11.88
C LYS A 68 -3.27 14.70 -12.44
N GLY A 69 -3.31 14.92 -13.75
CA GLY A 69 -2.26 15.70 -14.40
C GLY A 69 -1.77 16.83 -13.51
N TYR A 70 -2.69 17.64 -13.01
CA TYR A 70 -2.33 18.76 -12.14
C TYR A 70 -2.25 18.32 -10.68
N GLU A 71 -1.34 18.92 -9.94
CA GLU A 71 -1.16 18.60 -8.52
C GLU A 71 -0.52 19.76 -7.77
N ALA A 72 -0.24 19.54 -6.49
CA ALA A 72 0.38 20.57 -5.66
C ALA A 72 1.56 20.02 -4.89
N LYS A 73 2.77 20.30 -5.37
CA LYS A 73 3.99 19.82 -4.72
C LYS A 73 4.05 20.31 -3.28
N SER A 74 5.04 19.81 -2.53
CA SER A 74 5.22 20.19 -1.14
C SER A 74 5.48 21.69 -1.02
N GLY A 75 5.12 22.26 0.14
CA GLY A 75 5.33 23.68 0.35
C GLY A 75 6.24 23.96 1.54
N PRO A 76 7.55 24.00 1.28
CA PRO A 76 8.55 24.26 2.33
C PRO A 76 8.50 25.70 2.83
N SER A 77 8.78 25.86 4.12
CA SER A 77 8.77 27.19 4.73
C SER A 77 10.00 27.40 5.61
N SER A 78 10.13 28.61 6.15
CA SER A 78 11.26 28.93 7.01
C SER A 78 11.63 27.75 7.90
N GLY A 79 12.81 27.17 7.65
CA GLY A 79 13.26 26.04 8.44
C GLY A 79 12.31 24.86 8.35
ZN ZN B . 3.98 7.61 9.54
ZN ZN C . 0.58 -5.59 -2.16
N GLY A 1 20.02 -18.22 5.92
CA GLY A 1 18.66 -17.75 6.11
C GLY A 1 17.66 -18.50 5.25
N SER A 2 16.87 -19.36 5.87
CA SER A 2 15.88 -20.15 5.16
C SER A 2 14.93 -19.24 4.38
N SER A 3 14.35 -18.26 5.06
CA SER A 3 13.42 -17.33 4.43
C SER A 3 13.46 -15.98 5.13
N GLY A 4 13.47 -14.91 4.34
CA GLY A 4 13.49 -13.57 4.89
C GLY A 4 12.12 -12.92 4.90
N SER A 5 12.10 -11.59 4.84
CA SER A 5 10.85 -10.85 4.87
C SER A 5 10.77 -9.89 3.68
N SER A 6 11.15 -10.38 2.50
CA SER A 6 11.11 -9.56 1.29
C SER A 6 9.74 -9.61 0.63
N GLY A 7 9.11 -10.79 0.70
CA GLY A 7 7.79 -10.95 0.10
C GLY A 7 6.70 -10.31 0.92
N MET A 8 6.80 -10.44 2.24
CA MET A 8 5.80 -9.86 3.14
C MET A 8 5.30 -8.52 2.61
N VAL A 9 3.98 -8.34 2.65
CA VAL A 9 3.37 -7.11 2.17
C VAL A 9 3.82 -5.91 3.00
N PHE A 10 4.31 -4.88 2.31
CA PHE A 10 4.79 -3.68 2.98
C PHE A 10 3.92 -2.47 2.60
N PHE A 11 4.08 -1.39 3.34
CA PHE A 11 3.32 -0.17 3.09
C PHE A 11 4.15 1.08 3.43
N THR A 12 4.00 2.12 2.62
CA THR A 12 4.73 3.36 2.83
C THR A 12 3.80 4.48 3.28
N CYS A 13 3.97 4.91 4.52
CA CYS A 13 3.14 5.97 5.08
C CYS A 13 3.35 7.29 4.33
N ASN A 14 2.34 8.14 4.34
CA ASN A 14 2.42 9.43 3.65
C ASN A 14 2.65 10.55 4.65
N ALA A 15 2.13 10.40 5.86
CA ALA A 15 2.28 11.40 6.91
C ALA A 15 3.75 11.64 7.22
N CYS A 16 4.46 10.58 7.61
CA CYS A 16 5.87 10.68 7.93
C CYS A 16 6.73 10.10 6.81
N GLY A 17 6.38 8.90 6.36
CA GLY A 17 7.13 8.25 5.30
C GLY A 17 8.10 7.21 5.82
N GLU A 18 7.56 6.19 6.49
CA GLU A 18 8.38 5.13 7.05
C GLU A 18 7.89 3.76 6.57
N SER A 19 8.79 2.78 6.55
CA SER A 19 8.44 1.43 6.12
C SER A 19 7.84 0.64 7.27
N VAL A 20 6.51 0.62 7.32
CA VAL A 20 5.79 -0.11 8.36
C VAL A 20 5.37 -1.50 7.88
N LYS A 21 5.45 -2.48 8.77
CA LYS A 21 5.08 -3.85 8.44
C LYS A 21 3.59 -4.07 8.67
N LYS A 22 2.97 -4.85 7.79
CA LYS A 22 1.55 -5.15 7.90
C LYS A 22 1.17 -5.49 9.33
N ILE A 23 1.75 -6.57 9.85
CA ILE A 23 1.48 -7.00 11.22
C ILE A 23 1.74 -5.87 12.21
N GLN A 24 2.46 -4.85 11.77
CA GLN A 24 2.78 -3.72 12.62
C GLN A 24 2.16 -2.43 12.07
N VAL A 25 0.88 -2.51 11.72
CA VAL A 25 0.16 -1.36 11.19
C VAL A 25 -0.44 -0.52 12.30
N GLU A 26 -1.16 -1.18 13.21
CA GLU A 26 -1.79 -0.49 14.33
C GLU A 26 -0.77 0.36 15.09
N LYS A 27 0.27 -0.29 15.60
CA LYS A 27 1.32 0.39 16.35
C LYS A 27 1.67 1.73 15.69
N HIS A 28 2.07 1.67 14.42
CA HIS A 28 2.43 2.88 13.68
C HIS A 28 1.30 3.90 13.73
N VAL A 29 0.12 3.51 13.25
CA VAL A 29 -1.04 4.39 13.24
C VAL A 29 -1.20 5.10 14.58
N SER A 30 -1.01 4.36 15.66
CA SER A 30 -1.14 4.91 17.00
C SER A 30 -0.36 6.22 17.13
N ASN A 31 0.95 6.13 16.94
CA ASN A 31 1.81 7.32 17.03
C ASN A 31 1.51 8.28 15.90
N CYS A 32 1.41 7.75 14.68
CA CYS A 32 1.12 8.57 13.51
C CYS A 32 -0.37 8.79 13.33
N ARG A 33 -0.87 9.89 13.88
CA ARG A 33 -2.29 10.22 13.78
C ARG A 33 -2.60 10.91 12.46
N ASN A 34 -1.80 10.64 11.44
CA ASN A 34 -1.98 11.25 10.13
C ASN A 34 -2.00 10.18 9.04
N CYS A 35 -2.33 8.96 9.42
CA CYS A 35 -2.38 7.85 8.47
C CYS A 35 -3.74 7.79 7.77
N GLU A 36 -3.75 8.23 6.51
CA GLU A 36 -4.98 8.23 5.72
C GLU A 36 -4.84 7.35 4.49
N CYS A 37 -3.68 7.42 3.84
CA CYS A 37 -3.41 6.63 2.64
C CYS A 37 -2.05 5.95 2.74
N LEU A 38 -2.00 4.69 2.35
CA LEU A 38 -0.75 3.92 2.38
C LEU A 38 -0.39 3.41 0.99
N SER A 39 0.90 3.32 0.71
CA SER A 39 1.39 2.84 -0.58
C SER A 39 2.07 1.49 -0.44
N CYS A 40 1.42 0.45 -0.94
CA CYS A 40 1.96 -0.91 -0.87
C CYS A 40 3.08 -1.09 -1.89
N ILE A 41 4.28 -0.66 -1.52
CA ILE A 41 5.44 -0.78 -2.40
C ILE A 41 5.46 -2.14 -3.11
N ASP A 42 5.11 -3.19 -2.37
CA ASP A 42 5.08 -4.53 -2.93
C ASP A 42 4.44 -4.53 -4.31
N CYS A 43 3.27 -3.92 -4.42
CA CYS A 43 2.55 -3.84 -5.68
C CYS A 43 2.42 -2.40 -6.15
N GLY A 44 1.96 -1.53 -5.27
CA GLY A 44 1.80 -0.12 -5.62
C GLY A 44 0.35 0.27 -5.79
N LYS A 45 -0.36 0.44 -4.67
CA LYS A 45 -1.76 0.82 -4.69
C LYS A 45 -2.10 1.74 -3.53
N ASP A 46 -2.80 2.83 -3.82
CA ASP A 46 -3.20 3.79 -2.79
C ASP A 46 -4.42 3.29 -2.03
N PHE A 47 -4.20 2.79 -0.82
CA PHE A 47 -5.27 2.29 0.01
C PHE A 47 -5.73 3.34 1.03
N TRP A 48 -6.88 3.95 0.76
CA TRP A 48 -7.42 4.98 1.64
C TRP A 48 -8.28 4.35 2.73
N GLY A 49 -8.60 5.15 3.76
CA GLY A 49 -9.40 4.66 4.85
C GLY A 49 -9.00 3.26 5.29
N ASP A 50 -9.99 2.39 5.47
CA ASP A 50 -9.74 1.02 5.89
C ASP A 50 -9.61 0.10 4.67
N ASP A 51 -8.89 0.56 3.66
CA ASP A 51 -8.68 -0.22 2.45
C ASP A 51 -7.49 -1.15 2.60
N TYR A 52 -6.43 -0.65 3.21
CA TYR A 52 -5.22 -1.44 3.41
C TYR A 52 -5.52 -2.71 4.19
N LYS A 53 -6.32 -2.57 5.24
CA LYS A 53 -6.69 -3.71 6.07
C LYS A 53 -7.21 -4.87 5.22
N SER A 54 -8.04 -4.54 4.24
CA SER A 54 -8.59 -5.56 3.35
C SER A 54 -7.64 -5.88 2.21
N HIS A 55 -6.36 -6.03 2.54
CA HIS A 55 -5.34 -6.33 1.55
C HIS A 55 -4.30 -7.31 2.11
N VAL A 56 -4.36 -8.55 1.66
CA VAL A 56 -3.43 -9.58 2.12
C VAL A 56 -2.58 -10.10 0.96
N LYS A 57 -3.20 -10.26 -0.19
CA LYS A 57 -2.50 -10.75 -1.37
C LYS A 57 -2.39 -9.66 -2.44
N CYS A 58 -1.21 -9.52 -3.01
CA CYS A 58 -0.97 -8.52 -4.04
C CYS A 58 -1.31 -9.07 -5.43
N ILE A 59 -0.76 -10.24 -5.75
CA ILE A 59 -1.02 -10.87 -7.04
C ILE A 59 -2.50 -11.09 -7.26
N SER A 60 -3.12 -10.21 -8.03
CA SER A 60 -4.55 -10.30 -8.32
C SER A 60 -4.82 -10.13 -9.81
N GLU A 61 -5.39 -11.15 -10.44
CA GLU A 61 -5.70 -11.10 -11.86
C GLU A 61 -6.96 -10.28 -12.11
N GLY A 62 -6.79 -8.96 -12.19
CA GLY A 62 -7.93 -8.09 -12.44
C GLY A 62 -7.64 -7.05 -13.49
N GLN A 63 -8.68 -6.60 -14.19
CA GLN A 63 -8.53 -5.60 -15.24
C GLN A 63 -9.72 -4.64 -15.24
N LYS A 64 -9.43 -3.35 -15.16
CA LYS A 64 -10.48 -2.33 -15.16
C LYS A 64 -10.17 -1.23 -16.16
N TYR A 65 -11.18 -0.80 -16.90
CA TYR A 65 -11.02 0.25 -17.90
C TYR A 65 -10.35 1.48 -17.29
N GLY A 66 -9.21 1.86 -17.85
CA GLY A 66 -8.49 3.02 -17.35
C GLY A 66 -9.16 4.33 -17.76
N GLY A 67 -8.43 5.44 -17.56
CA GLY A 67 -8.98 6.73 -17.91
C GLY A 67 -8.02 7.87 -17.59
N LYS A 68 -8.50 8.84 -16.84
CA LYS A 68 -7.67 9.99 -16.47
C LYS A 68 -7.85 10.33 -14.99
N GLY A 69 -6.80 10.85 -14.37
CA GLY A 69 -6.86 11.21 -12.97
C GLY A 69 -6.45 12.65 -12.71
N TYR A 70 -6.70 13.13 -11.50
CA TYR A 70 -6.35 14.49 -11.13
C TYR A 70 -4.87 14.76 -11.37
N GLU A 71 -4.57 15.69 -12.28
CA GLU A 71 -3.20 16.04 -12.58
C GLU A 71 -2.76 17.29 -11.83
N ALA A 72 -1.45 17.48 -11.71
CA ALA A 72 -0.91 18.63 -11.01
C ALA A 72 0.29 19.21 -11.75
N LYS A 73 0.33 20.53 -11.89
CA LYS A 73 1.42 21.21 -12.57
C LYS A 73 2.72 21.04 -11.82
N SER A 74 3.81 20.85 -12.55
CA SER A 74 5.13 20.68 -11.95
C SER A 74 5.70 22.02 -11.49
N GLY A 75 6.64 21.97 -10.56
CA GLY A 75 7.25 23.19 -10.05
C GLY A 75 8.76 23.10 -10.03
N PRO A 76 9.40 23.38 -11.18
CA PRO A 76 10.86 23.34 -11.31
C PRO A 76 11.54 24.47 -10.55
N SER A 77 12.86 24.52 -10.62
CA SER A 77 13.64 25.55 -9.94
C SER A 77 14.88 25.92 -10.74
N SER A 78 15.45 27.07 -10.43
CA SER A 78 16.64 27.55 -11.12
C SER A 78 17.81 27.70 -10.16
N GLY A 79 19.02 27.81 -10.70
CA GLY A 79 20.21 27.94 -9.87
C GLY A 79 21.46 28.17 -10.69
ZN ZN B . 3.43 7.74 9.50
ZN ZN C . 0.19 -5.08 -2.24
N GLY A 1 19.98 -11.91 8.85
CA GLY A 1 20.11 -12.36 7.47
C GLY A 1 19.01 -13.31 7.06
N SER A 2 19.08 -14.54 7.58
CA SER A 2 18.08 -15.55 7.25
C SER A 2 17.20 -15.85 8.46
N SER A 3 15.90 -15.69 8.29
CA SER A 3 14.94 -15.95 9.36
C SER A 3 14.20 -17.27 9.14
N GLY A 4 13.67 -17.43 7.94
CA GLY A 4 12.94 -18.65 7.61
C GLY A 4 11.88 -18.42 6.54
N SER A 5 12.28 -17.75 5.47
CA SER A 5 11.35 -17.46 4.37
C SER A 5 10.11 -16.74 4.88
N SER A 6 10.32 -15.78 5.78
CA SER A 6 9.21 -15.01 6.34
C SER A 6 8.85 -13.84 5.45
N GLY A 7 7.76 -14.00 4.69
CA GLY A 7 7.33 -12.94 3.79
C GLY A 7 6.04 -12.29 4.25
N MET A 8 5.99 -10.96 4.17
CA MET A 8 4.80 -10.22 4.59
C MET A 8 4.63 -8.97 3.73
N VAL A 9 3.45 -8.36 3.81
CA VAL A 9 3.15 -7.16 3.05
C VAL A 9 3.64 -5.90 3.78
N PHE A 10 4.09 -4.92 3.01
CA PHE A 10 4.59 -3.68 3.57
C PHE A 10 3.85 -2.47 2.99
N PHE A 11 4.13 -1.29 3.54
CA PHE A 11 3.49 -0.07 3.06
C PHE A 11 4.37 1.15 3.36
N THR A 12 4.29 2.15 2.48
CA THR A 12 5.08 3.36 2.64
C THR A 12 4.21 4.51 3.16
N CYS A 13 4.37 4.85 4.42
CA CYS A 13 3.60 5.93 5.03
C CYS A 13 3.83 7.24 4.29
N ASN A 14 2.78 7.77 3.68
CA ASN A 14 2.87 9.02 2.94
C ASN A 14 2.61 10.21 3.85
N ALA A 15 2.62 9.96 5.16
CA ALA A 15 2.40 11.03 6.14
C ALA A 15 3.72 11.55 6.70
N CYS A 16 4.63 10.64 7.01
CA CYS A 16 5.93 11.00 7.55
C CYS A 16 7.06 10.49 6.66
N GLY A 17 6.89 9.27 6.14
CA GLY A 17 7.90 8.70 5.28
C GLY A 17 8.72 7.64 5.98
N GLU A 18 8.07 6.54 6.38
CA GLU A 18 8.75 5.45 7.06
C GLU A 18 8.15 4.10 6.68
N SER A 19 8.98 3.06 6.72
CA SER A 19 8.53 1.72 6.36
C SER A 19 7.73 1.10 7.51
N VAL A 20 6.59 0.51 7.16
CA VAL A 20 5.72 -0.12 8.15
C VAL A 20 5.10 -1.40 7.61
N LYS A 21 5.28 -2.50 8.33
CA LYS A 21 4.73 -3.79 7.92
C LYS A 21 3.22 -3.79 8.00
N LYS A 22 2.59 -4.86 7.51
CA LYS A 22 1.14 -4.97 7.54
C LYS A 22 0.61 -4.96 8.97
N ILE A 23 1.16 -5.83 9.81
CA ILE A 23 0.76 -5.92 11.21
C ILE A 23 1.30 -4.74 12.01
N GLN A 24 2.29 -4.06 11.44
CA GLN A 24 2.88 -2.90 12.12
C GLN A 24 1.94 -1.70 12.10
N VAL A 25 1.13 -1.61 11.04
CA VAL A 25 0.19 -0.51 10.91
C VAL A 25 -0.41 -0.13 12.26
N GLU A 26 -1.25 -1.01 12.80
CA GLU A 26 -1.89 -0.75 14.09
C GLU A 26 -0.95 0.01 15.02
N LYS A 27 0.28 -0.47 15.14
CA LYS A 27 1.27 0.17 16.00
C LYS A 27 1.60 1.57 15.50
N HIS A 28 2.05 1.66 14.24
CA HIS A 28 2.41 2.94 13.65
C HIS A 28 1.26 3.94 13.81
N VAL A 29 0.10 3.60 13.26
CA VAL A 29 -1.06 4.47 13.35
C VAL A 29 -1.13 5.18 14.69
N SER A 30 -1.08 4.40 15.77
CA SER A 30 -1.14 4.96 17.12
C SER A 30 -0.18 6.14 17.25
N ASN A 31 1.05 5.96 16.79
CA ASN A 31 2.06 7.02 16.86
C ASN A 31 1.81 8.08 15.79
N CYS A 32 1.84 7.65 14.53
CA CYS A 32 1.62 8.56 13.41
C CYS A 32 0.14 8.89 13.25
N ARG A 33 -0.24 10.09 13.68
CA ARG A 33 -1.63 10.53 13.60
C ARG A 33 -1.98 10.94 12.16
N ASN A 34 -1.02 11.53 11.47
CA ASN A 34 -1.22 11.98 10.10
C ASN A 34 -1.36 10.79 9.15
N CYS A 35 -0.91 9.62 9.61
CA CYS A 35 -0.99 8.40 8.80
C CYS A 35 -2.45 8.05 8.52
N GLU A 36 -2.87 8.29 7.28
CA GLU A 36 -4.24 7.98 6.87
C GLU A 36 -4.26 6.99 5.70
N CYS A 37 -3.39 7.23 4.72
CA CYS A 37 -3.31 6.36 3.56
C CYS A 37 -2.00 5.57 3.57
N LEU A 38 -2.06 4.34 3.05
CA LEU A 38 -0.89 3.48 2.99
C LEU A 38 -0.71 2.87 1.60
N SER A 39 0.36 3.26 0.92
CA SER A 39 0.64 2.76 -0.42
C SER A 39 1.59 1.56 -0.37
N CYS A 40 1.04 0.37 -0.53
CA CYS A 40 1.84 -0.85 -0.49
C CYS A 40 3.03 -0.75 -1.43
N ILE A 41 4.15 -1.35 -1.03
CA ILE A 41 5.37 -1.32 -1.84
C ILE A 41 5.57 -2.65 -2.55
N ASP A 42 5.01 -3.71 -1.99
CA ASP A 42 5.14 -5.04 -2.57
C ASP A 42 4.67 -5.05 -4.03
N CYS A 43 3.55 -4.37 -4.28
CA CYS A 43 2.99 -4.29 -5.63
C CYS A 43 2.87 -2.84 -6.08
N GLY A 44 2.30 -2.01 -5.23
CA GLY A 44 2.13 -0.60 -5.56
C GLY A 44 0.68 -0.22 -5.75
N LYS A 45 -0.09 -0.29 -4.68
CA LYS A 45 -1.51 0.06 -4.73
C LYS A 45 -1.89 1.02 -3.60
N ASP A 46 -2.64 2.06 -3.95
CA ASP A 46 -3.07 3.05 -2.98
C ASP A 46 -4.24 2.54 -2.16
N PHE A 47 -4.18 2.71 -0.84
CA PHE A 47 -5.23 2.27 0.04
C PHE A 47 -5.58 3.35 1.07
N TRP A 48 -6.70 4.03 0.84
CA TRP A 48 -7.15 5.09 1.74
C TRP A 48 -7.95 4.53 2.89
N GLY A 49 -8.00 5.27 4.00
CA GLY A 49 -8.73 4.82 5.17
C GLY A 49 -8.43 3.38 5.53
N ASP A 50 -9.47 2.61 5.83
CA ASP A 50 -9.31 1.21 6.19
C ASP A 50 -9.28 0.33 4.95
N ASP A 51 -8.60 0.81 3.92
CA ASP A 51 -8.48 0.06 2.66
C ASP A 51 -7.42 -1.01 2.77
N TYR A 52 -6.25 -0.65 3.28
CA TYR A 52 -5.15 -1.59 3.43
C TYR A 52 -5.59 -2.82 4.22
N LYS A 53 -6.66 -2.66 5.00
CA LYS A 53 -7.18 -3.76 5.80
C LYS A 53 -7.61 -4.92 4.92
N SER A 54 -8.07 -4.60 3.71
CA SER A 54 -8.53 -5.62 2.77
C SER A 54 -7.38 -6.05 1.85
N HIS A 55 -6.16 -5.98 2.36
CA HIS A 55 -4.99 -6.37 1.59
C HIS A 55 -4.15 -7.39 2.35
N VAL A 56 -4.27 -8.66 1.96
CA VAL A 56 -3.51 -9.73 2.61
C VAL A 56 -2.62 -10.45 1.61
N LYS A 57 -2.78 -10.12 0.33
CA LYS A 57 -1.99 -10.74 -0.73
C LYS A 57 -1.84 -9.79 -1.91
N CYS A 58 -0.70 -9.88 -2.59
CA CYS A 58 -0.43 -9.04 -3.75
C CYS A 58 -0.43 -9.86 -5.04
N ILE A 59 -1.31 -10.85 -5.10
CA ILE A 59 -1.40 -11.71 -6.27
C ILE A 59 -1.90 -10.94 -7.49
N SER A 60 -1.09 -10.93 -8.54
CA SER A 60 -1.44 -10.22 -9.77
C SER A 60 -2.39 -11.05 -10.62
N GLU A 61 -3.69 -10.92 -10.36
CA GLU A 61 -4.70 -11.66 -11.10
C GLU A 61 -5.86 -10.75 -11.50
N GLY A 62 -6.11 -10.64 -12.80
CA GLY A 62 -7.19 -9.79 -13.28
C GLY A 62 -7.16 -8.41 -12.67
N GLN A 63 -5.99 -7.81 -12.61
CA GLN A 63 -5.83 -6.47 -12.04
C GLN A 63 -4.68 -5.72 -12.71
N LYS A 64 -4.69 -4.41 -12.58
CA LYS A 64 -3.65 -3.57 -13.18
C LYS A 64 -3.67 -3.66 -14.70
N TYR A 65 -4.86 -3.50 -15.27
CA TYR A 65 -5.01 -3.57 -16.72
C TYR A 65 -4.38 -2.35 -17.39
N GLY A 66 -3.14 -2.51 -17.85
CA GLY A 66 -2.45 -1.41 -18.50
C GLY A 66 -1.00 -1.76 -18.82
N GLY A 67 -0.08 -1.13 -18.11
CA GLY A 67 1.33 -1.39 -18.34
C GLY A 67 2.22 -0.27 -17.81
N LYS A 68 3.52 -0.54 -17.73
CA LYS A 68 4.47 0.44 -17.22
C LYS A 68 5.83 0.26 -17.89
N GLY A 69 6.25 1.29 -18.63
CA GLY A 69 7.54 1.24 -19.31
C GLY A 69 8.64 0.74 -18.42
N TYR A 70 9.31 1.67 -17.74
CA TYR A 70 10.41 1.33 -16.84
C TYR A 70 10.60 2.40 -15.77
N GLU A 71 11.37 2.08 -14.74
CA GLU A 71 11.63 3.01 -13.65
C GLU A 71 13.02 2.78 -13.06
N ALA A 72 13.91 3.73 -13.28
CA ALA A 72 15.28 3.64 -12.77
C ALA A 72 15.68 4.93 -12.06
N LYS A 73 16.10 4.78 -10.80
CA LYS A 73 16.52 5.93 -10.01
C LYS A 73 17.85 5.66 -9.31
N SER A 74 18.71 4.90 -9.97
CA SER A 74 20.01 4.56 -9.40
C SER A 74 20.89 5.80 -9.27
N GLY A 75 20.71 6.54 -8.19
CA GLY A 75 21.50 7.74 -7.97
C GLY A 75 22.16 7.75 -6.61
N PRO A 76 21.49 8.36 -5.62
CA PRO A 76 22.01 8.46 -4.25
C PRO A 76 22.02 7.11 -3.54
N SER A 77 23.14 6.40 -3.64
CA SER A 77 23.27 5.10 -3.01
C SER A 77 23.67 5.24 -1.54
N SER A 78 22.67 5.17 -0.67
CA SER A 78 22.90 5.30 0.77
C SER A 78 23.12 3.93 1.41
N GLY A 79 23.87 3.08 0.73
CA GLY A 79 24.13 1.75 1.24
C GLY A 79 25.61 1.36 1.13
ZN ZN B . 4.03 7.91 9.40
ZN ZN C . 0.53 -5.08 -2.34
N GLY A 1 13.03 -13.61 14.97
CA GLY A 1 14.45 -13.56 14.68
C GLY A 1 14.73 -13.08 13.26
N SER A 2 15.18 -13.99 12.41
CA SER A 2 15.50 -13.65 11.03
C SER A 2 14.38 -14.12 10.09
N SER A 3 14.09 -15.42 10.14
CA SER A 3 13.05 -15.99 9.29
C SER A 3 11.68 -15.38 9.61
N GLY A 4 10.72 -15.58 8.71
CA GLY A 4 9.39 -15.05 8.92
C GLY A 4 8.39 -15.59 7.92
N SER A 5 7.45 -14.76 7.49
CA SER A 5 6.43 -15.17 6.54
C SER A 5 7.01 -15.32 5.14
N SER A 6 6.22 -15.88 4.23
CA SER A 6 6.66 -16.08 2.85
C SER A 6 6.40 -14.84 2.01
N GLY A 7 5.13 -14.46 1.89
CA GLY A 7 4.78 -13.29 1.11
C GLY A 7 4.01 -12.26 1.92
N MET A 8 4.72 -11.52 2.77
CA MET A 8 4.09 -10.50 3.60
C MET A 8 4.00 -9.18 2.86
N VAL A 9 2.82 -8.56 2.89
CA VAL A 9 2.60 -7.28 2.22
C VAL A 9 3.07 -6.12 3.08
N PHE A 10 3.68 -5.12 2.44
CA PHE A 10 4.18 -3.95 3.15
C PHE A 10 3.48 -2.69 2.68
N PHE A 11 3.91 -1.55 3.21
CA PHE A 11 3.32 -0.27 2.85
C PHE A 11 4.24 0.89 3.23
N THR A 12 4.05 2.03 2.58
CA THR A 12 4.86 3.21 2.87
C THR A 12 4.00 4.36 3.40
N CYS A 13 4.36 4.85 4.58
CA CYS A 13 3.63 5.94 5.21
C CYS A 13 3.95 7.26 4.53
N ASN A 14 2.94 7.86 3.89
CA ASN A 14 3.12 9.13 3.21
C ASN A 14 2.94 10.30 4.17
N ALA A 15 3.11 10.02 5.46
CA ALA A 15 2.97 11.06 6.48
C ALA A 15 4.33 11.45 7.04
N CYS A 16 5.14 10.45 7.37
CA CYS A 16 6.47 10.70 7.93
C CYS A 16 7.55 10.19 6.97
N GLY A 17 7.33 9.00 6.43
CA GLY A 17 8.30 8.41 5.51
C GLY A 17 9.12 7.32 6.16
N GLU A 18 8.46 6.25 6.57
CA GLU A 18 9.13 5.12 7.21
C GLU A 18 8.51 3.79 6.79
N SER A 19 9.30 2.73 6.85
CA SER A 19 8.83 1.40 6.47
C SER A 19 7.99 0.79 7.59
N VAL A 20 6.82 0.27 7.23
CA VAL A 20 5.93 -0.35 8.20
C VAL A 20 5.32 -1.63 7.65
N LYS A 21 5.15 -2.62 8.52
CA LYS A 21 4.57 -3.91 8.12
C LYS A 21 3.06 -3.89 8.28
N LYS A 22 2.38 -4.68 7.44
CA LYS A 22 0.92 -4.77 7.49
C LYS A 22 0.45 -5.18 8.88
N ILE A 23 1.21 -6.04 9.53
CA ILE A 23 0.87 -6.51 10.87
C ILE A 23 1.34 -5.52 11.93
N GLN A 24 2.22 -4.61 11.54
CA GLN A 24 2.75 -3.61 12.46
C GLN A 24 2.26 -2.21 12.08
N VAL A 25 1.04 -2.14 11.55
CA VAL A 25 0.45 -0.87 11.15
C VAL A 25 -0.24 -0.19 12.32
N GLU A 26 -1.17 -0.89 12.94
CA GLU A 26 -1.91 -0.36 14.08
C GLU A 26 -1.00 0.50 14.97
N LYS A 27 0.11 -0.10 15.40
CA LYS A 27 1.06 0.60 16.25
C LYS A 27 1.55 1.87 15.59
N HIS A 28 1.91 1.77 14.31
CA HIS A 28 2.39 2.93 13.56
C HIS A 28 1.36 4.03 13.53
N VAL A 29 0.21 3.76 12.91
CA VAL A 29 -0.87 4.74 12.82
C VAL A 29 -1.14 5.38 14.17
N SER A 30 -1.15 4.57 15.22
CA SER A 30 -1.40 5.06 16.57
C SER A 30 -0.59 6.32 16.84
N ASN A 31 0.73 6.23 16.65
CA ASN A 31 1.62 7.36 16.88
C ASN A 31 1.53 8.37 15.75
N CYS A 32 1.75 7.90 14.52
CA CYS A 32 1.68 8.77 13.36
C CYS A 32 0.26 9.26 13.12
N ARG A 33 -0.04 10.44 13.66
CA ARG A 33 -1.37 11.04 13.50
C ARG A 33 -1.64 11.40 12.05
N ASN A 34 -0.61 11.88 11.37
CA ASN A 34 -0.73 12.27 9.96
C ASN A 34 -0.94 11.04 9.07
N CYS A 35 -0.53 9.88 9.57
CA CYS A 35 -0.67 8.64 8.83
C CYS A 35 -2.14 8.28 8.63
N GLU A 36 -2.62 8.44 7.40
CA GLU A 36 -4.01 8.14 7.08
C GLU A 36 -4.11 7.24 5.85
N CYS A 37 -3.25 7.51 4.87
CA CYS A 37 -3.24 6.73 3.64
C CYS A 37 -1.95 5.91 3.53
N LEU A 38 -2.09 4.65 3.13
CA LEU A 38 -0.94 3.76 2.99
C LEU A 38 -0.89 3.17 1.58
N SER A 39 0.26 3.31 0.93
CA SER A 39 0.45 2.80 -0.42
C SER A 39 1.42 1.63 -0.43
N CYS A 40 0.95 0.48 -0.87
CA CYS A 40 1.78 -0.73 -0.93
C CYS A 40 3.06 -0.46 -1.72
N ILE A 41 4.09 -1.24 -1.44
CA ILE A 41 5.37 -1.10 -2.13
C ILE A 41 5.70 -2.35 -2.94
N ASP A 42 5.24 -3.50 -2.46
CA ASP A 42 5.47 -4.77 -3.13
C ASP A 42 4.94 -4.73 -4.56
N CYS A 43 3.81 -4.07 -4.75
CA CYS A 43 3.19 -3.96 -6.07
C CYS A 43 2.80 -2.52 -6.36
N GLY A 44 2.21 -1.84 -5.37
CA GLY A 44 1.81 -0.46 -5.56
C GLY A 44 0.30 -0.30 -5.66
N LYS A 45 -0.32 0.19 -4.60
CA LYS A 45 -1.76 0.39 -4.58
C LYS A 45 -2.15 1.34 -3.46
N ASP A 46 -2.90 2.40 -3.81
CA ASP A 46 -3.34 3.39 -2.84
C ASP A 46 -4.42 2.79 -1.93
N PHE A 47 -4.22 2.93 -0.63
CA PHE A 47 -5.18 2.41 0.35
C PHE A 47 -5.47 3.45 1.43
N TRP A 48 -6.66 4.04 1.37
CA TRP A 48 -7.06 5.05 2.34
C TRP A 48 -7.80 4.42 3.51
N GLY A 49 -7.93 5.17 4.60
CA GLY A 49 -8.62 4.66 5.77
C GLY A 49 -8.25 3.23 6.08
N ASP A 50 -9.26 2.40 6.36
CA ASP A 50 -9.05 1.00 6.68
C ASP A 50 -9.19 0.14 5.43
N ASP A 51 -8.60 0.59 4.33
CA ASP A 51 -8.65 -0.14 3.07
C ASP A 51 -7.47 -1.10 2.94
N TYR A 52 -6.28 -0.62 3.29
CA TYR A 52 -5.08 -1.43 3.21
C TYR A 52 -5.32 -2.83 3.76
N LYS A 53 -5.96 -2.90 4.93
CA LYS A 53 -6.26 -4.17 5.56
C LYS A 53 -6.68 -5.21 4.53
N SER A 54 -7.76 -4.91 3.82
CA SER A 54 -8.28 -5.83 2.80
C SER A 54 -7.15 -6.33 1.91
N HIS A 55 -6.20 -5.45 1.60
CA HIS A 55 -5.07 -5.82 0.76
C HIS A 55 -4.24 -6.92 1.40
N VAL A 56 -4.37 -8.13 0.88
CA VAL A 56 -3.63 -9.28 1.41
C VAL A 56 -2.72 -9.89 0.34
N LYS A 57 -3.27 -10.04 -0.86
CA LYS A 57 -2.51 -10.61 -1.97
C LYS A 57 -2.24 -9.55 -3.05
N CYS A 58 -0.98 -9.23 -3.25
CA CYS A 58 -0.58 -8.23 -4.24
C CYS A 58 -1.12 -8.61 -5.62
N ILE A 59 -0.98 -9.88 -5.98
CA ILE A 59 -1.45 -10.36 -7.28
C ILE A 59 -2.91 -10.81 -7.19
N SER A 60 -3.78 -10.09 -7.88
CA SER A 60 -5.20 -10.41 -7.88
C SER A 60 -5.92 -9.71 -9.05
N GLU A 61 -7.22 -9.92 -9.13
CA GLU A 61 -8.02 -9.32 -10.20
C GLU A 61 -8.89 -8.18 -9.65
N GLY A 62 -8.66 -6.98 -10.16
CA GLY A 62 -9.43 -5.83 -9.72
C GLY A 62 -8.68 -4.52 -9.93
N GLN A 63 -9.16 -3.71 -10.87
CA GLN A 63 -8.54 -2.43 -11.17
C GLN A 63 -9.34 -1.28 -10.57
N LYS A 64 -8.65 -0.41 -9.85
CA LYS A 64 -9.29 0.74 -9.21
C LYS A 64 -8.58 2.04 -9.58
N TYR A 65 -9.36 3.07 -9.89
CA TYR A 65 -8.80 4.36 -10.27
C TYR A 65 -7.96 4.94 -9.13
N GLY A 66 -8.57 5.09 -7.97
CA GLY A 66 -7.85 5.62 -6.82
C GLY A 66 -8.72 6.55 -5.99
N GLY A 67 -8.59 7.86 -6.22
CA GLY A 67 -9.36 8.83 -5.48
C GLY A 67 -8.85 10.24 -5.66
N LYS A 68 -8.98 11.06 -4.61
CA LYS A 68 -8.52 12.44 -4.66
C LYS A 68 -7.12 12.56 -4.06
N GLY A 69 -6.52 13.73 -4.24
CA GLY A 69 -5.19 13.97 -3.72
C GLY A 69 -4.40 14.97 -4.54
N TYR A 70 -3.07 14.88 -4.47
CA TYR A 70 -2.21 15.78 -5.22
C TYR A 70 -2.79 16.08 -6.59
N GLU A 71 -2.82 17.37 -6.95
CA GLU A 71 -3.34 17.79 -8.24
C GLU A 71 -2.34 17.51 -9.36
N ALA A 72 -2.86 17.09 -10.52
CA ALA A 72 -2.00 16.79 -11.66
C ALA A 72 -2.56 17.43 -12.93
N LYS A 73 -1.79 17.33 -14.02
CA LYS A 73 -2.21 17.89 -15.30
C LYS A 73 -3.70 17.66 -15.54
N SER A 74 -4.34 18.62 -16.18
CA SER A 74 -5.77 18.53 -16.47
C SER A 74 -6.12 19.31 -17.73
N GLY A 75 -7.35 19.13 -18.21
CA GLY A 75 -7.80 19.83 -19.40
C GLY A 75 -7.72 21.34 -19.25
N PRO A 76 -8.55 22.05 -20.04
CA PRO A 76 -8.59 23.52 -20.00
C PRO A 76 -9.21 24.06 -18.71
N SER A 77 -9.26 25.38 -18.59
CA SER A 77 -9.82 26.01 -17.40
C SER A 77 -10.86 27.06 -17.79
N SER A 78 -11.51 27.64 -16.78
CA SER A 78 -12.53 28.66 -17.01
C SER A 78 -12.05 30.02 -16.51
N GLY A 79 -12.87 31.04 -16.73
CA GLY A 79 -12.52 32.38 -16.30
C GLY A 79 -13.41 32.88 -15.18
ZN ZN B . 4.26 7.58 9.62
ZN ZN C . 0.73 -5.05 -2.89
N GLY A 1 17.54 -14.06 9.14
CA GLY A 1 16.32 -13.27 9.11
C GLY A 1 15.31 -13.80 8.11
N SER A 2 14.73 -12.89 7.34
CA SER A 2 13.73 -13.27 6.34
C SER A 2 14.32 -13.17 4.93
N SER A 3 14.74 -14.31 4.39
CA SER A 3 15.33 -14.34 3.05
C SER A 3 15.10 -15.70 2.40
N GLY A 4 14.77 -15.69 1.12
CA GLY A 4 14.54 -16.93 0.40
C GLY A 4 13.26 -16.89 -0.41
N SER A 5 13.02 -15.78 -1.11
CA SER A 5 11.83 -15.62 -1.92
C SER A 5 10.57 -15.76 -1.08
N SER A 6 10.60 -15.20 0.13
CA SER A 6 9.47 -15.27 1.04
C SER A 6 9.53 -14.16 2.08
N GLY A 7 8.40 -13.51 2.32
CA GLY A 7 8.35 -12.44 3.30
C GLY A 7 6.93 -12.07 3.69
N MET A 8 6.68 -10.77 3.81
CA MET A 8 5.35 -10.29 4.18
C MET A 8 5.07 -8.92 3.56
N VAL A 9 3.88 -8.76 3.00
CA VAL A 9 3.49 -7.51 2.37
C VAL A 9 3.95 -6.31 3.20
N PHE A 10 4.32 -5.24 2.52
CA PHE A 10 4.78 -4.03 3.20
C PHE A 10 4.06 -2.80 2.66
N PHE A 11 4.25 -1.66 3.33
CA PHE A 11 3.63 -0.41 2.92
C PHE A 11 4.51 0.78 3.26
N THR A 12 4.32 1.87 2.53
CA THR A 12 5.09 3.08 2.75
C THR A 12 4.20 4.26 3.12
N CYS A 13 4.09 4.54 4.42
CA CYS A 13 3.26 5.64 4.89
C CYS A 13 3.47 6.89 4.04
N ASN A 14 2.43 7.71 3.93
CA ASN A 14 2.49 8.93 3.15
C ASN A 14 2.67 10.14 4.05
N ALA A 15 2.35 9.98 5.33
CA ALA A 15 2.47 11.06 6.30
C ALA A 15 3.93 11.31 6.66
N CYS A 16 4.61 10.25 7.12
CA CYS A 16 6.01 10.36 7.50
C CYS A 16 6.92 9.78 6.42
N GLY A 17 6.50 8.67 5.83
CA GLY A 17 7.28 8.05 4.78
C GLY A 17 8.20 6.96 5.31
N GLU A 18 7.74 6.26 6.35
CA GLU A 18 8.54 5.20 6.95
C GLU A 18 7.99 3.83 6.56
N SER A 19 8.87 2.84 6.48
CA SER A 19 8.47 1.47 6.12
C SER A 19 7.81 0.76 7.29
N VAL A 20 6.52 0.53 7.18
CA VAL A 20 5.77 -0.15 8.23
C VAL A 20 5.22 -1.48 7.75
N LYS A 21 5.30 -2.49 8.61
CA LYS A 21 4.82 -3.83 8.27
C LYS A 21 3.29 -3.89 8.32
N LYS A 22 2.70 -4.67 7.43
CA LYS A 22 1.26 -4.82 7.38
C LYS A 22 0.66 -4.92 8.79
N ILE A 23 1.30 -5.73 9.63
CA ILE A 23 0.83 -5.92 11.00
C ILE A 23 1.24 -4.74 11.88
N GLN A 24 2.41 -4.19 11.61
CA GLN A 24 2.92 -3.05 12.37
C GLN A 24 1.98 -1.86 12.25
N VAL A 25 1.49 -1.61 11.04
CA VAL A 25 0.58 -0.50 10.80
C VAL A 25 -0.31 -0.24 12.01
N GLU A 26 -0.95 -1.29 12.50
CA GLU A 26 -1.84 -1.18 13.65
C GLU A 26 -1.29 -0.19 14.66
N LYS A 27 -0.06 -0.43 15.11
CA LYS A 27 0.58 0.44 16.08
C LYS A 27 1.01 1.76 15.44
N HIS A 28 1.83 1.65 14.39
CA HIS A 28 2.31 2.84 13.68
C HIS A 28 1.23 3.91 13.64
N VAL A 29 0.00 3.50 13.41
CA VAL A 29 -1.12 4.44 13.34
C VAL A 29 -1.25 5.23 14.64
N SER A 30 -1.28 4.52 15.76
CA SER A 30 -1.40 5.16 17.08
C SER A 30 -0.46 6.35 17.19
N ASN A 31 0.76 6.18 16.69
CA ASN A 31 1.76 7.25 16.75
C ASN A 31 1.52 8.25 15.62
N CYS A 32 1.57 7.78 14.38
CA CYS A 32 1.37 8.64 13.23
C CYS A 32 -0.10 9.05 13.10
N ARG A 33 -0.47 10.12 13.81
CA ARG A 33 -1.84 10.61 13.77
C ARG A 33 -2.21 11.13 12.38
N ASN A 34 -1.19 11.52 11.62
CA ASN A 34 -1.41 12.04 10.27
C ASN A 34 -1.57 10.89 9.27
N CYS A 35 -1.06 9.72 9.64
CA CYS A 35 -1.16 8.55 8.77
C CYS A 35 -2.61 8.20 8.48
N GLU A 36 -2.99 8.30 7.20
CA GLU A 36 -4.35 8.00 6.79
C GLU A 36 -4.36 7.09 5.57
N CYS A 37 -3.38 7.27 4.69
CA CYS A 37 -3.27 6.47 3.48
C CYS A 37 -1.97 5.66 3.47
N LEU A 38 -2.05 4.42 2.99
CA LEU A 38 -0.88 3.55 2.93
C LEU A 38 -0.64 3.07 1.51
N SER A 39 0.55 3.32 0.99
CA SER A 39 0.91 2.92 -0.36
C SER A 39 1.78 1.67 -0.33
N CYS A 40 1.27 0.59 -0.92
CA CYS A 40 1.99 -0.68 -0.97
C CYS A 40 3.24 -0.55 -1.84
N ILE A 41 4.25 -1.35 -1.51
CA ILE A 41 5.51 -1.33 -2.27
C ILE A 41 5.75 -2.67 -2.95
N ASP A 42 5.04 -3.70 -2.51
CA ASP A 42 5.17 -5.03 -3.07
C ASP A 42 4.54 -5.11 -4.46
N CYS A 43 3.39 -4.46 -4.61
CA CYS A 43 2.67 -4.45 -5.89
C CYS A 43 2.44 -3.02 -6.36
N GLY A 44 2.01 -2.15 -5.43
CA GLY A 44 1.75 -0.77 -5.79
C GLY A 44 0.27 -0.46 -5.86
N LYS A 45 -0.24 0.23 -4.85
CA LYS A 45 -1.64 0.59 -4.81
C LYS A 45 -1.91 1.63 -3.71
N ASP A 46 -2.94 2.44 -3.91
CA ASP A 46 -3.29 3.47 -2.94
C ASP A 46 -4.44 3.01 -2.04
N PHE A 47 -4.19 3.02 -0.73
CA PHE A 47 -5.20 2.58 0.24
C PHE A 47 -5.53 3.72 1.21
N TRP A 48 -6.76 4.20 1.14
CA TRP A 48 -7.21 5.29 2.02
C TRP A 48 -8.09 4.74 3.14
N GLY A 49 -8.20 5.51 4.22
CA GLY A 49 -9.01 5.10 5.35
C GLY A 49 -8.58 3.77 5.91
N ASP A 50 -9.47 2.78 5.84
CA ASP A 50 -9.18 1.44 6.36
C ASP A 50 -9.28 0.39 5.25
N ASP A 51 -8.91 0.79 4.04
CA ASP A 51 -8.97 -0.12 2.89
C ASP A 51 -7.75 -1.02 2.85
N TYR A 52 -6.62 -0.51 3.33
CA TYR A 52 -5.38 -1.28 3.35
C TYR A 52 -5.57 -2.62 4.05
N LYS A 53 -6.10 -2.57 5.28
CA LYS A 53 -6.33 -3.76 6.06
C LYS A 53 -6.81 -4.91 5.17
N SER A 54 -7.84 -4.64 4.37
CA SER A 54 -8.39 -5.64 3.48
C SER A 54 -7.30 -6.26 2.60
N HIS A 55 -6.38 -5.41 2.14
CA HIS A 55 -5.29 -5.87 1.29
C HIS A 55 -4.33 -6.77 2.07
N VAL A 56 -4.47 -8.08 1.89
CA VAL A 56 -3.63 -9.04 2.58
C VAL A 56 -2.54 -9.59 1.65
N LYS A 57 -2.95 -10.13 0.51
CA LYS A 57 -2.02 -10.68 -0.46
C LYS A 57 -1.88 -9.76 -1.66
N CYS A 58 -0.76 -9.86 -2.35
CA CYS A 58 -0.50 -9.04 -3.53
C CYS A 58 -0.64 -9.85 -4.81
N ILE A 59 -1.64 -9.51 -5.62
CA ILE A 59 -1.88 -10.21 -6.87
C ILE A 59 -1.32 -9.43 -8.06
N SER A 60 -0.22 -9.92 -8.62
CA SER A 60 0.41 -9.26 -9.76
C SER A 60 0.53 -10.22 -10.93
N GLU A 61 -0.52 -10.29 -11.75
CA GLU A 61 -0.54 -11.17 -12.91
C GLU A 61 -1.67 -10.80 -13.86
N GLY A 62 -1.32 -10.64 -15.14
CA GLY A 62 -2.32 -10.27 -16.14
C GLY A 62 -2.95 -8.92 -15.86
N GLN A 63 -2.48 -7.89 -16.56
CA GLN A 63 -3.00 -6.55 -16.39
C GLN A 63 -2.99 -5.78 -17.70
N LYS A 64 -3.73 -4.69 -17.76
CA LYS A 64 -3.81 -3.86 -18.96
C LYS A 64 -3.20 -2.49 -18.71
N TYR A 65 -2.28 -2.09 -19.60
CA TYR A 65 -1.62 -0.80 -19.48
C TYR A 65 -2.31 0.25 -20.34
N GLY A 66 -2.55 1.43 -19.77
CA GLY A 66 -3.20 2.50 -20.50
C GLY A 66 -3.77 3.56 -19.58
N GLY A 67 -4.02 4.74 -20.13
CA GLY A 67 -4.57 5.83 -19.34
C GLY A 67 -3.53 6.84 -18.94
N LYS A 68 -3.95 8.09 -18.78
CA LYS A 68 -3.04 9.16 -18.39
C LYS A 68 -3.30 9.61 -16.95
N GLY A 69 -2.43 10.49 -16.45
CA GLY A 69 -2.59 10.97 -15.09
C GLY A 69 -2.25 12.44 -14.96
N TYR A 70 -2.67 13.06 -13.86
CA TYR A 70 -2.42 14.47 -13.61
C TYR A 70 -2.61 14.82 -12.14
N GLU A 71 -1.61 15.48 -11.57
CA GLU A 71 -1.66 15.88 -10.17
C GLU A 71 -0.47 16.77 -9.81
N ALA A 72 -0.75 17.97 -9.33
CA ALA A 72 0.28 18.91 -8.95
C ALA A 72 -0.29 20.07 -8.15
N LYS A 73 0.17 20.22 -6.91
CA LYS A 73 -0.31 21.28 -6.04
C LYS A 73 0.72 21.60 -4.95
N SER A 74 0.97 22.88 -4.74
CA SER A 74 1.94 23.31 -3.73
C SER A 74 1.28 23.41 -2.36
N GLY A 75 2.04 23.11 -1.31
CA GLY A 75 1.52 23.18 0.03
C GLY A 75 2.61 23.23 1.09
N PRO A 76 2.22 23.42 2.35
CA PRO A 76 3.16 23.50 3.47
C PRO A 76 3.82 22.16 3.77
N SER A 77 4.86 22.18 4.60
CA SER A 77 5.57 20.97 4.97
C SER A 77 5.31 20.59 6.42
N SER A 78 5.59 21.53 7.33
CA SER A 78 5.39 21.31 8.75
C SER A 78 4.08 21.93 9.22
N GLY A 79 3.97 23.25 9.07
CA GLY A 79 2.76 23.94 9.49
C GLY A 79 2.41 23.68 10.93
ZN ZN B . 3.49 7.53 9.19
ZN ZN C . 0.50 -5.14 -2.34
#